data_6NIU
#
_entry.id   6NIU
#
_cell.length_a   113.530
_cell.length_b   137.260
_cell.length_c   136.790
_cell.angle_alpha   80.120
_cell.angle_beta   65.740
_cell.angle_gamma   65.750
#
_symmetry.space_group_name_H-M   'P 1'
#
loop_
_entity.id
_entity.type
_entity.pdbx_description
1 polymer 'Human MZ4 Fab heavy chain'
2 polymer 'Human MZ4 Fab light chain'
3 polymer 'Envelope protein E'
#
loop_
_entity_poly.entity_id
_entity_poly.type
_entity_poly.pdbx_seq_one_letter_code
_entity_poly.pdbx_strand_id
1 'polypeptide(L)'
;QVHLQESGPGLVRPSETLSLTCTVSDGSISSYYWSWIRQPPGKGLEWIGSIYYTGSTNYNPSLKSRVTMSVDTSKNQFSL
RLNSVTAADTAMYYCAGLDRYSWNEGGDHWGQGILVSVSS
;
H,F,I,M
2 'polypeptide(L)'
;QPVLTQPPSASGTPGQRVSISCSGSRSNLGKNTVNWYQQLPGTAPKLLIYNHSRRPSGVPERFSGSKSGTSASLAISGLQ
SEDEADYFCAAWDDSLNGLYVFGTGTKVTVL
;
L,G,J,N
3 'polypeptide(L)'
;IRCIGVSNRDFVEGMSGGTWVDVVLEHGGCVTVMAQDKPTVDIELVTTTVSNMAEVRSYCYEASISDMASDSRCPTQGEA
YLDKQSDTQYVCKRTLVDRGWGNGCGLFGKGSLVTCAKFACSKKMTGKSIQPENLEYRIMLSVHGSQHSGMIVNDTGHET
DENRAKVEITPNSPRAEATLGGFGSLGLDCEPRTGLDFSDLYYLTMNNKHWLVHKEWFHDIPLPWHAGADTGTPHWNNKE
ALVEFKDAHAKRQTVVVLGSQEGAVHTALAGALEAEMDGAKGRLSSGHLKCRLKMDKLRLKGVSYSLCTAAFTFTKIPAE
TLHGTVTVEVQYAGTDGPCKVPAQMAVDMQTLTPVGRLITANPVITESTENSKMMLELDPPFGDSYIVIGVGEKKITHHW
HRSGSGPLEVLFQGPGSAWSHPQFEKGGGSGGGSGGGSAWSHPQFEK
;
B,A,Z,E
#
# COMPACT_ATOMS: atom_id res chain seq x y z
N GLN A 1 -21.67 -28.32 3.63
CA GLN A 1 -20.46 -29.14 3.70
C GLN A 1 -19.41 -28.47 4.58
N VAL A 2 -19.59 -27.17 4.83
CA VAL A 2 -18.71 -26.42 5.70
C VAL A 2 -18.81 -26.95 7.13
N HIS A 3 -17.69 -26.96 7.84
CA HIS A 3 -17.62 -27.50 9.18
C HIS A 3 -16.73 -26.59 10.01
N LEU A 4 -17.21 -26.19 11.18
CA LEU A 4 -16.46 -25.30 12.07
C LEU A 4 -16.09 -26.02 13.36
N GLN A 5 -14.89 -25.73 13.83
CA GLN A 5 -14.35 -26.35 15.04
C GLN A 5 -13.50 -25.33 15.77
N GLU A 6 -13.80 -25.11 17.05
CA GLU A 6 -12.99 -24.21 17.85
C GLU A 6 -11.69 -24.88 18.24
N SER A 7 -10.74 -24.07 18.70
CA SER A 7 -9.44 -24.58 19.08
C SER A 7 -8.75 -23.57 19.99
N GLY A 8 -8.31 -24.01 21.16
CA GLY A 8 -7.67 -23.15 22.12
C GLY A 8 -7.68 -23.69 23.54
N PRO A 9 -6.95 -23.02 24.44
CA PRO A 9 -6.85 -23.46 25.84
C PRO A 9 -8.19 -23.35 26.55
N GLY A 10 -8.69 -24.47 27.03
CA GLY A 10 -9.92 -24.48 27.82
C GLY A 10 -9.78 -23.93 29.22
N LEU A 11 -8.55 -23.64 29.65
CA LEU A 11 -8.29 -23.08 30.96
C LEU A 11 -7.13 -22.10 30.87
N VAL A 12 -7.28 -20.95 31.53
CA VAL A 12 -6.29 -19.89 31.50
C VAL A 12 -6.14 -19.32 32.89
N ARG A 13 -4.98 -18.67 33.13
CA ARG A 13 -4.73 -17.95 34.37
C ARG A 13 -5.33 -16.55 34.27
N PRO A 14 -5.77 -15.98 35.39
CA PRO A 14 -6.37 -14.65 35.34
C PRO A 14 -5.34 -13.58 34.97
N SER A 15 -5.85 -12.48 34.43
CA SER A 15 -5.07 -11.34 33.97
C SER A 15 -4.12 -11.69 32.82
N GLU A 16 -4.23 -12.89 32.26
CA GLU A 16 -3.37 -13.35 31.18
C GLU A 16 -4.02 -13.08 29.82
N THR A 17 -3.39 -13.56 28.76
CA THR A 17 -3.93 -13.41 27.41
C THR A 17 -4.67 -14.69 27.04
N LEU A 18 -5.95 -14.53 26.71
CA LEU A 18 -6.82 -15.64 26.30
C LEU A 18 -6.76 -15.73 24.77
N SER A 19 -6.00 -16.69 24.26
CA SER A 19 -5.77 -16.85 22.83
C SER A 19 -6.65 -17.98 22.29
N LEU A 20 -7.33 -17.72 21.18
CA LEU A 20 -8.26 -18.68 20.61
C LEU A 20 -8.13 -18.69 19.09
N THR A 21 -8.13 -19.89 18.51
CA THR A 21 -8.08 -20.07 17.07
C THR A 21 -9.34 -20.81 16.62
N CYS A 22 -9.60 -20.77 15.32
CA CYS A 22 -10.81 -21.40 14.77
C CYS A 22 -10.53 -21.81 13.34
N THR A 23 -10.63 -23.11 13.07
CA THR A 23 -10.35 -23.67 11.76
C THR A 23 -11.65 -23.87 10.99
N VAL A 24 -11.63 -23.51 9.70
CA VAL A 24 -12.75 -23.73 8.79
C VAL A 24 -12.33 -24.83 7.82
N SER A 25 -13.15 -25.88 7.70
CA SER A 25 -12.80 -27.04 6.90
C SER A 25 -13.82 -27.24 5.79
N ASP A 26 -13.33 -27.72 4.64
CA ASP A 26 -14.14 -27.94 3.44
C ASP A 26 -14.89 -26.66 3.05
N GLY A 27 -14.31 -25.52 3.34
CA GLY A 27 -15.00 -24.25 3.13
C GLY A 27 -14.01 -23.14 2.84
N SER A 28 -14.48 -22.15 2.09
CA SER A 28 -13.68 -20.95 1.82
C SER A 28 -13.73 -19.97 2.98
N ILE A 29 -12.57 -19.42 3.32
CA ILE A 29 -12.47 -18.42 4.37
C ILE A 29 -12.91 -17.03 3.92
N SER A 30 -13.03 -16.81 2.61
CA SER A 30 -13.41 -15.51 2.07
C SER A 30 -14.91 -15.36 1.85
N SER A 31 -15.71 -16.38 2.17
CA SER A 31 -17.14 -16.37 1.87
C SER A 31 -18.00 -15.99 3.06
N TYR A 32 -17.40 -15.62 4.19
CA TYR A 32 -18.18 -15.33 5.39
C TYR A 32 -17.54 -14.22 6.18
N TYR A 33 -18.35 -13.63 7.07
CA TYR A 33 -17.89 -12.64 8.04
C TYR A 33 -17.68 -13.39 9.35
N TRP A 34 -16.49 -13.96 9.52
CA TRP A 34 -16.23 -14.88 10.62
C TRP A 34 -16.23 -14.13 11.95
N SER A 35 -16.95 -14.68 12.93
CA SER A 35 -17.22 -13.98 14.18
C SER A 35 -17.07 -14.93 15.35
N TRP A 36 -17.16 -14.38 16.56
CA TRP A 36 -17.08 -15.12 17.81
C TRP A 36 -18.22 -14.72 18.73
N ILE A 37 -18.77 -15.70 19.45
CA ILE A 37 -19.83 -15.46 20.41
C ILE A 37 -19.44 -16.08 21.74
N ARG A 38 -19.95 -15.51 22.83
CA ARG A 38 -19.71 -16.04 24.16
C ARG A 38 -21.00 -15.98 24.96
N GLN A 39 -21.07 -16.79 26.01
CA GLN A 39 -22.23 -16.81 26.90
C GLN A 39 -21.80 -17.10 28.33
N PRO A 40 -21.89 -16.10 29.22
CA PRO A 40 -21.72 -16.39 30.64
C PRO A 40 -22.87 -17.24 31.14
N PRO A 41 -22.58 -18.26 31.95
CA PRO A 41 -23.66 -19.15 32.41
C PRO A 41 -24.67 -18.38 33.25
N GLY A 42 -25.91 -18.35 32.79
CA GLY A 42 -26.96 -17.62 33.47
C GLY A 42 -27.42 -16.41 32.67
N LYS A 43 -26.46 -15.70 32.08
CA LYS A 43 -26.79 -14.60 31.19
C LYS A 43 -26.99 -15.11 29.78
N GLY A 44 -27.27 -14.17 28.87
CA GLY A 44 -27.50 -14.50 27.47
C GLY A 44 -26.21 -14.58 26.68
N LEU A 45 -26.36 -14.79 25.38
CA LEU A 45 -25.20 -14.87 24.50
C LEU A 45 -24.62 -13.49 24.28
N GLU A 46 -23.29 -13.44 24.14
CA GLU A 46 -22.55 -12.21 23.94
C GLU A 46 -21.66 -12.35 22.72
N TRP A 47 -21.97 -11.59 21.68
CA TRP A 47 -21.18 -11.60 20.46
C TRP A 47 -19.85 -10.90 20.72
N ILE A 48 -18.75 -11.59 20.40
CA ILE A 48 -17.43 -11.12 20.78
C ILE A 48 -16.92 -10.12 19.75
N GLY A 49 -16.89 -10.53 18.49
CA GLY A 49 -16.41 -9.65 17.44
C GLY A 49 -16.42 -10.36 16.12
N SER A 50 -16.34 -9.56 15.06
CA SER A 50 -16.39 -10.05 13.69
C SER A 50 -15.19 -9.52 12.92
N ILE A 51 -14.75 -10.29 11.93
CA ILE A 51 -13.62 -9.88 11.10
C ILE A 51 -13.82 -10.46 9.70
N TYR A 52 -13.49 -9.66 8.69
CA TYR A 52 -13.63 -10.02 7.29
C TYR A 52 -12.28 -10.40 6.72
N TYR A 53 -12.31 -11.23 5.66
CA TYR A 53 -11.07 -11.84 5.19
C TYR A 53 -10.07 -10.80 4.67
N THR A 54 -10.57 -9.66 4.19
CA THR A 54 -9.68 -8.58 3.81
C THR A 54 -9.05 -7.90 5.03
N GLY A 55 -9.71 -7.97 6.19
CA GLY A 55 -9.18 -7.35 7.38
C GLY A 55 -10.13 -6.39 8.06
N SER A 56 -11.36 -6.30 7.56
CA SER A 56 -12.35 -5.40 8.15
C SER A 56 -12.63 -5.81 9.59
N THR A 57 -12.29 -4.94 10.53
CA THR A 57 -12.32 -5.25 11.95
C THR A 57 -13.58 -4.68 12.57
N ASN A 58 -14.30 -5.51 13.32
CA ASN A 58 -15.52 -5.10 14.01
C ASN A 58 -15.57 -5.81 15.36
N TYR A 59 -15.71 -5.02 16.42
CA TYR A 59 -15.74 -5.51 17.79
C TYR A 59 -17.05 -5.13 18.46
N ASN A 60 -17.39 -5.87 19.51
CA ASN A 60 -18.45 -5.42 20.39
C ASN A 60 -17.96 -4.15 21.09
N PRO A 61 -18.71 -3.05 21.03
CA PRO A 61 -18.27 -1.84 21.73
C PRO A 61 -18.09 -2.03 23.23
N SER A 62 -18.82 -2.96 23.84
CA SER A 62 -18.66 -3.24 25.27
C SER A 62 -17.42 -4.08 25.55
N LEU A 63 -16.80 -4.69 24.53
CA LEU A 63 -15.60 -5.48 24.70
C LEU A 63 -14.43 -5.01 23.83
N LYS A 64 -14.63 -3.98 22.99
CA LYS A 64 -13.58 -3.47 22.12
C LYS A 64 -12.34 -3.00 22.87
N SER A 65 -12.40 -2.93 24.21
CA SER A 65 -11.26 -2.44 24.97
C SER A 65 -10.07 -3.38 24.87
N ARG A 66 -10.31 -4.69 24.86
CA ARG A 66 -9.21 -5.65 24.93
C ARG A 66 -9.43 -6.85 24.01
N VAL A 67 -10.11 -6.66 22.88
CA VAL A 67 -10.36 -7.73 21.91
C VAL A 67 -9.51 -7.45 20.68
N THR A 68 -8.78 -8.47 20.21
CA THR A 68 -8.02 -8.39 18.97
C THR A 68 -8.20 -9.67 18.18
N MET A 69 -8.69 -9.56 16.95
CA MET A 69 -8.98 -10.69 16.10
C MET A 69 -8.14 -10.65 14.82
N SER A 70 -7.66 -11.82 14.40
CA SER A 70 -6.85 -11.96 13.19
C SER A 70 -7.38 -13.09 12.33
N VAL A 71 -7.16 -13.00 11.02
CA VAL A 71 -7.63 -13.99 10.07
C VAL A 71 -6.55 -14.26 9.03
N ASP A 72 -6.29 -15.55 8.77
CA ASP A 72 -5.32 -15.99 7.76
C ASP A 72 -6.09 -16.60 6.60
N THR A 73 -6.05 -15.93 5.44
CA THR A 73 -6.77 -16.43 4.27
C THR A 73 -6.19 -17.73 3.74
N SER A 74 -4.87 -17.94 3.89
CA SER A 74 -4.24 -19.12 3.34
C SER A 74 -4.63 -20.38 4.11
N LYS A 75 -4.38 -20.40 5.41
CA LYS A 75 -4.57 -21.57 6.24
C LYS A 75 -6.02 -21.84 6.60
N ASN A 76 -6.96 -21.05 6.07
CA ASN A 76 -8.40 -21.26 6.28
C ASN A 76 -8.78 -21.14 7.76
N GLN A 77 -8.14 -20.23 8.48
CA GLN A 77 -8.38 -20.09 9.91
C GLN A 77 -8.50 -18.61 10.27
N PHE A 78 -9.12 -18.35 11.42
CA PHE A 78 -9.20 -17.01 11.99
C PHE A 78 -9.13 -17.13 13.50
N SER A 79 -8.50 -16.13 14.12
CA SER A 79 -8.11 -16.24 15.51
C SER A 79 -8.81 -15.19 16.38
N LEU A 80 -8.51 -15.27 17.68
CA LEU A 80 -9.09 -14.35 18.66
C LEU A 80 -8.19 -14.34 19.90
N ARG A 81 -7.87 -13.14 20.39
CA ARG A 81 -7.10 -12.95 21.61
C ARG A 81 -7.78 -11.92 22.50
N LEU A 82 -7.88 -12.25 23.78
CA LEU A 82 -8.49 -11.38 24.78
C LEU A 82 -7.51 -11.24 25.95
N ASN A 83 -6.89 -10.07 26.08
CA ASN A 83 -5.93 -9.85 27.15
C ASN A 83 -6.62 -9.45 28.44
N SER A 84 -5.91 -9.66 29.55
CA SER A 84 -6.36 -9.27 30.89
C SER A 84 -7.73 -9.87 31.21
N VAL A 85 -7.79 -11.19 31.19
CA VAL A 85 -9.02 -11.91 31.45
C VAL A 85 -9.27 -11.95 32.95
N THR A 86 -10.52 -11.73 33.35
CA THR A 86 -10.94 -11.78 34.74
C THR A 86 -11.71 -13.06 35.03
N ALA A 87 -11.92 -13.33 36.32
CA ALA A 87 -12.67 -14.52 36.70
C ALA A 87 -14.12 -14.47 36.21
N ALA A 88 -14.66 -13.27 36.00
CA ALA A 88 -16.03 -13.14 35.55
C ALA A 88 -16.25 -13.52 34.09
N ASP A 89 -15.18 -13.56 33.28
CA ASP A 89 -15.33 -13.91 31.87
C ASP A 89 -15.36 -15.41 31.62
N THR A 90 -15.59 -16.21 32.66
CA THR A 90 -15.63 -17.66 32.51
C THR A 90 -16.90 -18.04 31.76
N ALA A 91 -16.76 -18.32 30.47
CA ALA A 91 -17.90 -18.59 29.61
C ALA A 91 -17.53 -19.66 28.60
N MET A 92 -18.50 -20.05 27.79
CA MET A 92 -18.31 -21.03 26.72
C MET A 92 -18.21 -20.28 25.40
N TYR A 93 -17.04 -20.35 24.76
CA TYR A 93 -16.75 -19.55 23.58
C TYR A 93 -16.97 -20.37 22.32
N TYR A 94 -17.63 -19.74 21.33
CA TYR A 94 -17.90 -20.37 20.05
C TYR A 94 -17.47 -19.47 18.91
N CYS A 95 -16.92 -20.07 17.85
CA CYS A 95 -16.76 -19.38 16.58
C CYS A 95 -17.87 -19.84 15.64
N ALA A 96 -18.45 -18.91 14.90
CA ALA A 96 -19.59 -19.22 14.06
C ALA A 96 -19.53 -18.35 12.80
N GLY A 97 -20.01 -18.92 11.69
CA GLY A 97 -20.09 -18.20 10.44
C GLY A 97 -21.42 -17.51 10.18
N LEU A 98 -21.47 -16.20 10.42
CA LEU A 98 -22.65 -15.41 10.14
C LEU A 98 -22.61 -14.88 8.72
N ASP A 99 -23.74 -14.94 8.03
CA ASP A 99 -23.84 -14.51 6.64
C ASP A 99 -24.35 -13.07 6.65
N ARG A 100 -23.42 -12.12 6.57
CA ARG A 100 -23.78 -10.71 6.60
C ARG A 100 -24.49 -10.24 5.32
N TYR A 101 -24.35 -10.96 4.21
CA TYR A 101 -24.84 -10.48 2.92
C TYR A 101 -25.84 -11.41 2.25
N SER A 102 -26.26 -12.50 2.89
CA SER A 102 -27.26 -13.41 2.33
C SER A 102 -26.82 -13.94 0.98
N TRP A 103 -25.55 -14.32 0.89
CA TRP A 103 -24.95 -14.79 -0.36
C TRP A 103 -24.80 -16.30 -0.46
N ASN A 104 -25.03 -17.03 0.62
CA ASN A 104 -24.77 -18.46 0.66
C ASN A 104 -26.03 -19.22 1.05
N GLU A 105 -26.27 -20.33 0.33
CA GLU A 105 -27.37 -21.22 0.66
C GLU A 105 -27.21 -21.79 2.06
N GLY A 106 -28.34 -21.89 2.78
CA GLY A 106 -28.34 -22.36 4.14
C GLY A 106 -28.19 -21.29 5.20
N GLY A 107 -27.59 -20.14 4.86
CA GLY A 107 -27.47 -19.08 5.84
C GLY A 107 -26.28 -19.25 6.77
N ASP A 108 -26.49 -18.98 8.05
CA ASP A 108 -25.40 -19.00 9.02
C ASP A 108 -24.91 -20.44 9.27
N HIS A 109 -23.80 -20.54 10.00
CA HIS A 109 -23.21 -21.83 10.34
C HIS A 109 -22.53 -21.74 11.70
N TRP A 110 -22.60 -22.81 12.47
CA TRP A 110 -22.08 -22.86 13.82
C TRP A 110 -21.26 -24.11 14.05
N GLY A 111 -20.29 -24.01 14.96
CA GLY A 111 -19.41 -25.11 15.32
C GLY A 111 -19.96 -26.00 16.42
N GLN A 112 -19.04 -26.57 17.22
CA GLN A 112 -19.39 -27.49 18.28
C GLN A 112 -19.27 -26.90 19.69
N GLY A 113 -18.44 -25.89 19.88
CA GLY A 113 -18.33 -25.15 21.13
C GLY A 113 -17.25 -25.68 22.05
N ILE A 114 -16.67 -24.76 22.82
CA ILE A 114 -15.66 -25.08 23.82
C ILE A 114 -15.85 -24.15 25.00
N LEU A 115 -15.88 -24.72 26.21
CA LEU A 115 -16.02 -23.97 27.44
C LEU A 115 -14.64 -23.65 28.01
N VAL A 116 -14.35 -22.36 28.21
CA VAL A 116 -13.07 -21.90 28.73
C VAL A 116 -13.29 -21.29 30.11
N SER A 117 -12.50 -21.73 31.09
CA SER A 117 -12.58 -21.26 32.46
C SER A 117 -11.25 -20.69 32.92
N VAL A 118 -11.33 -19.76 33.89
CA VAL A 118 -10.17 -19.17 34.53
C VAL A 118 -10.27 -19.46 36.02
N SER A 119 -9.20 -20.00 36.60
CA SER A 119 -9.17 -20.42 37.98
C SER A 119 -8.33 -19.47 38.82
N SER A 120 -8.89 -19.00 39.93
CA SER A 120 -8.18 -18.11 40.84
C SER A 120 -7.97 -18.77 42.21
N GLN B 1 -26.08 -0.63 22.06
CA GLN B 1 -26.75 -1.71 21.34
C GLN B 1 -28.21 -1.85 21.77
N PRO B 2 -29.14 -1.49 20.88
CA PRO B 2 -30.57 -1.68 21.22
C PRO B 2 -30.91 -3.15 21.46
N VAL B 3 -31.27 -3.48 22.70
CA VAL B 3 -31.51 -4.88 23.07
C VAL B 3 -32.85 -5.34 22.49
N LEU B 4 -32.87 -6.57 21.98
CA LEU B 4 -34.09 -7.15 21.44
C LEU B 4 -34.98 -7.65 22.57
N THR B 5 -36.23 -7.20 22.58
CA THR B 5 -37.16 -7.46 23.68
C THR B 5 -38.04 -8.66 23.37
N GLN B 6 -38.07 -9.63 24.29
CA GLN B 6 -38.91 -10.83 24.18
C GLN B 6 -39.80 -10.97 25.41
N PRO B 7 -40.99 -11.54 25.26
CA PRO B 7 -41.80 -11.89 26.42
C PRO B 7 -41.13 -13.00 27.23
N PRO B 8 -41.22 -12.94 28.55
CA PRO B 8 -40.39 -13.85 29.37
C PRO B 8 -40.89 -15.28 29.45
N SER B 9 -42.19 -15.50 29.57
CA SER B 9 -42.74 -16.81 29.85
C SER B 9 -43.77 -17.21 28.80
N ALA B 10 -43.53 -18.33 28.15
CA ALA B 10 -44.48 -18.93 27.21
C ALA B 10 -44.74 -20.36 27.67
N SER B 11 -46.02 -20.74 27.75
CA SER B 11 -46.36 -22.07 28.24
C SER B 11 -47.44 -22.68 27.36
N GLY B 12 -47.62 -23.99 27.51
CA GLY B 12 -48.65 -24.70 26.77
C GLY B 12 -48.58 -26.21 26.84
N THR B 13 -49.74 -26.83 26.71
CA THR B 13 -49.88 -28.29 26.70
C THR B 13 -49.57 -28.82 25.30
N PRO B 14 -49.29 -30.12 25.18
CA PRO B 14 -49.03 -30.66 23.84
C PRO B 14 -50.21 -30.47 22.90
N GLY B 15 -49.90 -30.17 21.64
CA GLY B 15 -50.89 -29.93 20.62
C GLY B 15 -51.31 -28.48 20.45
N GLN B 16 -51.00 -27.60 21.39
CA GLN B 16 -51.36 -26.20 21.27
C GLN B 16 -50.28 -25.45 20.47
N ARG B 17 -50.65 -24.24 20.04
CA ARG B 17 -49.77 -23.38 19.25
C ARG B 17 -49.30 -22.21 20.13
N VAL B 18 -48.00 -21.94 20.10
CA VAL B 18 -47.39 -20.88 20.89
C VAL B 18 -46.50 -20.04 19.99
N SER B 19 -46.73 -18.73 19.97
CA SER B 19 -45.94 -17.79 19.18
C SER B 19 -45.02 -16.99 20.10
N ILE B 20 -43.85 -16.61 19.57
CA ILE B 20 -42.85 -15.87 20.34
C ILE B 20 -42.60 -14.53 19.66
N SER B 21 -42.72 -13.45 20.43
CA SER B 21 -42.48 -12.10 19.95
C SER B 21 -41.03 -11.69 20.16
N CYS B 22 -40.57 -10.75 19.33
CA CYS B 22 -39.22 -10.18 19.45
C CYS B 22 -39.28 -8.78 18.85
N SER B 23 -39.34 -7.77 19.72
CA SER B 23 -39.56 -6.40 19.29
C SER B 23 -38.24 -5.63 19.22
N GLY B 24 -38.00 -5.00 18.07
CA GLY B 24 -36.83 -4.17 17.86
C GLY B 24 -37.16 -2.83 17.22
N SER B 25 -36.14 -2.16 16.69
CA SER B 25 -36.26 -0.87 16.00
C SER B 25 -35.83 -1.04 14.55
N ARG B 26 -35.82 0.06 13.80
CA ARG B 26 -35.42 0.00 12.40
C ARG B 26 -33.97 -0.44 12.26
N SER B 27 -33.14 -0.20 13.27
CA SER B 27 -31.70 -0.43 13.12
C SER B 27 -31.40 -1.92 12.96
N ASN B 28 -32.24 -2.79 13.49
CA ASN B 28 -31.97 -4.22 13.48
C ASN B 28 -32.97 -4.99 12.62
N LEU B 29 -34.26 -4.88 12.92
CA LEU B 29 -35.29 -5.58 12.17
C LEU B 29 -35.78 -4.81 10.96
N GLY B 30 -35.66 -3.47 10.96
CA GLY B 30 -36.18 -2.68 9.87
C GLY B 30 -35.35 -2.72 8.60
N LYS B 31 -34.12 -3.26 8.65
CA LYS B 31 -33.28 -3.31 7.47
C LYS B 31 -32.57 -4.65 7.25
N ASN B 32 -32.51 -5.53 8.25
CA ASN B 32 -31.69 -6.72 8.17
C ASN B 32 -32.57 -7.97 8.31
N THR B 33 -31.92 -9.12 8.28
CA THR B 33 -32.60 -10.39 8.46
C THR B 33 -32.64 -10.75 9.93
N VAL B 34 -33.53 -11.68 10.27
CA VAL B 34 -33.76 -12.10 11.65
C VAL B 34 -33.61 -13.61 11.74
N ASN B 35 -32.83 -14.06 12.72
CA ASN B 35 -32.60 -15.48 12.94
C ASN B 35 -33.05 -15.88 14.33
N TRP B 36 -33.50 -17.14 14.44
CA TRP B 36 -33.93 -17.72 15.71
C TRP B 36 -33.05 -18.92 16.04
N TYR B 37 -32.90 -19.18 17.34
CA TYR B 37 -32.12 -20.28 17.85
C TYR B 37 -32.83 -20.91 19.04
N GLN B 38 -32.65 -22.22 19.20
CA GLN B 38 -33.18 -22.96 20.34
C GLN B 38 -32.01 -23.30 21.24
N GLN B 39 -31.97 -22.72 22.43
CA GLN B 39 -30.84 -22.90 23.35
C GLN B 39 -31.10 -24.10 24.24
N LEU B 40 -30.22 -25.08 24.17
CA LEU B 40 -30.17 -26.18 25.10
C LEU B 40 -28.94 -26.01 25.97
N PRO B 41 -29.05 -26.18 27.28
CA PRO B 41 -27.90 -25.93 28.15
C PRO B 41 -26.74 -26.87 27.87
N GLY B 42 -25.53 -26.34 28.03
CA GLY B 42 -24.31 -27.11 27.83
C GLY B 42 -23.94 -27.41 26.39
N THR B 43 -24.69 -26.91 25.41
CA THR B 43 -24.40 -27.18 24.01
C THR B 43 -24.59 -25.89 23.22
N ALA B 44 -24.20 -25.93 21.95
CA ALA B 44 -24.36 -24.76 21.10
C ALA B 44 -25.80 -24.64 20.62
N PRO B 45 -26.33 -23.42 20.51
CA PRO B 45 -27.70 -23.25 20.03
C PRO B 45 -27.84 -23.73 18.60
N LYS B 46 -29.01 -24.30 18.30
CA LYS B 46 -29.28 -24.86 16.98
C LYS B 46 -30.21 -23.94 16.20
N LEU B 47 -29.89 -23.71 14.93
CA LEU B 47 -30.71 -22.86 14.08
C LEU B 47 -32.03 -23.55 13.76
N LEU B 48 -33.14 -22.94 14.13
CA LEU B 48 -34.46 -23.40 13.72
C LEU B 48 -34.95 -22.65 12.48
N ILE B 49 -35.10 -21.34 12.60
CA ILE B 49 -35.68 -20.51 11.55
C ILE B 49 -34.70 -19.40 11.21
N TYR B 50 -34.43 -19.24 9.91
CA TYR B 50 -33.64 -18.13 9.40
C TYR B 50 -34.36 -17.53 8.21
N ASN B 51 -34.19 -16.22 8.05
CA ASN B 51 -34.61 -15.50 6.84
C ASN B 51 -36.10 -15.66 6.55
N HIS B 52 -36.91 -15.27 7.53
CA HIS B 52 -38.36 -15.12 7.35
C HIS B 52 -39.01 -16.43 6.92
N SER B 53 -38.97 -17.38 7.85
CA SER B 53 -39.71 -18.64 7.79
C SER B 53 -39.11 -19.63 6.79
N ARG B 54 -37.83 -19.48 6.47
CA ARG B 54 -37.10 -20.54 5.78
C ARG B 54 -36.40 -21.41 6.82
N ARG B 55 -36.33 -22.70 6.55
CA ARG B 55 -35.76 -23.67 7.47
C ARG B 55 -34.81 -24.58 6.72
N PRO B 56 -33.57 -24.74 7.19
CA PRO B 56 -32.65 -25.67 6.52
C PRO B 56 -33.15 -27.10 6.63
N SER B 57 -32.61 -27.96 5.76
CA SER B 57 -33.04 -29.35 5.71
C SER B 57 -32.79 -30.03 7.05
N GLY B 58 -33.85 -30.59 7.63
CA GLY B 58 -33.81 -31.16 8.96
C GLY B 58 -34.70 -30.46 9.97
N VAL B 59 -35.02 -29.18 9.75
CA VAL B 59 -35.91 -28.45 10.64
C VAL B 59 -37.35 -28.81 10.30
N PRO B 60 -38.14 -29.29 11.27
CA PRO B 60 -39.49 -29.77 10.97
C PRO B 60 -40.40 -28.65 10.48
N GLU B 61 -41.57 -29.06 10.01
CA GLU B 61 -42.58 -28.13 9.53
C GLU B 61 -43.38 -27.48 10.64
N ARG B 62 -43.25 -27.97 11.87
CA ARG B 62 -44.04 -27.43 12.98
C ARG B 62 -43.61 -26.01 13.34
N PHE B 63 -42.35 -25.66 13.09
CA PHE B 63 -41.84 -24.34 13.41
C PHE B 63 -42.01 -23.40 12.22
N SER B 64 -42.28 -22.13 12.52
CA SER B 64 -42.42 -21.12 11.49
C SER B 64 -42.16 -19.76 12.13
N GLY B 65 -41.43 -18.90 11.42
CA GLY B 65 -41.12 -17.57 11.87
C GLY B 65 -41.81 -16.52 11.01
N SER B 66 -41.71 -15.27 11.47
CA SER B 66 -42.34 -14.16 10.77
C SER B 66 -41.81 -12.87 11.35
N LYS B 67 -41.60 -11.88 10.49
CA LYS B 67 -41.12 -10.57 10.90
C LYS B 67 -42.10 -9.51 10.42
N SER B 68 -42.19 -8.44 11.19
CA SER B 68 -43.00 -7.26 10.86
C SER B 68 -42.08 -6.06 10.75
N GLY B 69 -42.68 -4.87 10.66
CA GLY B 69 -41.94 -3.63 10.60
C GLY B 69 -40.87 -3.51 11.67
N THR B 70 -41.27 -3.61 12.94
CA THR B 70 -40.34 -3.51 14.05
C THR B 70 -40.50 -4.68 15.04
N SER B 71 -41.22 -5.72 14.65
CA SER B 71 -41.49 -6.84 15.54
C SER B 71 -41.37 -8.15 14.75
N ALA B 72 -40.94 -9.19 15.45
CA ALA B 72 -40.76 -10.52 14.86
C ALA B 72 -41.52 -11.54 15.68
N SER B 73 -42.00 -12.59 15.00
CA SER B 73 -42.78 -13.64 15.64
C SER B 73 -42.28 -15.01 15.20
N LEU B 74 -42.34 -15.96 16.13
CA LEU B 74 -41.98 -17.35 15.87
C LEU B 74 -43.10 -18.23 16.38
N ALA B 75 -43.67 -19.06 15.51
CA ALA B 75 -44.80 -19.90 15.85
C ALA B 75 -44.35 -21.35 15.94
N ILE B 76 -44.68 -22.00 17.07
CA ILE B 76 -44.41 -23.42 17.27
C ILE B 76 -45.75 -24.13 17.33
N SER B 77 -46.17 -24.69 16.21
CA SER B 77 -47.38 -25.49 16.15
C SER B 77 -47.09 -26.92 16.59
N GLY B 78 -48.08 -27.53 17.27
CA GLY B 78 -47.89 -28.87 17.80
C GLY B 78 -46.78 -28.92 18.81
N LEU B 79 -46.98 -28.24 19.94
CA LEU B 79 -45.99 -28.24 21.00
C LEU B 79 -45.77 -29.65 21.53
N GLN B 80 -44.52 -29.96 21.86
CA GLN B 80 -44.16 -31.26 22.41
C GLN B 80 -43.28 -31.05 23.64
N SER B 81 -43.25 -32.07 24.50
CA SER B 81 -42.40 -32.03 25.69
C SER B 81 -40.92 -31.89 25.34
N GLU B 82 -40.51 -32.31 24.14
CA GLU B 82 -39.13 -32.16 23.69
C GLU B 82 -38.81 -30.76 23.17
N ASP B 83 -39.81 -29.91 22.99
CA ASP B 83 -39.59 -28.57 22.47
C ASP B 83 -39.40 -27.54 23.59
N GLU B 84 -39.39 -27.97 24.84
CA GLU B 84 -39.19 -27.09 25.98
C GLU B 84 -37.71 -26.74 26.06
N ALA B 85 -37.36 -25.50 25.72
CA ALA B 85 -35.99 -25.04 25.76
C ALA B 85 -35.97 -23.52 25.80
N ASP B 86 -34.77 -22.95 25.87
CA ASP B 86 -34.60 -21.51 25.79
C ASP B 86 -34.51 -21.10 24.33
N TYR B 87 -35.10 -19.94 24.01
CA TYR B 87 -35.15 -19.46 22.64
C TYR B 87 -34.67 -18.02 22.57
N PHE B 88 -33.80 -17.73 21.61
CA PHE B 88 -33.24 -16.40 21.42
C PHE B 88 -33.54 -15.92 20.01
N CYS B 89 -33.85 -14.64 19.88
CA CYS B 89 -33.96 -14.00 18.58
C CYS B 89 -32.72 -13.16 18.35
N ALA B 90 -32.07 -13.35 17.21
CA ALA B 90 -30.87 -12.63 16.85
C ALA B 90 -31.02 -12.02 15.45
N ALA B 91 -30.52 -10.79 15.30
CA ALA B 91 -30.63 -10.07 14.05
C ALA B 91 -29.45 -9.13 13.92
N TRP B 92 -29.05 -8.87 12.69
CA TRP B 92 -27.95 -7.93 12.45
C TRP B 92 -28.41 -6.51 12.74
N ASP B 93 -27.46 -5.67 13.15
CA ASP B 93 -27.71 -4.27 13.41
C ASP B 93 -26.82 -3.45 12.49
N ASP B 94 -27.36 -2.33 12.00
CA ASP B 94 -26.66 -1.45 11.07
C ASP B 94 -26.07 -0.23 11.78
N SER B 95 -25.58 -0.43 13.01
CA SER B 95 -24.96 0.64 13.77
C SER B 95 -23.56 0.93 13.24
N LEU B 96 -22.78 1.66 14.04
CA LEU B 96 -21.52 2.25 13.59
C LEU B 96 -20.75 1.36 12.62
N ASN B 97 -20.51 0.10 13.01
CA ASN B 97 -19.85 -0.85 12.12
C ASN B 97 -20.67 -2.11 11.85
N GLY B 98 -21.74 -2.37 12.60
CA GLY B 98 -22.53 -3.56 12.40
C GLY B 98 -22.39 -4.61 13.49
N LEU B 99 -23.40 -4.72 14.35
CA LEU B 99 -23.36 -5.60 15.52
C LEU B 99 -24.44 -6.66 15.38
N TYR B 100 -24.21 -7.80 16.04
CA TYR B 100 -25.17 -8.91 16.08
C TYR B 100 -25.72 -9.02 17.51
N VAL B 101 -26.97 -8.58 17.70
CA VAL B 101 -27.62 -8.51 19.00
C VAL B 101 -28.55 -9.70 19.17
N PHE B 102 -28.60 -10.24 20.39
CA PHE B 102 -29.46 -11.37 20.72
C PHE B 102 -30.69 -10.90 21.49
N GLY B 103 -31.70 -11.77 21.54
CA GLY B 103 -32.89 -11.49 22.31
C GLY B 103 -32.74 -11.82 23.79
N THR B 104 -33.76 -11.45 24.56
CA THR B 104 -33.70 -11.68 26.00
C THR B 104 -33.92 -13.15 26.36
N GLY B 105 -34.58 -13.92 25.50
CA GLY B 105 -34.83 -15.32 25.79
C GLY B 105 -36.21 -15.56 26.37
N THR B 106 -36.83 -16.68 25.99
CA THR B 106 -38.19 -17.00 26.44
C THR B 106 -38.26 -18.46 26.85
N LYS B 107 -38.75 -18.70 28.06
CA LYS B 107 -38.92 -20.05 28.60
C LYS B 107 -40.22 -20.66 28.09
N VAL B 108 -40.14 -21.88 27.59
CA VAL B 108 -41.29 -22.64 27.12
C VAL B 108 -41.51 -23.81 28.08
N THR B 109 -42.76 -23.97 28.53
CA THR B 109 -43.08 -24.92 29.59
C THR B 109 -44.36 -25.68 29.28
N VAL B 110 -44.34 -26.98 29.53
CA VAL B 110 -45.56 -27.78 29.44
C VAL B 110 -46.28 -27.71 30.77
N LEU B 111 -47.59 -27.51 30.73
CA LEU B 111 -48.42 -27.41 31.93
C LEU B 111 -48.46 -28.73 32.68
N ILE C 1 -30.41 -60.86 33.10
CA ILE C 1 -29.71 -61.68 34.08
C ILE C 1 -28.31 -61.14 34.39
N ARG C 2 -27.97 -60.00 33.79
CA ARG C 2 -26.62 -59.46 33.92
C ARG C 2 -26.38 -58.68 35.21
N CYS C 3 -27.45 -58.34 35.96
CA CYS C 3 -27.25 -57.74 37.28
C CYS C 3 -26.92 -58.76 38.35
N ILE C 4 -27.01 -60.05 38.03
CA ILE C 4 -26.83 -61.11 39.01
C ILE C 4 -25.35 -61.25 39.36
N GLY C 5 -24.96 -60.75 40.52
CA GLY C 5 -23.62 -60.93 41.04
C GLY C 5 -22.86 -59.66 41.35
N VAL C 6 -23.26 -58.53 40.79
CA VAL C 6 -22.53 -57.29 41.02
C VAL C 6 -22.90 -56.69 42.38
N SER C 7 -21.90 -56.24 43.12
CA SER C 7 -22.13 -55.70 44.45
C SER C 7 -22.83 -54.35 44.38
N ASN C 8 -22.51 -53.54 43.38
CA ASN C 8 -23.05 -52.19 43.25
C ASN C 8 -24.44 -52.27 42.60
N ARG C 9 -25.39 -52.76 43.37
CA ARG C 9 -26.76 -52.99 42.93
C ARG C 9 -27.70 -52.15 43.80
N ASP C 10 -28.60 -51.42 43.15
CA ASP C 10 -29.51 -50.50 43.84
C ASP C 10 -30.95 -50.95 43.66
N PHE C 11 -31.71 -50.88 44.76
CA PHE C 11 -33.12 -51.26 44.81
C PHE C 11 -33.97 -50.00 44.87
N VAL C 12 -34.61 -49.65 43.76
CA VAL C 12 -35.43 -48.44 43.67
C VAL C 12 -36.90 -48.81 43.81
N GLU C 13 -37.62 -48.00 44.58
CA GLU C 13 -39.05 -48.18 44.81
C GLU C 13 -39.72 -46.83 44.62
N GLY C 14 -40.53 -46.70 43.57
CA GLY C 14 -41.25 -45.46 43.36
C GLY C 14 -42.27 -45.19 44.45
N MET C 15 -42.71 -43.94 44.49
CA MET C 15 -43.73 -43.54 45.45
C MET C 15 -45.04 -44.25 45.16
N SER C 16 -45.84 -44.43 46.21
CA SER C 16 -47.13 -45.11 46.06
C SER C 16 -48.08 -44.23 45.27
N GLY C 17 -48.51 -44.71 44.10
CA GLY C 17 -49.38 -43.99 43.21
C GLY C 17 -48.67 -43.29 42.07
N GLY C 18 -47.36 -43.05 42.20
CA GLY C 18 -46.63 -42.41 41.12
C GLY C 18 -46.45 -43.33 39.94
N THR C 19 -46.32 -42.72 38.76
CA THR C 19 -46.17 -43.47 37.51
C THR C 19 -44.72 -43.55 37.06
N TRP C 20 -43.95 -42.50 37.26
CA TRP C 20 -42.58 -42.40 36.78
C TRP C 20 -41.61 -42.81 37.88
N VAL C 21 -40.53 -43.48 37.48
CA VAL C 21 -39.48 -43.91 38.39
C VAL C 21 -38.15 -43.61 37.73
N ASP C 22 -37.31 -42.82 38.41
CA ASP C 22 -36.00 -42.46 37.90
C ASP C 22 -34.94 -43.37 38.48
N VAL C 23 -33.97 -43.74 37.64
CA VAL C 23 -32.85 -44.57 38.04
C VAL C 23 -31.57 -43.90 37.55
N VAL C 24 -30.45 -44.29 38.14
CA VAL C 24 -29.15 -43.71 37.87
C VAL C 24 -28.23 -44.81 37.40
N LEU C 25 -27.80 -44.75 36.15
CA LEU C 25 -26.98 -45.80 35.55
C LEU C 25 -25.52 -45.39 35.63
N GLU C 26 -24.73 -46.13 36.40
CA GLU C 26 -23.31 -45.89 36.58
C GLU C 26 -22.51 -47.01 35.92
N HIS C 27 -21.22 -46.74 35.71
CA HIS C 27 -20.32 -47.76 35.19
C HIS C 27 -20.00 -48.78 36.27
N GLY C 28 -20.17 -50.06 35.94
CA GLY C 28 -20.04 -51.14 36.90
C GLY C 28 -21.25 -51.36 37.78
N GLY C 29 -22.21 -50.45 37.83
CA GLY C 29 -23.40 -50.63 38.63
C GLY C 29 -24.58 -51.14 37.82
N CYS C 30 -25.54 -51.73 38.52
CA CYS C 30 -26.67 -52.40 37.88
C CYS C 30 -27.91 -52.12 38.72
N VAL C 31 -29.02 -51.78 38.09
CA VAL C 31 -30.25 -51.41 38.78
C VAL C 31 -31.33 -52.41 38.41
N THR C 32 -31.85 -53.12 39.42
CA THR C 32 -32.93 -54.09 39.23
C THR C 32 -34.25 -53.46 39.70
N VAL C 33 -35.09 -53.09 38.75
CA VAL C 33 -36.33 -52.38 39.03
C VAL C 33 -37.51 -53.34 38.92
N MET C 34 -38.43 -53.27 39.89
CA MET C 34 -39.64 -54.07 39.87
C MET C 34 -40.86 -53.17 40.02
N ALA C 35 -41.99 -53.67 39.55
CA ALA C 35 -43.28 -53.01 39.68
C ALA C 35 -44.37 -54.07 39.69
N GLN C 36 -45.51 -53.74 40.31
CA GLN C 36 -46.59 -54.71 40.43
C GLN C 36 -47.24 -54.96 39.07
N ASP C 37 -47.38 -56.23 38.72
CA ASP C 37 -47.97 -56.67 37.46
C ASP C 37 -47.13 -56.23 36.27
N LYS C 38 -45.82 -56.12 36.47
CA LYS C 38 -44.88 -55.70 35.43
C LYS C 38 -43.66 -56.62 35.48
N PRO C 39 -42.97 -56.81 34.35
CA PRO C 39 -41.84 -57.73 34.35
C PRO C 39 -40.63 -57.15 35.06
N THR C 40 -39.81 -58.04 35.60
CA THR C 40 -38.55 -57.66 36.23
C THR C 40 -37.49 -57.56 35.15
N VAL C 41 -36.94 -56.36 34.97
CA VAL C 41 -35.98 -56.09 33.91
C VAL C 41 -34.74 -55.44 34.51
N ASP C 42 -33.60 -55.72 33.88
CA ASP C 42 -32.32 -55.14 34.28
C ASP C 42 -31.94 -54.04 33.32
N ILE C 43 -31.52 -52.89 33.86
CA ILE C 43 -31.06 -51.78 33.06
C ILE C 43 -29.69 -51.36 33.58
N GLU C 44 -28.69 -51.39 32.71
CA GLU C 44 -27.32 -51.05 33.10
C GLU C 44 -26.65 -50.29 31.96
N LEU C 45 -25.97 -49.20 32.32
CA LEU C 45 -25.15 -48.46 31.35
C LEU C 45 -23.78 -49.12 31.29
N VAL C 46 -23.48 -49.73 30.16
CA VAL C 46 -22.25 -50.53 30.03
C VAL C 46 -21.10 -49.68 29.52
N THR C 47 -21.26 -49.01 28.38
CA THR C 47 -20.16 -48.28 27.76
C THR C 47 -20.62 -46.91 27.27
N THR C 48 -19.73 -45.92 27.43
CA THR C 48 -19.93 -44.56 26.93
C THR C 48 -18.94 -44.31 25.80
N THR C 49 -19.45 -43.89 24.65
CA THR C 49 -18.64 -43.70 23.45
C THR C 49 -18.69 -42.23 23.02
N VAL C 50 -17.53 -41.59 22.96
CA VAL C 50 -17.40 -40.21 22.49
C VAL C 50 -16.75 -40.22 21.12
N SER C 51 -17.32 -39.48 20.19
CA SER C 51 -16.86 -39.43 18.81
C SER C 51 -16.47 -38.00 18.44
N ASN C 52 -15.98 -37.85 17.20
CA ASN C 52 -15.66 -36.55 16.60
C ASN C 52 -14.68 -35.75 17.47
N MET C 53 -13.50 -36.34 17.70
CA MET C 53 -12.43 -35.65 18.40
C MET C 53 -11.65 -34.78 17.43
N ALA C 54 -11.23 -33.60 17.89
CA ALA C 54 -10.45 -32.67 17.10
C ALA C 54 -9.25 -32.20 17.92
N GLU C 55 -8.16 -31.89 17.21
CA GLU C 55 -6.91 -31.54 17.88
C GLU C 55 -7.06 -30.26 18.67
N VAL C 56 -6.46 -30.23 19.86
CA VAL C 56 -6.45 -29.03 20.69
C VAL C 56 -5.02 -28.64 20.99
N ARG C 57 -4.25 -29.56 21.56
CA ARG C 57 -2.89 -29.27 21.97
C ARG C 57 -2.10 -30.56 21.96
N SER C 58 -0.90 -30.53 21.37
CA SER C 58 -0.07 -31.72 21.20
C SER C 58 1.26 -31.49 21.92
N TYR C 59 1.64 -32.43 22.79
CA TYR C 59 2.89 -32.35 23.52
C TYR C 59 3.90 -33.33 22.94
N CYS C 60 5.16 -32.92 22.92
CA CYS C 60 6.27 -33.72 22.44
C CYS C 60 7.03 -34.34 23.61
N TYR C 61 7.23 -35.66 23.55
CA TYR C 61 8.01 -36.38 24.55
C TYR C 61 9.27 -37.01 23.96
N GLU C 62 9.53 -36.84 22.67
CA GLU C 62 10.76 -37.35 22.05
C GLU C 62 11.16 -36.39 20.93
N ALA C 63 12.37 -35.83 21.02
CA ALA C 63 12.84 -34.79 20.11
C ALA C 63 14.12 -35.24 19.38
N SER C 64 14.59 -34.38 18.48
CA SER C 64 15.83 -34.61 17.73
C SER C 64 16.44 -33.27 17.35
N ILE C 65 17.76 -33.26 17.17
CA ILE C 65 18.51 -32.03 16.91
C ILE C 65 19.46 -32.23 15.73
N SER C 66 19.83 -31.11 15.09
CA SER C 66 20.81 -31.08 14.02
C SER C 66 21.24 -29.64 13.76
N ASP C 67 22.38 -29.51 13.05
CA ASP C 67 22.86 -28.25 12.48
C ASP C 67 23.03 -27.15 13.54
N MET C 68 24.00 -27.39 14.42
CA MET C 68 24.35 -26.42 15.45
C MET C 68 25.43 -25.45 14.97
N ALA C 69 25.27 -24.18 15.33
CA ALA C 69 26.27 -23.16 15.03
C ALA C 69 26.29 -22.13 16.15
N SER C 70 27.43 -21.46 16.30
CA SER C 70 27.63 -20.53 17.40
C SER C 70 28.15 -19.19 16.89
N ASP C 71 28.03 -18.18 17.75
CA ASP C 71 28.64 -16.88 17.57
C ASP C 71 28.58 -16.13 18.90
N SER C 72 29.66 -15.41 19.22
CA SER C 72 29.77 -14.71 20.48
C SER C 72 30.07 -13.24 20.24
N ARG C 73 29.87 -12.45 21.29
CA ARG C 73 30.05 -11.01 21.26
C ARG C 73 30.87 -10.57 22.45
N CYS C 74 31.45 -9.37 22.34
CA CYS C 74 32.27 -8.82 23.40
C CYS C 74 31.37 -8.38 24.56
N PRO C 75 31.93 -8.17 25.75
CA PRO C 75 31.08 -7.81 26.88
C PRO C 75 30.36 -6.50 26.64
N THR C 76 29.08 -6.46 27.01
CA THR C 76 28.23 -5.29 27.01
C THR C 76 28.10 -4.63 25.64
N GLN C 77 28.54 -5.30 24.59
CA GLN C 77 28.44 -4.80 23.23
C GLN C 77 27.14 -5.21 22.55
N GLY C 78 26.19 -5.76 23.32
CA GLY C 78 24.92 -6.25 22.83
C GLY C 78 24.86 -7.75 22.79
N GLU C 79 23.71 -8.24 22.35
CA GLU C 79 23.44 -9.67 22.29
C GLU C 79 23.94 -10.26 20.98
N ALA C 80 24.10 -11.58 20.99
CA ALA C 80 24.60 -12.33 19.84
C ALA C 80 23.45 -12.77 18.95
N TYR C 81 23.71 -12.78 17.65
CA TYR C 81 22.70 -13.17 16.65
C TYR C 81 23.35 -13.93 15.51
N LEU C 82 22.64 -14.95 15.03
CA LEU C 82 23.01 -15.68 13.83
C LEU C 82 21.80 -15.73 12.90
N ASP C 83 22.05 -15.87 11.60
CA ASP C 83 20.98 -15.77 10.62
C ASP C 83 19.95 -16.89 10.78
N LYS C 84 20.30 -18.00 11.43
CA LYS C 84 19.36 -19.09 11.61
C LYS C 84 18.49 -18.93 12.86
N GLN C 85 18.75 -17.90 13.68
CA GLN C 85 17.81 -17.56 14.74
C GLN C 85 16.43 -17.24 14.17
N SER C 86 16.37 -16.77 12.94
CA SER C 86 15.13 -16.49 12.24
C SER C 86 14.47 -17.73 11.64
N ASP C 87 15.02 -18.92 11.87
CA ASP C 87 14.42 -20.16 11.39
C ASP C 87 13.72 -20.84 12.55
N THR C 88 12.41 -21.01 12.44
CA THR C 88 11.58 -21.47 13.55
C THR C 88 11.75 -22.96 13.86
N GLN C 89 12.46 -23.71 13.01
CA GLN C 89 12.75 -25.11 13.31
C GLN C 89 13.96 -25.26 14.22
N TYR C 90 14.48 -24.14 14.74
CA TYR C 90 15.66 -24.11 15.59
C TYR C 90 15.29 -23.59 16.96
N VAL C 91 16.01 -24.04 17.98
CA VAL C 91 15.86 -23.55 19.35
C VAL C 91 17.21 -23.03 19.82
N CYS C 92 17.22 -21.80 20.33
CA CYS C 92 18.43 -21.11 20.72
C CYS C 92 18.32 -20.73 22.19
N LYS C 93 19.41 -20.17 22.73
CA LYS C 93 19.41 -19.63 24.08
C LYS C 93 20.68 -18.81 24.27
N ARG C 94 20.53 -17.65 24.89
CA ARG C 94 21.64 -16.76 25.20
C ARG C 94 22.09 -16.96 26.63
N THR C 95 23.40 -16.91 26.86
CA THR C 95 23.98 -17.10 28.18
C THR C 95 24.99 -16.00 28.45
N LEU C 96 25.58 -16.04 29.65
CA LEU C 96 26.55 -15.04 30.10
C LEU C 96 27.85 -15.74 30.42
N VAL C 97 28.93 -15.33 29.74
CA VAL C 97 30.26 -15.86 29.96
C VAL C 97 31.21 -14.70 30.22
N ASP C 98 32.24 -14.95 31.00
CA ASP C 98 33.19 -13.90 31.34
C ASP C 98 34.13 -13.64 30.16
N ARG C 99 34.12 -12.42 29.66
CA ARG C 99 34.95 -11.99 28.54
C ARG C 99 35.64 -10.69 28.93
N GLY C 100 36.80 -10.44 28.32
CA GLY C 100 37.51 -9.23 28.67
C GLY C 100 38.67 -8.88 27.78
N TRP C 101 39.67 -8.21 28.36
CA TRP C 101 40.80 -7.70 27.59
C TRP C 101 41.64 -8.83 27.01
N GLY C 102 41.93 -9.84 27.81
CA GLY C 102 42.80 -10.92 27.37
C GLY C 102 42.26 -11.73 26.21
N ASN C 103 40.94 -11.71 26.01
CA ASN C 103 40.31 -12.45 24.92
C ASN C 103 40.32 -11.67 23.61
N GLY C 104 40.56 -10.37 23.66
CA GLY C 104 40.54 -9.53 22.49
C GLY C 104 39.38 -8.55 22.43
N CYS C 105 38.77 -8.23 23.57
CA CYS C 105 37.68 -7.29 23.67
C CYS C 105 38.09 -6.19 24.64
N GLY C 106 37.45 -5.04 24.55
CA GLY C 106 37.89 -3.92 25.36
C GLY C 106 37.04 -3.56 26.57
N LEU C 107 36.24 -4.51 27.08
CA LEU C 107 35.38 -4.23 28.21
C LEU C 107 35.40 -5.40 29.20
N PHE C 108 34.91 -5.12 30.40
CA PHE C 108 34.76 -6.11 31.46
C PHE C 108 33.28 -6.31 31.74
N GLY C 109 32.83 -7.54 31.65
CA GLY C 109 31.47 -7.87 32.00
C GLY C 109 31.02 -9.11 31.25
N LYS C 110 29.75 -9.45 31.44
CA LYS C 110 29.18 -10.61 30.78
C LYS C 110 28.72 -10.23 29.38
N GLY C 111 29.07 -11.07 28.41
CA GLY C 111 28.63 -10.92 27.04
C GLY C 111 27.66 -12.04 26.71
N SER C 112 26.63 -11.71 25.94
CA SER C 112 25.63 -12.71 25.59
C SER C 112 26.19 -13.64 24.51
N LEU C 113 25.91 -14.94 24.67
CA LEU C 113 26.39 -15.95 23.73
C LEU C 113 25.26 -16.91 23.45
N VAL C 114 24.97 -17.10 22.16
CA VAL C 114 23.83 -17.91 21.73
C VAL C 114 24.31 -18.97 20.75
N THR C 115 23.66 -20.13 20.81
CA THR C 115 23.96 -21.27 19.94
C THR C 115 22.63 -21.92 19.58
N CYS C 116 22.44 -22.20 18.29
CA CYS C 116 21.18 -22.72 17.79
C CYS C 116 21.38 -24.07 17.12
N ALA C 117 20.36 -24.92 17.24
CA ALA C 117 20.32 -26.26 16.68
C ALA C 117 18.93 -26.54 16.16
N LYS C 118 18.84 -27.20 15.00
CA LYS C 118 17.55 -27.41 14.37
C LYS C 118 16.70 -28.37 15.20
N PHE C 119 15.53 -27.91 15.63
CA PHE C 119 14.64 -28.68 16.47
C PHE C 119 13.63 -29.44 15.63
N ALA C 120 13.39 -30.70 16.01
CA ALA C 120 12.39 -31.53 15.34
C ALA C 120 11.87 -32.57 16.33
N CYS C 121 10.57 -32.82 16.28
CA CYS C 121 9.91 -33.77 17.17
C CYS C 121 9.60 -35.05 16.42
N SER C 122 9.95 -36.18 17.01
CA SER C 122 9.76 -37.50 16.39
C SER C 122 8.46 -38.15 16.83
N LYS C 123 8.25 -38.32 18.14
CA LYS C 123 7.03 -38.90 18.69
C LYS C 123 6.38 -37.90 19.64
N LYS C 124 5.05 -37.75 19.51
CA LYS C 124 4.31 -36.73 20.22
C LYS C 124 3.05 -37.33 20.82
N MET C 125 2.49 -36.64 21.81
CA MET C 125 1.20 -36.96 22.39
C MET C 125 0.22 -35.85 22.02
N THR C 126 -1.07 -36.17 22.07
CA THR C 126 -2.11 -35.24 21.63
C THR C 126 -3.25 -35.19 22.63
N GLY C 127 -3.69 -33.98 22.96
CA GLY C 127 -4.87 -33.76 23.76
C GLY C 127 -6.01 -33.25 22.88
N LYS C 128 -7.16 -33.89 23.02
CA LYS C 128 -8.32 -33.59 22.19
C LYS C 128 -9.51 -33.25 23.09
N SER C 129 -10.26 -32.22 22.71
CA SER C 129 -11.37 -31.78 23.55
C SER C 129 -12.55 -32.74 23.44
N ILE C 130 -13.24 -32.95 24.56
CA ILE C 130 -14.39 -33.84 24.61
C ILE C 130 -15.63 -32.95 24.63
N GLN C 131 -16.35 -32.93 23.51
CA GLN C 131 -17.58 -32.16 23.41
C GLN C 131 -18.74 -32.99 23.89
N PRO C 132 -19.50 -32.54 24.89
CA PRO C 132 -20.71 -33.29 25.30
C PRO C 132 -21.74 -33.41 24.19
N GLU C 133 -21.65 -32.59 23.14
CA GLU C 133 -22.57 -32.72 22.02
C GLU C 133 -22.30 -34.00 21.25
N ASN C 134 -21.05 -34.23 20.86
CA ASN C 134 -20.66 -35.47 20.17
C ASN C 134 -20.28 -36.51 21.23
N LEU C 135 -21.33 -37.02 21.87
CA LEU C 135 -21.22 -37.96 22.98
C LEU C 135 -22.38 -38.95 22.87
N GLU C 136 -22.08 -40.24 23.02
CA GLU C 136 -23.08 -41.28 22.86
C GLU C 136 -23.12 -42.17 24.09
N TYR C 137 -24.32 -42.41 24.59
CA TYR C 137 -24.56 -43.33 25.70
C TYR C 137 -25.20 -44.59 25.13
N ARG C 138 -24.56 -45.73 25.37
CA ARG C 138 -25.05 -47.03 24.91
C ARG C 138 -25.60 -47.81 26.10
N ILE C 139 -26.83 -48.29 25.97
CA ILE C 139 -27.51 -49.01 27.04
C ILE C 139 -27.70 -50.45 26.60
N MET C 140 -27.55 -51.37 27.56
CA MET C 140 -27.71 -52.80 27.34
C MET C 140 -28.90 -53.32 28.13
N LEU C 141 -29.69 -54.19 27.50
CA LEU C 141 -30.89 -54.75 28.10
C LEU C 141 -30.75 -56.26 28.24
N SER C 142 -31.30 -56.80 29.33
CA SER C 142 -31.14 -58.21 29.65
C SER C 142 -32.40 -58.71 30.35
N VAL C 143 -32.94 -59.82 29.85
CA VAL C 143 -34.18 -60.39 30.37
C VAL C 143 -33.84 -61.70 31.07
N HIS C 144 -34.64 -62.05 32.07
CA HIS C 144 -34.49 -63.30 32.80
C HIS C 144 -35.41 -64.37 32.23
N GLY C 145 -35.09 -65.63 32.54
CA GLY C 145 -35.87 -66.78 32.12
C GLY C 145 -35.09 -67.78 31.29
N SER C 146 -34.08 -67.33 30.57
CA SER C 146 -33.33 -68.20 29.66
C SER C 146 -31.86 -67.78 29.70
N GLN C 147 -31.11 -68.20 28.68
CA GLN C 147 -29.70 -67.83 28.51
C GLN C 147 -28.86 -68.33 29.68
N HIS C 148 -28.75 -69.66 29.72
CA HIS C 148 -27.95 -70.37 30.71
C HIS C 148 -26.47 -70.01 30.59
N SER C 149 -25.64 -70.59 31.47
CA SER C 149 -24.26 -70.15 31.63
C SER C 149 -23.49 -70.06 30.31
N GLY C 150 -23.90 -70.83 29.31
CA GLY C 150 -23.23 -70.83 28.01
C GLY C 150 -23.35 -69.54 27.21
N MET C 151 -24.23 -68.62 27.59
CA MET C 151 -24.45 -67.39 26.83
C MET C 151 -23.68 -66.19 27.39
N ILE C 152 -22.84 -66.40 28.40
CA ILE C 152 -22.09 -65.29 29.00
C ILE C 152 -21.15 -64.66 27.98
N VAL C 153 -20.36 -65.49 27.29
CA VAL C 153 -19.44 -65.00 26.27
C VAL C 153 -19.99 -65.38 24.90
N ASN C 154 -20.78 -64.48 24.31
CA ASN C 154 -21.39 -64.71 23.01
C ASN C 154 -21.66 -63.35 22.37
N ASP C 155 -21.01 -63.08 21.23
CA ASP C 155 -21.11 -61.79 20.57
C ASP C 155 -21.73 -61.89 19.18
N THR C 156 -22.05 -63.09 18.71
CA THR C 156 -22.71 -63.29 17.43
C THR C 156 -24.16 -63.67 17.64
N GLY C 157 -25.06 -62.96 16.95
CA GLY C 157 -26.47 -63.22 17.03
C GLY C 157 -27.28 -62.35 17.97
N HIS C 158 -26.78 -61.18 18.36
CA HIS C 158 -27.59 -60.28 19.17
C HIS C 158 -28.61 -59.48 18.34
N GLU C 159 -28.39 -59.34 17.03
CA GLU C 159 -29.37 -58.66 16.19
C GLU C 159 -30.61 -59.52 15.96
N THR C 160 -30.45 -60.84 15.93
CA THR C 160 -31.56 -61.76 15.70
C THR C 160 -32.18 -62.30 16.98
N ASP C 161 -31.47 -62.27 18.10
CA ASP C 161 -31.96 -62.83 19.34
C ASP C 161 -32.80 -61.80 20.09
N GLU C 162 -34.03 -62.18 20.42
CA GLU C 162 -34.98 -61.27 21.05
C GLU C 162 -34.62 -60.96 22.50
N ASN C 163 -33.85 -61.84 23.16
CA ASN C 163 -33.53 -61.63 24.56
C ASN C 163 -32.62 -60.42 24.75
N ARG C 164 -31.71 -60.17 23.81
CA ARG C 164 -30.72 -59.10 23.93
C ARG C 164 -31.04 -58.00 22.92
N ALA C 165 -30.85 -56.75 23.35
CA ALA C 165 -31.11 -55.59 22.52
C ALA C 165 -30.19 -54.46 22.94
N LYS C 166 -29.69 -53.71 21.97
CA LYS C 166 -28.77 -52.60 22.22
C LYS C 166 -29.51 -51.27 22.13
N VAL C 167 -29.28 -50.39 23.10
CA VAL C 167 -29.91 -49.08 23.16
C VAL C 167 -28.80 -48.03 23.13
N GLU C 168 -29.04 -46.93 22.40
CA GLU C 168 -28.09 -45.82 22.31
C GLU C 168 -28.85 -44.51 22.41
N ILE C 169 -28.41 -43.63 23.31
CA ILE C 169 -29.08 -42.37 23.60
C ILE C 169 -28.09 -41.22 23.42
N THR C 170 -28.46 -40.25 22.60
CA THR C 170 -27.74 -38.99 22.42
C THR C 170 -28.67 -37.82 22.73
N PRO C 171 -28.11 -36.64 23.02
CA PRO C 171 -28.98 -35.47 23.27
C PRO C 171 -29.84 -35.07 22.08
N ASN C 172 -29.56 -35.56 20.88
CA ASN C 172 -30.37 -35.20 19.72
C ASN C 172 -31.63 -36.05 19.61
N SER C 173 -31.63 -37.25 20.19
CA SER C 173 -32.81 -38.11 20.20
C SER C 173 -32.83 -38.90 21.50
N PRO C 174 -33.25 -38.27 22.60
CA PRO C 174 -33.12 -38.89 23.92
C PRO C 174 -34.06 -40.07 24.17
N ARG C 175 -34.93 -40.41 23.24
CA ARG C 175 -35.84 -41.54 23.40
C ARG C 175 -35.52 -42.60 22.36
N ALA C 176 -35.69 -43.86 22.75
CA ALA C 176 -35.46 -44.97 21.84
C ALA C 176 -36.42 -46.10 22.18
N GLU C 177 -36.68 -46.94 21.17
CA GLU C 177 -37.65 -48.02 21.27
C GLU C 177 -36.90 -49.35 21.22
N ALA C 178 -37.21 -50.22 22.17
CA ALA C 178 -36.52 -51.50 22.32
C ALA C 178 -37.37 -52.61 21.68
N THR C 179 -36.82 -53.25 20.64
CA THR C 179 -37.50 -54.39 20.05
C THR C 179 -37.36 -55.58 21.00
N LEU C 180 -38.47 -55.98 21.62
CA LEU C 180 -38.45 -56.98 22.67
C LEU C 180 -39.19 -58.26 22.30
N GLY C 181 -39.54 -58.44 21.04
CA GLY C 181 -40.25 -59.64 20.61
C GLY C 181 -41.53 -59.95 21.37
N GLY C 182 -41.53 -61.04 22.13
CA GLY C 182 -42.74 -61.48 22.80
C GLY C 182 -43.19 -60.59 23.94
N PHE C 183 -42.27 -59.85 24.54
CA PHE C 183 -42.59 -59.03 25.70
C PHE C 183 -43.02 -57.61 25.33
N GLY C 184 -43.17 -57.31 24.07
CA GLY C 184 -43.70 -56.02 23.65
C GLY C 184 -42.59 -55.01 23.37
N SER C 185 -42.64 -53.87 24.04
CA SER C 185 -41.67 -52.81 23.84
C SER C 185 -41.55 -51.99 25.12
N LEU C 186 -40.34 -51.54 25.40
CA LEU C 186 -40.03 -50.74 26.58
C LEU C 186 -39.71 -49.32 26.17
N GLY C 187 -40.18 -48.35 26.96
CA GLY C 187 -39.81 -46.96 26.74
C GLY C 187 -38.53 -46.61 27.49
N LEU C 188 -37.71 -45.77 26.87
CA LEU C 188 -36.44 -45.30 27.45
C LEU C 188 -36.32 -43.81 27.16
N ASP C 189 -36.80 -42.99 28.09
CA ASP C 189 -36.71 -41.53 28.00
C ASP C 189 -35.58 -41.09 28.92
N CYS C 190 -34.42 -40.80 28.35
CA CYS C 190 -33.21 -40.50 29.10
C CYS C 190 -32.88 -39.02 29.13
N GLU C 191 -32.07 -38.65 30.13
CA GLU C 191 -31.65 -37.28 30.39
C GLU C 191 -30.13 -37.25 30.24
N PRO C 192 -29.61 -37.22 29.01
CA PRO C 192 -28.15 -37.22 28.83
C PRO C 192 -27.48 -35.93 29.29
N ARG C 193 -28.22 -34.85 29.50
CA ARG C 193 -27.63 -33.56 29.78
C ARG C 193 -27.05 -33.49 31.19
N THR C 194 -27.43 -34.40 32.07
CA THR C 194 -27.00 -34.45 33.46
C THR C 194 -26.19 -35.72 33.71
N GLY C 195 -25.30 -36.05 32.78
CA GLY C 195 -24.55 -37.29 32.84
C GLY C 195 -23.13 -37.19 33.33
N LEU C 196 -22.37 -36.19 32.87
CA LEU C 196 -20.97 -36.07 33.29
C LEU C 196 -20.48 -34.66 33.01
N ASP C 197 -19.96 -34.00 34.04
CA ASP C 197 -19.41 -32.65 33.93
C ASP C 197 -18.07 -32.74 33.23
N PHE C 198 -18.07 -32.56 31.91
CA PHE C 198 -16.85 -32.61 31.12
C PHE C 198 -16.05 -31.31 31.17
N SER C 199 -16.40 -30.37 32.04
CA SER C 199 -15.64 -29.14 32.10
C SER C 199 -14.35 -29.28 32.89
N ASP C 200 -14.30 -30.21 33.85
CA ASP C 200 -13.14 -30.40 34.70
C ASP C 200 -12.28 -31.60 34.30
N LEU C 201 -12.42 -32.10 33.08
CA LEU C 201 -11.67 -33.27 32.65
C LEU C 201 -11.12 -33.03 31.25
N TYR C 202 -10.10 -33.82 30.88
CA TYR C 202 -9.51 -33.79 29.55
C TYR C 202 -9.29 -35.19 29.02
N TYR C 203 -9.13 -35.28 27.70
CA TYR C 203 -8.90 -36.54 26.99
C TYR C 203 -7.45 -36.60 26.54
N LEU C 204 -6.64 -37.36 27.28
CA LEU C 204 -5.24 -37.54 26.89
C LEU C 204 -5.14 -38.68 25.89
N THR C 205 -4.32 -38.50 24.86
CA THR C 205 -4.07 -39.53 23.86
C THR C 205 -2.57 -39.66 23.67
N MET C 206 -1.98 -40.68 24.29
CA MET C 206 -0.58 -41.02 24.12
C MET C 206 -0.43 -42.03 22.97
N ASN C 207 0.72 -42.68 22.88
CA ASN C 207 1.01 -43.63 21.81
C ASN C 207 0.17 -44.88 22.04
N ASN C 208 -1.09 -44.79 21.60
CA ASN C 208 -2.14 -45.81 21.78
C ASN C 208 -2.56 -46.05 23.23
N LYS C 209 -2.28 -45.12 24.14
CA LYS C 209 -2.81 -45.20 25.50
C LYS C 209 -3.55 -43.92 25.83
N HIS C 210 -4.67 -44.07 26.55
CA HIS C 210 -5.67 -43.02 26.69
C HIS C 210 -6.13 -42.93 28.13
N TRP C 211 -6.28 -41.69 28.62
CA TRP C 211 -6.63 -41.44 30.01
C TRP C 211 -7.69 -40.34 30.07
N LEU C 212 -8.15 -40.04 31.27
CA LEU C 212 -9.04 -38.92 31.52
C LEU C 212 -8.48 -38.11 32.69
N VAL C 213 -8.00 -36.90 32.40
CA VAL C 213 -7.28 -36.10 33.38
C VAL C 213 -7.96 -34.75 33.58
N HIS C 214 -7.70 -34.14 34.74
CA HIS C 214 -8.17 -32.80 35.02
C HIS C 214 -7.51 -31.78 34.10
N LYS C 215 -8.24 -30.70 33.82
CA LYS C 215 -7.71 -29.62 33.00
C LYS C 215 -6.67 -28.75 33.72
N GLU C 216 -6.67 -28.71 35.04
CA GLU C 216 -5.68 -27.92 35.75
C GLU C 216 -4.29 -28.53 35.66
N TRP C 217 -4.19 -29.86 35.76
CA TRP C 217 -2.90 -30.52 35.64
C TRP C 217 -2.36 -30.49 34.21
N PHE C 218 -3.25 -30.52 33.21
CA PHE C 218 -2.78 -30.66 31.85
C PHE C 218 -2.10 -29.39 31.35
N HIS C 219 -2.56 -28.23 31.81
CA HIS C 219 -1.95 -26.96 31.44
C HIS C 219 -0.68 -26.67 32.24
N ASP C 220 -0.33 -27.51 33.19
CA ASP C 220 0.87 -27.35 34.00
C ASP C 220 2.03 -28.20 33.51
N ILE C 221 1.87 -28.89 32.38
CA ILE C 221 2.91 -29.74 31.81
C ILE C 221 4.06 -28.87 31.35
N PRO C 222 5.29 -29.10 31.83
CA PRO C 222 6.46 -28.35 31.33
C PRO C 222 7.08 -28.98 30.08
N LEU C 223 6.40 -28.78 28.95
CA LEU C 223 6.85 -29.32 27.67
C LEU C 223 6.45 -28.34 26.58
N PRO C 224 7.05 -28.44 25.40
CA PRO C 224 6.64 -27.60 24.27
C PRO C 224 5.21 -27.93 23.83
N TRP C 225 4.42 -26.89 23.60
CA TRP C 225 3.02 -27.05 23.24
C TRP C 225 2.65 -26.08 22.13
N HIS C 226 1.53 -26.37 21.47
CA HIS C 226 1.01 -25.54 20.39
C HIS C 226 -0.51 -25.50 20.51
N ALA C 227 -1.09 -24.35 20.18
CA ALA C 227 -2.52 -24.13 20.37
C ALA C 227 -3.30 -24.50 19.12
N GLY C 228 -4.43 -25.17 19.32
CA GLY C 228 -5.31 -25.55 18.22
C GLY C 228 -4.70 -26.59 17.31
N ALA C 229 -4.88 -26.38 16.00
CA ALA C 229 -4.36 -27.32 15.01
C ALA C 229 -2.86 -27.14 14.82
N PRO C 234 3.00 -25.59 13.07
CA PRO C 234 2.80 -25.54 14.52
C PRO C 234 3.69 -24.50 15.20
N HIS C 235 3.12 -23.80 16.18
CA HIS C 235 3.80 -22.73 16.90
C HIS C 235 4.13 -23.23 18.30
N TRP C 236 5.41 -23.52 18.54
CA TRP C 236 5.84 -24.16 19.77
C TRP C 236 6.27 -23.12 20.80
N ASN C 237 5.72 -23.22 22.00
CA ASN C 237 6.13 -22.40 23.14
C ASN C 237 6.86 -23.29 24.14
N ASN C 238 7.67 -22.65 24.98
CA ASN C 238 8.42 -23.34 26.03
C ASN C 238 9.39 -24.37 25.43
N LYS C 239 10.26 -23.88 24.54
CA LYS C 239 11.26 -24.75 23.93
C LYS C 239 12.31 -25.21 24.92
N GLU C 240 12.52 -24.46 26.00
CA GLU C 240 13.56 -24.76 26.98
C GLU C 240 13.25 -26.00 27.80
N ALA C 241 12.03 -26.52 27.75
CA ALA C 241 11.65 -27.65 28.60
C ALA C 241 12.36 -28.93 28.19
N LEU C 242 12.63 -29.12 26.89
CA LEU C 242 13.21 -30.37 26.41
C LEU C 242 14.70 -30.27 26.10
N VAL C 243 15.29 -29.08 26.19
CA VAL C 243 16.69 -28.86 25.84
C VAL C 243 17.32 -28.03 26.95
N GLU C 244 18.47 -28.46 27.44
CA GLU C 244 19.23 -27.73 28.44
C GLU C 244 20.57 -27.29 27.88
N PHE C 245 20.93 -26.04 28.13
CA PHE C 245 22.23 -25.48 27.75
C PHE C 245 23.03 -25.31 29.04
N LYS C 246 24.00 -26.20 29.25
CA LYS C 246 24.82 -26.16 30.45
C LYS C 246 26.03 -25.26 30.21
N ASP C 247 26.16 -24.23 31.04
CA ASP C 247 27.31 -23.34 31.02
C ASP C 247 28.41 -23.92 31.90
N ALA C 248 29.63 -23.94 31.40
CA ALA C 248 30.75 -24.56 32.12
C ALA C 248 31.70 -23.46 32.61
N HIS C 249 31.38 -22.93 33.80
CA HIS C 249 32.24 -21.96 34.50
C HIS C 249 32.66 -20.81 33.61
N ALA C 250 31.78 -20.41 32.69
CA ALA C 250 32.02 -19.30 31.76
C ALA C 250 33.26 -19.57 30.92
N LYS C 251 33.50 -20.83 30.61
CA LYS C 251 34.61 -21.27 29.76
C LYS C 251 34.15 -22.13 28.59
N ARG C 252 33.20 -23.02 28.79
CA ARG C 252 32.75 -23.92 27.74
C ARG C 252 31.23 -24.05 27.75
N GLN C 253 30.70 -24.48 26.61
CA GLN C 253 29.26 -24.64 26.39
C GLN C 253 29.02 -25.94 25.63
N THR C 254 28.11 -26.75 26.15
CA THR C 254 27.72 -27.99 25.48
C THR C 254 26.22 -27.95 25.20
N VAL C 255 25.80 -28.66 24.15
CA VAL C 255 24.40 -28.71 23.74
C VAL C 255 23.98 -30.17 23.65
N VAL C 256 22.88 -30.52 24.33
CA VAL C 256 22.36 -31.87 24.32
C VAL C 256 20.84 -31.82 24.47
N VAL C 257 20.16 -32.79 23.87
CA VAL C 257 18.73 -32.95 24.06
C VAL C 257 18.50 -33.88 25.24
N LEU C 258 17.34 -33.75 25.88
CA LEU C 258 17.00 -34.62 27.00
C LEU C 258 16.34 -35.91 26.53
N GLY C 259 16.53 -36.96 27.31
CA GLY C 259 15.91 -38.24 27.02
C GLY C 259 14.40 -38.17 27.06
N SER C 260 13.77 -39.26 26.61
CA SER C 260 12.32 -39.30 26.49
C SER C 260 11.69 -39.19 27.88
N GLN C 261 10.74 -38.27 28.02
CA GLN C 261 10.06 -38.01 29.28
C GLN C 261 8.82 -38.87 29.49
N GLU C 262 8.71 -39.99 28.77
CA GLU C 262 7.53 -40.86 28.91
C GLU C 262 7.34 -41.33 30.34
N GLY C 263 8.43 -41.62 31.05
CA GLY C 263 8.30 -42.14 32.41
C GLY C 263 7.86 -41.09 33.40
N ALA C 264 8.31 -39.85 33.24
CA ALA C 264 7.93 -38.79 34.17
C ALA C 264 6.43 -38.53 34.15
N VAL C 265 5.79 -38.64 32.97
CA VAL C 265 4.35 -38.43 32.89
C VAL C 265 3.59 -39.65 33.39
N HIS C 266 3.99 -40.84 32.97
CA HIS C 266 3.32 -42.06 33.40
C HIS C 266 3.34 -42.18 34.92
N THR C 267 4.40 -41.69 35.56
CA THR C 267 4.42 -41.65 37.02
C THR C 267 3.43 -40.62 37.54
N ALA C 268 3.36 -39.46 36.89
CA ALA C 268 2.42 -38.43 37.30
C ALA C 268 0.97 -38.83 36.99
N LEU C 269 0.76 -39.66 35.97
CA LEU C 269 -0.56 -40.09 35.55
C LEU C 269 -1.20 -41.08 36.52
N ALA C 270 -0.57 -41.38 37.66
CA ALA C 270 -1.13 -42.30 38.63
C ALA C 270 -2.39 -41.70 39.23
N GLY C 271 -3.55 -42.23 38.83
CA GLY C 271 -4.81 -41.68 39.29
C GLY C 271 -5.83 -41.43 38.20
N ALA C 272 -5.36 -41.24 36.97
CA ALA C 272 -6.26 -40.92 35.86
C ALA C 272 -7.09 -42.13 35.44
N LEU C 273 -8.30 -41.85 34.95
CA LEU C 273 -9.22 -42.87 34.46
C LEU C 273 -8.81 -43.30 33.06
N GLU C 274 -8.60 -44.60 32.88
CA GLU C 274 -8.16 -45.12 31.59
C GLU C 274 -9.35 -45.35 30.67
N ALA C 275 -9.06 -45.42 29.36
CA ALA C 275 -10.08 -45.67 28.35
C ALA C 275 -9.49 -46.57 27.28
N GLU C 276 -10.32 -46.96 26.31
CA GLU C 276 -9.88 -47.79 25.20
C GLU C 276 -10.55 -47.29 23.92
N MET C 277 -10.04 -47.77 22.79
CA MET C 277 -10.49 -47.31 21.47
C MET C 277 -11.15 -48.44 20.70
N ASP C 278 -12.30 -48.15 20.11
CA ASP C 278 -12.96 -49.07 19.17
C ASP C 278 -12.59 -48.70 17.73
N GLY C 279 -11.30 -48.83 17.43
CA GLY C 279 -10.83 -48.44 16.12
C GLY C 279 -10.48 -46.96 16.08
N ALA C 280 -11.41 -46.15 15.57
CA ALA C 280 -11.24 -44.71 15.56
C ALA C 280 -12.09 -44.00 16.60
N LYS C 281 -13.11 -44.66 17.13
CA LYS C 281 -13.93 -44.13 18.21
C LYS C 281 -13.44 -44.68 19.55
N GLY C 282 -13.33 -43.80 20.54
CA GLY C 282 -12.83 -44.16 21.84
C GLY C 282 -13.96 -44.34 22.83
N ARG C 283 -13.94 -45.46 23.52
CA ARG C 283 -14.96 -45.78 24.52
C ARG C 283 -14.43 -45.49 25.92
N LEU C 284 -15.35 -45.13 26.81
CA LEU C 284 -15.02 -44.76 28.17
C LEU C 284 -15.58 -45.80 29.14
N SER C 285 -15.01 -45.80 30.35
CA SER C 285 -15.39 -46.73 31.41
C SER C 285 -15.76 -45.98 32.69
N SER C 286 -16.21 -44.72 32.57
CA SER C 286 -16.57 -43.93 33.72
C SER C 286 -17.61 -42.88 33.29
N GLY C 287 -18.48 -42.53 34.22
CA GLY C 287 -19.56 -41.59 33.98
C GLY C 287 -20.90 -42.20 34.30
N HIS C 288 -21.87 -41.39 34.73
CA HIS C 288 -23.21 -41.89 35.05
C HIS C 288 -24.24 -41.22 34.15
N LEU C 289 -25.48 -41.71 34.24
CA LEU C 289 -26.55 -41.26 33.35
C LEU C 289 -27.89 -41.61 33.98
N LYS C 290 -28.73 -40.60 34.19
CA LYS C 290 -30.08 -40.81 34.72
C LYS C 290 -31.08 -40.93 33.58
N CYS C 291 -31.98 -41.91 33.69
CA CYS C 291 -33.01 -42.13 32.70
C CYS C 291 -34.37 -42.30 33.38
N ARG C 292 -35.42 -42.13 32.59
CA ARG C 292 -36.80 -42.34 33.02
C ARG C 292 -37.41 -43.41 32.14
N LEU C 293 -37.95 -44.46 32.77
CA LEU C 293 -38.41 -45.65 32.06
C LEU C 293 -39.94 -45.76 32.09
N LYS C 294 -40.52 -46.11 30.96
CA LYS C 294 -41.96 -46.25 30.82
C LYS C 294 -42.35 -47.72 31.04
N MET C 295 -43.22 -47.96 32.01
CA MET C 295 -43.72 -49.30 32.30
C MET C 295 -45.10 -49.58 31.70
N ASP C 296 -45.76 -48.56 31.14
CA ASP C 296 -47.12 -48.73 30.65
C ASP C 296 -47.18 -49.68 29.46
N LYS C 297 -46.44 -49.37 28.39
CA LYS C 297 -46.51 -50.17 27.17
C LYS C 297 -45.70 -51.46 27.26
N LEU C 298 -44.93 -51.65 28.33
CA LEU C 298 -44.15 -52.86 28.53
C LEU C 298 -45.01 -53.91 29.23
N ARG C 299 -45.17 -55.08 28.60
CA ARG C 299 -46.04 -56.13 29.08
C ARG C 299 -45.25 -57.41 29.33
N LEU C 300 -45.83 -58.26 30.17
CA LEU C 300 -45.33 -59.62 30.37
C LEU C 300 -45.75 -60.51 29.20
N LYS C 301 -45.41 -61.79 29.29
CA LYS C 301 -45.79 -62.75 28.26
C LYS C 301 -45.90 -64.12 28.93
N GLY C 302 -47.11 -64.49 29.28
CA GLY C 302 -47.35 -65.82 29.81
C GLY C 302 -48.04 -65.87 31.15
N VAL C 303 -48.77 -64.80 31.51
CA VAL C 303 -49.50 -64.82 32.76
C VAL C 303 -50.74 -65.70 32.61
N SER C 304 -51.24 -65.83 31.38
CA SER C 304 -52.36 -66.73 31.09
C SER C 304 -51.90 -68.15 30.82
N TYR C 305 -50.60 -68.40 30.77
CA TYR C 305 -50.08 -69.73 30.51
C TYR C 305 -50.58 -70.72 31.56
N SER C 306 -50.64 -71.98 31.19
CA SER C 306 -51.02 -73.00 32.14
C SER C 306 -49.86 -73.28 33.10
N LEU C 307 -50.18 -74.00 34.18
CA LEU C 307 -49.18 -74.36 35.16
C LEU C 307 -48.34 -75.52 34.65
N CYS C 308 -47.04 -75.48 34.90
CA CYS C 308 -46.14 -76.55 34.47
C CYS C 308 -46.47 -77.82 35.23
N THR C 309 -46.99 -78.83 34.52
CA THR C 309 -47.42 -80.04 35.20
C THR C 309 -46.28 -81.01 35.43
N ALA C 310 -45.27 -81.01 34.55
CA ALA C 310 -44.18 -81.96 34.69
C ALA C 310 -43.19 -81.48 35.75
N ALA C 311 -42.23 -82.35 36.08
CA ALA C 311 -41.33 -82.13 37.19
C ALA C 311 -40.15 -81.23 36.78
N PHE C 312 -39.48 -80.70 37.80
CA PHE C 312 -38.27 -79.92 37.64
C PHE C 312 -37.12 -80.63 38.33
N THR C 313 -35.90 -80.32 37.89
CA THR C 313 -34.70 -80.98 38.38
C THR C 313 -33.65 -79.95 38.77
N PHE C 314 -33.16 -80.04 40.01
CA PHE C 314 -32.07 -79.18 40.45
C PHE C 314 -30.83 -79.44 39.63
N THR C 315 -30.44 -78.49 38.78
CA THR C 315 -29.23 -78.66 38.01
C THR C 315 -27.99 -78.21 38.78
N LYS C 316 -28.10 -77.19 39.63
CA LYS C 316 -26.96 -76.69 40.38
C LYS C 316 -27.36 -76.46 41.84
N ILE C 317 -26.33 -76.31 42.68
CA ILE C 317 -26.47 -76.10 44.11
C ILE C 317 -27.07 -74.72 44.38
N PRO C 318 -28.22 -74.64 45.03
CA PRO C 318 -28.77 -73.32 45.40
C PRO C 318 -27.82 -72.57 46.31
N ALA C 319 -27.52 -71.34 45.93
CA ALA C 319 -26.57 -70.49 46.60
C ALA C 319 -27.21 -69.14 46.91
N GLU C 320 -26.44 -68.28 47.58
CA GLU C 320 -26.88 -66.98 48.04
C GLU C 320 -26.28 -65.88 47.19
N THR C 321 -26.95 -64.72 47.19
CA THR C 321 -26.47 -63.54 46.48
C THR C 321 -25.95 -62.51 47.47
N LEU C 322 -25.54 -61.36 46.95
CA LEU C 322 -24.97 -60.33 47.79
C LEU C 322 -26.02 -59.49 48.53
N HIS C 323 -27.30 -59.71 48.27
CA HIS C 323 -28.36 -58.89 48.87
C HIS C 323 -29.38 -59.70 49.63
N GLY C 324 -29.27 -61.03 49.65
CA GLY C 324 -30.18 -61.87 50.40
C GLY C 324 -31.06 -62.74 49.55
N THR C 325 -30.96 -62.65 48.22
CA THR C 325 -31.82 -63.44 47.36
C THR C 325 -31.18 -64.79 47.06
N VAL C 326 -32.02 -65.73 46.66
CA VAL C 326 -31.60 -67.09 46.35
C VAL C 326 -31.99 -67.38 44.91
N THR C 327 -31.01 -67.81 44.12
CA THR C 327 -31.26 -68.24 42.74
C THR C 327 -31.11 -69.75 42.64
N VAL C 328 -31.91 -70.34 41.76
CA VAL C 328 -31.89 -71.78 41.54
C VAL C 328 -31.92 -72.04 40.04
N GLU C 329 -31.02 -72.89 39.58
CA GLU C 329 -30.97 -73.34 38.19
C GLU C 329 -31.68 -74.68 38.11
N VAL C 330 -32.57 -74.84 37.11
CA VAL C 330 -33.43 -76.02 37.01
C VAL C 330 -33.59 -76.46 35.56
N GLN C 331 -33.96 -77.73 35.41
CA GLN C 331 -34.24 -78.33 34.10
C GLN C 331 -35.67 -78.87 34.11
N TYR C 332 -36.45 -78.51 33.08
CA TYR C 332 -37.84 -78.92 32.95
C TYR C 332 -37.95 -79.92 31.82
N ALA C 333 -38.18 -81.20 32.16
CA ALA C 333 -38.33 -82.24 31.16
C ALA C 333 -39.70 -82.24 30.47
N GLY C 334 -40.60 -81.32 30.82
CA GLY C 334 -41.94 -81.36 30.28
C GLY C 334 -42.03 -80.87 28.85
N THR C 335 -43.05 -81.33 28.16
CA THR C 335 -43.28 -80.96 26.77
C THR C 335 -44.57 -80.20 26.53
N ASP C 336 -45.32 -79.89 27.59
CA ASP C 336 -46.54 -79.10 27.44
C ASP C 336 -46.26 -77.60 27.39
N GLY C 337 -45.00 -77.20 27.42
CA GLY C 337 -44.65 -75.79 27.37
C GLY C 337 -45.08 -75.12 26.08
N PRO C 338 -45.15 -73.77 26.08
CA PRO C 338 -44.86 -72.86 27.19
C PRO C 338 -45.83 -72.96 28.36
N CYS C 339 -45.31 -72.94 29.59
CA CYS C 339 -46.10 -73.08 30.81
C CYS C 339 -45.58 -72.12 31.87
N LYS C 340 -46.48 -71.68 32.74
CA LYS C 340 -46.11 -70.86 33.88
C LYS C 340 -45.53 -71.74 34.99
N VAL C 341 -44.28 -71.50 35.35
CA VAL C 341 -43.60 -72.29 36.38
C VAL C 341 -44.20 -71.98 37.75
N PRO C 342 -44.74 -72.97 38.45
CA PRO C 342 -45.29 -72.69 39.78
C PRO C 342 -44.17 -72.37 40.75
N ALA C 343 -44.11 -71.13 41.22
CA ALA C 343 -43.07 -70.68 42.12
C ALA C 343 -43.69 -69.78 43.18
N GLN C 344 -43.32 -69.99 44.44
CA GLN C 344 -43.83 -69.19 45.54
C GLN C 344 -43.04 -69.53 46.79
N MET C 345 -43.21 -68.69 47.81
CA MET C 345 -42.65 -68.94 49.13
C MET C 345 -43.77 -69.29 50.09
N ALA C 346 -43.42 -70.03 51.14
CA ALA C 346 -44.37 -70.42 52.17
C ALA C 346 -43.70 -70.33 53.53
N VAL C 347 -44.43 -69.77 54.50
CA VAL C 347 -43.95 -69.75 55.88
C VAL C 347 -44.41 -71.01 56.60
N ASP C 348 -45.55 -71.58 56.19
CA ASP C 348 -46.04 -72.85 56.69
C ASP C 348 -46.30 -73.73 55.47
N MET C 349 -45.61 -74.85 55.39
CA MET C 349 -45.79 -75.76 54.25
C MET C 349 -47.11 -76.48 54.31
N GLN C 350 -47.82 -76.39 55.45
CA GLN C 350 -49.14 -76.97 55.59
C GLN C 350 -50.20 -76.02 55.05
N THR C 351 -50.11 -74.75 55.45
CA THR C 351 -51.01 -73.73 54.93
C THR C 351 -50.62 -73.27 53.53
N LEU C 352 -49.34 -73.37 53.17
CA LEU C 352 -48.83 -72.87 51.89
C LEU C 352 -49.12 -71.39 51.73
N THR C 353 -48.97 -70.64 52.82
CA THR C 353 -49.28 -69.22 52.82
C THR C 353 -48.30 -68.48 51.92
N PRO C 354 -48.77 -67.74 50.91
CA PRO C 354 -47.83 -67.05 50.02
C PRO C 354 -47.18 -65.84 50.66
N VAL C 355 -45.92 -65.99 51.05
CA VAL C 355 -45.14 -64.91 51.64
C VAL C 355 -44.11 -64.42 50.64
N GLY C 356 -43.64 -63.20 50.86
CA GLY C 356 -42.63 -62.61 50.00
C GLY C 356 -43.10 -62.34 48.59
N ARG C 357 -42.14 -62.43 47.66
CA ARG C 357 -42.38 -62.06 46.27
C ARG C 357 -41.38 -62.76 45.38
N LEU C 358 -41.80 -63.04 44.14
CA LEU C 358 -40.92 -63.63 43.13
C LEU C 358 -40.14 -62.53 42.42
N ILE C 359 -38.84 -62.73 42.28
CA ILE C 359 -38.02 -61.76 41.54
C ILE C 359 -38.21 -61.94 40.04
N THR C 360 -37.95 -63.15 39.53
CA THR C 360 -38.20 -63.43 38.13
C THR C 360 -39.70 -63.47 37.90
N ALA C 361 -40.24 -62.35 37.43
CA ALA C 361 -41.69 -62.15 37.32
C ALA C 361 -42.29 -63.09 36.28
N ASN C 362 -43.28 -63.87 36.70
CA ASN C 362 -44.00 -64.81 35.83
C ASN C 362 -43.04 -65.74 35.10
N PRO C 363 -42.47 -66.72 35.80
CA PRO C 363 -41.54 -67.65 35.13
C PRO C 363 -42.25 -68.47 34.06
N VAL C 364 -41.65 -68.48 32.87
CA VAL C 364 -42.24 -69.11 31.70
C VAL C 364 -41.21 -70.01 31.03
N ILE C 365 -41.68 -71.12 30.49
CA ILE C 365 -40.88 -71.99 29.64
C ILE C 365 -41.08 -71.59 28.19
N THR C 366 -40.00 -71.68 27.40
CA THR C 366 -40.03 -71.25 26.01
C THR C 366 -40.31 -72.41 25.06
N GLU C 367 -39.44 -73.42 25.08
CA GLU C 367 -39.54 -74.54 24.15
C GLU C 367 -40.46 -75.62 24.69
N SER C 368 -41.23 -76.23 23.78
CA SER C 368 -42.02 -77.40 24.12
C SER C 368 -41.21 -78.69 24.04
N THR C 369 -39.94 -78.60 23.67
CA THR C 369 -39.07 -79.76 23.63
C THR C 369 -38.47 -80.01 25.01
N GLU C 370 -38.19 -81.28 25.31
CA GLU C 370 -37.73 -81.63 26.64
C GLU C 370 -36.27 -81.20 26.84
N ASN C 371 -35.82 -81.29 28.09
CA ASN C 371 -34.42 -81.09 28.45
C ASN C 371 -33.95 -79.66 28.20
N SER C 372 -34.85 -78.68 28.31
CA SER C 372 -34.47 -77.28 28.19
C SER C 372 -34.12 -76.74 29.57
N LYS C 373 -33.09 -75.90 29.62
CA LYS C 373 -32.57 -75.39 30.87
C LYS C 373 -33.18 -74.03 31.20
N MET C 374 -33.32 -73.76 32.49
CA MET C 374 -33.95 -72.53 32.97
C MET C 374 -33.43 -72.22 34.36
N MET C 375 -33.35 -70.93 34.67
CA MET C 375 -32.87 -70.46 35.96
C MET C 375 -33.72 -69.28 36.39
N LEU C 376 -34.00 -69.19 37.69
CA LEU C 376 -34.89 -68.17 38.23
C LEU C 376 -34.32 -67.58 39.50
N GLU C 377 -34.86 -66.40 39.84
CA GLU C 377 -34.42 -65.62 40.99
C GLU C 377 -35.57 -65.54 41.98
N LEU C 378 -35.23 -65.52 43.28
CA LEU C 378 -36.24 -65.59 44.32
C LEU C 378 -35.97 -64.56 45.40
N ASP C 379 -37.04 -64.05 46.01
CA ASP C 379 -36.96 -63.08 47.09
C ASP C 379 -37.65 -63.69 48.31
N PRO C 380 -36.89 -64.26 49.25
CA PRO C 380 -37.51 -64.87 50.42
C PRO C 380 -37.94 -63.83 51.44
N PRO C 381 -38.82 -64.19 52.37
CA PRO C 381 -39.19 -63.26 53.44
C PRO C 381 -38.14 -63.22 54.54
N PHE C 382 -38.24 -62.18 55.37
CA PHE C 382 -37.37 -62.06 56.53
C PHE C 382 -37.64 -63.22 57.49
N GLY C 383 -36.57 -63.84 57.96
CA GLY C 383 -36.72 -64.95 58.89
C GLY C 383 -36.80 -66.30 58.20
N ASP C 384 -37.59 -67.20 58.75
CA ASP C 384 -37.65 -68.58 58.32
C ASP C 384 -38.62 -68.75 57.15
N SER C 385 -38.27 -69.66 56.23
CA SER C 385 -39.08 -69.98 55.07
C SER C 385 -38.54 -71.27 54.46
N TYR C 386 -39.29 -71.80 53.49
CA TYR C 386 -38.87 -72.95 52.71
C TYR C 386 -39.20 -72.69 51.25
N ILE C 387 -38.22 -72.86 50.39
CA ILE C 387 -38.37 -72.58 48.96
C ILE C 387 -39.12 -73.74 48.31
N VAL C 388 -40.37 -73.49 47.92
CA VAL C 388 -41.22 -74.49 47.28
C VAL C 388 -41.59 -73.98 45.89
N ILE C 389 -41.10 -74.67 44.86
CA ILE C 389 -41.46 -74.37 43.48
C ILE C 389 -42.03 -75.64 42.83
N GLY C 390 -42.97 -75.46 41.91
CA GLY C 390 -43.64 -76.59 41.30
C GLY C 390 -45.01 -76.84 41.91
N VAL C 391 -45.69 -77.84 41.35
CA VAL C 391 -46.99 -78.27 41.86
C VAL C 391 -47.02 -79.79 41.93
N GLY C 392 -47.79 -80.30 42.89
CA GLY C 392 -47.89 -81.72 43.10
C GLY C 392 -46.76 -82.26 43.95
N GLU C 393 -46.57 -83.58 43.88
CA GLU C 393 -45.51 -84.25 44.63
C GLU C 393 -44.17 -84.18 43.91
N LYS C 394 -44.15 -83.73 42.66
CA LYS C 394 -42.93 -83.64 41.88
C LYS C 394 -42.33 -82.24 41.94
N LYS C 395 -42.87 -81.38 42.78
CA LYS C 395 -42.27 -80.09 43.07
C LYS C 395 -41.00 -80.28 43.88
N ILE C 396 -40.04 -79.38 43.70
CA ILE C 396 -38.76 -79.47 44.40
C ILE C 396 -38.72 -78.39 45.47
N THR C 397 -38.22 -78.77 46.65
CA THR C 397 -38.23 -77.89 47.81
C THR C 397 -36.84 -77.82 48.42
N HIS C 398 -36.46 -76.61 48.86
CA HIS C 398 -35.16 -76.40 49.49
C HIS C 398 -35.34 -75.54 50.73
N HIS C 399 -34.37 -75.65 51.63
CA HIS C 399 -34.38 -74.93 52.90
C HIS C 399 -33.67 -73.58 52.79
N TRP C 400 -34.16 -72.62 53.56
CA TRP C 400 -33.49 -71.33 53.67
C TRP C 400 -33.83 -70.65 54.99
N HIS C 401 -32.92 -69.81 55.44
CA HIS C 401 -33.05 -69.09 56.71
C HIS C 401 -32.37 -67.73 56.54
N ARG C 402 -32.93 -66.72 57.20
CA ARG C 402 -32.43 -65.35 57.10
C ARG C 402 -31.86 -64.93 58.46
N SER C 403 -30.69 -64.30 58.42
CA SER C 403 -30.01 -63.82 59.63
C SER C 403 -29.70 -64.97 60.59
N ILE D 1 52.42 -20.91 29.26
CA ILE D 1 51.75 -19.84 28.55
C ILE D 1 50.29 -20.18 28.34
N ARG D 2 49.87 -21.33 28.85
CA ARG D 2 48.52 -21.81 28.59
C ARG D 2 47.46 -21.14 29.45
N CYS D 3 47.85 -20.36 30.45
CA CYS D 3 46.91 -19.58 31.25
C CYS D 3 46.45 -18.30 30.56
N ILE D 4 47.05 -17.92 29.43
CA ILE D 4 46.72 -16.66 28.79
C ILE D 4 45.36 -16.79 28.11
N GLY D 5 44.34 -16.21 28.73
CA GLY D 5 43.00 -16.17 28.15
C GLY D 5 41.94 -16.79 29.03
N VAL D 6 42.33 -17.63 30.00
CA VAL D 6 41.36 -18.31 30.86
C VAL D 6 40.87 -17.33 31.92
N SER D 7 39.56 -17.36 32.18
CA SER D 7 38.96 -16.41 33.11
C SER D 7 39.41 -16.66 34.55
N ASN D 8 39.56 -17.92 34.93
CA ASN D 8 39.93 -18.27 36.30
C ASN D 8 41.45 -18.23 36.43
N ARG D 9 41.98 -17.00 36.43
CA ARG D 9 43.41 -16.78 36.52
C ARG D 9 43.76 -15.93 37.73
N ASP D 10 44.67 -16.43 38.57
CA ASP D 10 45.14 -15.74 39.76
C ASP D 10 46.66 -15.60 39.70
N PHE D 11 47.17 -14.45 40.12
CA PHE D 11 48.62 -14.19 40.12
C PHE D 11 49.14 -14.28 41.55
N VAL D 12 49.78 -15.41 41.87
CA VAL D 12 50.35 -15.65 43.19
C VAL D 12 51.86 -15.47 43.13
N GLU D 13 52.43 -14.82 44.14
CA GLU D 13 53.86 -14.54 44.19
C GLU D 13 54.41 -14.87 45.58
N GLY D 14 55.26 -15.91 45.64
CA GLY D 14 55.89 -16.28 46.90
C GLY D 14 56.85 -15.22 47.42
N MET D 15 57.20 -15.36 48.70
CA MET D 15 58.13 -14.46 49.36
C MET D 15 59.53 -14.56 48.77
N SER D 16 60.28 -13.46 48.86
CA SER D 16 61.66 -13.43 48.40
C SER D 16 62.55 -14.23 49.35
N GLY D 17 63.17 -15.29 48.85
CA GLY D 17 64.03 -16.14 49.64
C GLY D 17 63.38 -17.40 50.17
N GLY D 18 62.05 -17.44 50.23
CA GLY D 18 61.38 -18.64 50.70
C GLY D 18 61.48 -19.76 49.69
N THR D 19 61.44 -20.99 50.20
CA THR D 19 61.57 -22.18 49.37
C THR D 19 60.23 -22.85 49.05
N TRP D 20 59.28 -22.85 49.98
CA TRP D 20 58.02 -23.55 49.80
C TRP D 20 56.97 -22.61 49.23
N VAL D 21 56.15 -23.10 48.30
CA VAL D 21 55.09 -22.33 47.66
C VAL D 21 53.86 -23.22 47.52
N ASP D 22 52.73 -22.79 48.08
CA ASP D 22 51.48 -23.52 47.99
C ASP D 22 50.60 -22.96 46.89
N VAL D 23 49.97 -23.84 46.11
CA VAL D 23 49.03 -23.46 45.07
C VAL D 23 47.81 -24.38 45.15
N VAL D 24 46.71 -23.92 44.55
CA VAL D 24 45.45 -24.66 44.52
C VAL D 24 45.04 -24.80 43.06
N LEU D 25 45.02 -26.04 42.56
CA LEU D 25 44.74 -26.33 41.17
C LEU D 25 43.28 -26.69 41.00
N GLU D 26 42.56 -25.92 40.18
CA GLU D 26 41.14 -26.10 39.96
C GLU D 26 40.86 -26.68 38.58
N HIS D 27 39.68 -27.28 38.45
CA HIS D 27 39.22 -27.78 37.16
C HIS D 27 38.72 -26.62 36.31
N GLY D 28 39.23 -26.52 35.09
CA GLY D 28 38.96 -25.38 34.25
C GLY D 28 39.72 -24.13 34.61
N GLY D 29 40.35 -24.10 35.78
CA GLY D 29 41.13 -22.97 36.22
C GLY D 29 42.61 -23.14 35.94
N CYS D 30 43.34 -22.02 36.02
CA CYS D 30 44.74 -21.95 35.63
C CYS D 30 45.47 -21.13 36.68
N VAL D 31 46.62 -21.62 37.13
CA VAL D 31 47.39 -20.98 38.19
C VAL D 31 48.73 -20.56 37.62
N THR D 32 48.99 -19.26 37.58
CA THR D 32 50.25 -18.71 37.13
C THR D 32 51.02 -18.29 38.39
N VAL D 33 52.06 -19.06 38.73
CA VAL D 33 52.79 -18.86 39.97
C VAL D 33 54.06 -18.09 39.68
N MET D 34 54.34 -17.10 40.52
CA MET D 34 55.51 -16.25 40.38
C MET D 34 56.32 -16.29 41.67
N ALA D 35 57.61 -15.97 41.55
CA ALA D 35 58.48 -15.89 42.71
C ALA D 35 59.60 -14.91 42.41
N GLN D 36 60.16 -14.35 43.47
CA GLN D 36 61.21 -13.35 43.32
C GLN D 36 62.49 -14.01 42.82
N ASP D 37 63.05 -13.47 41.74
CA ASP D 37 64.28 -13.98 41.12
C ASP D 37 64.11 -15.40 40.58
N LYS D 38 62.89 -15.74 40.16
CA LYS D 38 62.58 -17.08 39.68
C LYS D 38 61.74 -17.00 38.42
N PRO D 39 61.80 -18.02 37.57
CA PRO D 39 61.08 -17.97 36.29
C PRO D 39 59.57 -18.12 36.48
N THR D 40 58.84 -17.57 35.52
CA THR D 40 57.38 -17.66 35.50
C THR D 40 56.94 -18.97 34.88
N VAL D 41 56.27 -19.81 35.67
CA VAL D 41 55.83 -21.13 35.22
C VAL D 41 54.35 -21.27 35.55
N ASP D 42 53.64 -22.00 34.69
CA ASP D 42 52.23 -22.29 34.87
C ASP D 42 52.04 -23.73 35.31
N ILE D 43 51.16 -23.92 36.30
CA ILE D 43 50.81 -25.24 36.80
C ILE D 43 49.28 -25.34 36.80
N GLU D 44 48.76 -26.36 36.13
CA GLU D 44 47.30 -26.52 35.99
C GLU D 44 46.92 -27.98 36.14
N LEU D 45 45.87 -28.24 36.91
CA LEU D 45 45.28 -29.57 37.02
C LEU D 45 44.29 -29.75 35.88
N VAL D 46 44.61 -30.64 34.94
CA VAL D 46 43.83 -30.78 33.72
C VAL D 46 42.70 -31.79 33.89
N THR D 47 43.03 -33.00 34.30
CA THR D 47 42.03 -34.07 34.37
C THR D 47 42.22 -34.87 35.65
N THR D 48 41.10 -35.30 36.23
CA THR D 48 41.06 -36.18 37.39
C THR D 48 40.53 -37.54 36.95
N THR D 49 41.31 -38.58 37.20
CA THR D 49 40.99 -39.93 36.76
C THR D 49 40.89 -40.85 37.96
N VAL D 50 39.73 -41.46 38.16
CA VAL D 50 39.49 -42.44 39.21
C VAL D 50 39.40 -43.81 38.57
N SER D 51 40.08 -44.79 39.15
CA SER D 51 40.17 -46.15 38.63
C SER D 51 39.59 -47.12 39.65
N ASN D 52 39.58 -48.41 39.27
CA ASN D 52 39.13 -49.51 40.13
C ASN D 52 37.71 -49.28 40.65
N MET D 53 36.78 -49.20 39.71
CA MET D 53 35.37 -49.08 40.03
C MET D 53 34.75 -50.45 40.30
N ALA D 54 33.89 -50.51 41.31
CA ALA D 54 33.19 -51.73 41.68
C ALA D 54 31.72 -51.43 41.92
N GLU D 55 30.86 -52.39 41.62
CA GLU D 55 29.43 -52.18 41.73
C GLU D 55 28.99 -51.96 43.17
N VAL D 56 28.03 -51.05 43.34
CA VAL D 56 27.42 -50.81 44.64
C VAL D 56 25.93 -51.07 44.50
N ARG D 57 25.30 -50.38 43.56
CA ARG D 57 23.87 -50.46 43.35
C ARG D 57 23.58 -50.09 41.91
N SER D 58 22.76 -50.89 41.24
CA SER D 58 22.42 -50.68 39.83
C SER D 58 20.92 -50.50 39.71
N TYR D 59 20.51 -49.42 39.05
CA TYR D 59 19.10 -49.12 38.87
C TYR D 59 18.66 -49.45 37.44
N CYS D 60 17.43 -49.95 37.32
CA CYS D 60 16.83 -50.25 36.03
C CYS D 60 15.88 -49.12 35.65
N TYR D 61 16.06 -48.59 34.44
CA TYR D 61 15.20 -47.56 33.90
C TYR D 61 14.41 -48.01 32.68
N GLU D 62 14.61 -49.24 32.21
CA GLU D 62 13.80 -49.80 31.13
C GLU D 62 13.70 -51.30 31.34
N ALA D 63 12.48 -51.79 31.53
CA ALA D 63 12.23 -53.19 31.85
C ALA D 63 11.31 -53.81 30.81
N SER D 64 11.07 -55.12 30.96
CA SER D 64 10.16 -55.86 30.09
C SER D 64 9.62 -57.04 30.88
N ILE D 65 8.43 -57.51 30.48
CA ILE D 65 7.72 -58.58 31.17
C ILE D 65 7.28 -59.61 30.15
N SER D 66 7.02 -60.82 30.64
CA SER D 66 6.51 -61.88 29.77
C SER D 66 5.89 -62.99 30.60
N ASP D 67 5.08 -63.82 29.93
CA ASP D 67 4.56 -65.07 30.48
C ASP D 67 3.78 -64.81 31.77
N MET D 68 2.67 -64.10 31.61
CA MET D 68 1.78 -63.78 32.73
C MET D 68 0.73 -64.87 32.91
N ALA D 69 0.42 -65.18 34.17
CA ALA D 69 -0.62 -66.15 34.51
C ALA D 69 -1.35 -65.65 35.76
N SER D 70 -2.59 -66.09 35.91
CA SER D 70 -3.48 -65.58 36.95
C SER D 70 -4.07 -66.75 37.74
N ASP D 71 -4.69 -66.41 38.88
CA ASP D 71 -5.47 -67.35 39.65
C ASP D 71 -6.37 -66.58 40.60
N SER D 72 -7.63 -67.02 40.70
CA SER D 72 -8.63 -66.39 41.54
C SER D 72 -9.21 -67.43 42.48
N ARG D 73 -9.88 -66.97 43.53
CA ARG D 73 -10.42 -67.86 44.55
C ARG D 73 -11.86 -67.48 44.87
N CYS D 74 -12.62 -68.45 45.36
CA CYS D 74 -14.01 -68.23 45.73
C CYS D 74 -14.11 -67.57 47.12
N PRO D 75 -15.27 -66.99 47.45
CA PRO D 75 -15.41 -66.34 48.76
C PRO D 75 -15.24 -67.33 49.90
N THR D 76 -14.60 -66.87 50.97
CA THR D 76 -14.35 -67.63 52.20
C THR D 76 -13.53 -68.88 51.96
N GLN D 77 -12.95 -69.03 50.77
CA GLN D 77 -12.12 -70.17 50.43
C GLN D 77 -10.63 -69.94 50.70
N GLY D 78 -10.27 -68.82 51.30
CA GLY D 78 -8.87 -68.49 51.55
C GLY D 78 -8.32 -67.49 50.56
N GLU D 79 -7.03 -67.22 50.71
CA GLU D 79 -6.29 -66.26 49.90
C GLU D 79 -5.76 -66.91 48.63
N ALA D 80 -5.42 -66.08 47.65
CA ALA D 80 -4.93 -66.55 46.36
C ALA D 80 -3.41 -66.67 46.38
N TYR D 81 -2.92 -67.71 45.70
CA TYR D 81 -1.49 -67.96 45.61
C TYR D 81 -1.16 -68.58 44.26
N LEU D 82 -0.01 -68.21 43.71
CA LEU D 82 0.51 -68.87 42.53
C LEU D 82 1.93 -69.34 42.80
N ASP D 83 2.31 -70.42 42.10
CA ASP D 83 3.58 -71.11 42.37
C ASP D 83 4.80 -70.25 42.09
N LYS D 84 4.68 -69.22 41.27
CA LYS D 84 5.80 -68.36 40.94
C LYS D 84 5.98 -67.22 41.92
N GLN D 85 5.10 -67.09 42.92
CA GLN D 85 5.35 -66.15 44.00
C GLN D 85 6.69 -66.42 44.67
N SER D 86 7.14 -67.67 44.66
CA SER D 86 8.46 -68.04 45.15
C SER D 86 9.55 -67.83 44.12
N ASP D 87 9.23 -67.27 42.95
CA ASP D 87 10.20 -66.99 41.91
C ASP D 87 10.51 -65.50 41.91
N THR D 88 11.79 -65.16 42.14
CA THR D 88 12.18 -63.78 42.34
C THR D 88 12.17 -62.95 41.06
N GLN D 89 12.00 -63.58 39.91
CA GLN D 89 11.88 -62.87 38.63
C GLN D 89 10.46 -62.39 38.35
N TYR D 90 9.53 -62.57 39.28
CA TYR D 90 8.12 -62.26 39.05
C TYR D 90 7.64 -61.21 40.03
N VAL D 91 6.65 -60.42 39.60
CA VAL D 91 6.00 -59.42 40.43
C VAL D 91 4.50 -59.72 40.45
N CYS D 92 3.95 -59.85 41.65
CA CYS D 92 2.57 -60.28 41.85
C CYS D 92 1.80 -59.24 42.67
N LYS D 93 0.51 -59.49 42.84
CA LYS D 93 -0.35 -58.71 43.71
C LYS D 93 -1.69 -59.41 43.87
N ARG D 94 -2.20 -59.40 45.10
CA ARG D 94 -3.52 -59.95 45.40
C ARG D 94 -4.53 -58.81 45.45
N THR D 95 -5.71 -59.04 44.88
CA THR D 95 -6.77 -58.05 44.83
C THR D 95 -8.08 -58.70 45.25
N LEU D 96 -9.15 -57.90 45.26
CA LEU D 96 -10.47 -58.34 45.69
C LEU D 96 -11.45 -58.20 44.54
N VAL D 97 -12.09 -59.30 44.14
CA VAL D 97 -13.07 -59.30 43.07
C VAL D 97 -14.36 -59.94 43.58
N ASP D 98 -15.48 -59.48 43.05
CA ASP D 98 -16.80 -59.97 43.44
C ASP D 98 -17.09 -61.31 42.77
N ARG D 99 -17.49 -62.31 43.56
CA ARG D 99 -17.75 -63.64 43.04
C ARG D 99 -19.16 -64.09 43.40
N GLY D 100 -19.75 -64.89 42.52
CA GLY D 100 -21.08 -65.41 42.67
C GLY D 100 -21.40 -66.43 41.60
N TRP D 101 -22.68 -66.53 41.21
CA TRP D 101 -23.07 -67.51 40.19
C TRP D 101 -22.46 -67.17 38.84
N GLY D 102 -22.59 -65.91 38.41
CA GLY D 102 -22.10 -65.51 37.10
C GLY D 102 -20.59 -65.56 36.96
N ASN D 103 -19.86 -65.42 38.07
CA ASN D 103 -18.41 -65.45 38.02
C ASN D 103 -17.82 -66.86 38.11
N GLY D 104 -18.59 -67.83 38.59
CA GLY D 104 -18.13 -69.20 38.71
C GLY D 104 -17.90 -69.73 40.12
N CYS D 105 -18.49 -69.10 41.14
CA CYS D 105 -18.37 -69.55 42.52
C CYS D 105 -19.75 -69.79 43.12
N GLY D 106 -19.79 -70.60 44.17
CA GLY D 106 -21.04 -70.96 44.80
C GLY D 106 -21.26 -70.24 46.11
N LEU D 107 -20.60 -69.10 46.28
CA LEU D 107 -20.69 -68.33 47.51
C LEU D 107 -20.81 -66.84 47.17
N PHE D 108 -21.12 -66.05 48.19
CA PHE D 108 -21.24 -64.60 48.07
C PHE D 108 -20.07 -63.95 48.80
N GLY D 109 -19.33 -63.12 48.10
CA GLY D 109 -18.27 -62.36 48.75
C GLY D 109 -17.15 -62.05 47.79
N LYS D 110 -16.09 -61.45 48.36
CA LYS D 110 -14.91 -61.10 47.61
C LYS D 110 -13.97 -62.29 47.51
N GLY D 111 -13.44 -62.52 46.31
CA GLY D 111 -12.45 -63.56 46.07
C GLY D 111 -11.09 -62.96 45.76
N SER D 112 -10.04 -63.57 46.30
CA SER D 112 -8.68 -63.09 46.07
C SER D 112 -8.19 -63.53 44.70
N LEU D 113 -7.48 -62.63 44.03
CA LEU D 113 -6.98 -62.88 42.68
C LEU D 113 -5.55 -62.37 42.58
N VAL D 114 -4.64 -63.23 42.14
CA VAL D 114 -3.22 -62.90 42.06
C VAL D 114 -2.71 -63.21 40.65
N THR D 115 -1.81 -62.36 40.16
CA THR D 115 -1.23 -62.49 38.81
C THR D 115 0.23 -62.05 38.84
N CYS D 116 1.11 -62.86 38.23
CA CYS D 116 2.54 -62.59 38.23
C CYS D 116 3.06 -62.51 36.80
N ALA D 117 4.13 -61.74 36.62
CA ALA D 117 4.76 -61.56 35.32
C ALA D 117 6.27 -61.54 35.48
N LYS D 118 6.97 -62.19 34.55
CA LYS D 118 8.43 -62.35 34.63
C LYS D 118 9.13 -61.02 34.40
N PHE D 119 9.93 -60.59 35.36
CA PHE D 119 10.65 -59.32 35.27
C PHE D 119 12.05 -59.53 34.67
N ALA D 120 12.43 -58.64 33.76
CA ALA D 120 13.75 -58.63 33.18
C ALA D 120 14.07 -57.21 32.73
N CYS D 121 15.29 -56.77 32.95
CA CYS D 121 15.70 -55.41 32.63
C CYS D 121 16.57 -55.42 31.37
N SER D 122 16.28 -54.50 30.44
CA SER D 122 16.97 -54.46 29.16
C SER D 122 18.18 -53.53 29.17
N LYS D 123 17.99 -52.27 29.55
CA LYS D 123 19.07 -51.31 29.67
C LYS D 123 19.11 -50.81 31.11
N LYS D 124 20.30 -50.73 31.67
CA LYS D 124 20.48 -50.47 33.09
C LYS D 124 21.54 -49.40 33.32
N MET D 125 21.45 -48.78 34.50
CA MET D 125 22.46 -47.88 35.02
C MET D 125 23.12 -48.51 36.24
N THR D 126 24.34 -48.10 36.53
CA THR D 126 25.11 -48.68 37.62
C THR D 126 25.81 -47.57 38.40
N GLY D 127 25.75 -47.65 39.73
CA GLY D 127 26.50 -46.74 40.58
C GLY D 127 27.69 -47.46 41.18
N LYS D 128 28.86 -46.83 41.08
CA LYS D 128 30.11 -47.43 41.47
C LYS D 128 30.80 -46.56 42.51
N SER D 129 31.35 -47.19 43.55
CA SER D 129 31.98 -46.47 44.64
C SER D 129 33.33 -45.91 44.21
N ILE D 130 33.66 -44.73 44.71
CA ILE D 130 34.89 -44.03 44.37
C ILE D 130 35.87 -44.19 45.52
N GLN D 131 36.93 -44.96 45.31
CA GLN D 131 37.95 -45.16 46.33
C GLN D 131 38.97 -44.04 46.27
N PRO D 132 39.19 -43.28 47.34
CA PRO D 132 40.24 -42.25 47.31
C PRO D 132 41.63 -42.82 47.13
N GLU D 133 41.82 -44.12 47.38
CA GLU D 133 43.11 -44.75 47.14
C GLU D 133 43.39 -44.87 45.64
N ASN D 134 42.42 -45.36 44.89
CA ASN D 134 42.54 -45.47 43.44
C ASN D 134 42.06 -44.18 42.79
N LEU D 135 42.90 -43.15 42.90
CA LEU D 135 42.59 -41.83 42.39
C LEU D 135 43.87 -41.21 41.84
N GLU D 136 43.79 -40.65 40.64
CA GLU D 136 44.96 -40.12 39.96
C GLU D 136 44.69 -38.68 39.53
N TYR D 137 45.61 -37.79 39.88
CA TYR D 137 45.55 -36.37 39.50
C TYR D 137 46.63 -36.11 38.45
N ARG D 138 46.23 -35.58 37.30
CA ARG D 138 47.16 -35.26 36.23
C ARG D 138 47.36 -33.76 36.16
N ILE D 139 48.62 -33.32 36.25
CA ILE D 139 48.98 -31.91 36.26
C ILE D 139 49.84 -31.60 35.04
N MET D 140 49.64 -30.41 34.47
CA MET D 140 50.42 -29.91 33.34
C MET D 140 51.18 -28.66 33.75
N LEU D 141 52.45 -28.58 33.32
CA LEU D 141 53.32 -27.46 33.64
C LEU D 141 53.76 -26.76 32.36
N SER D 142 53.87 -25.44 32.42
CA SER D 142 54.18 -24.63 31.24
C SER D 142 55.00 -23.41 31.64
N VAL D 143 56.12 -23.20 30.94
CA VAL D 143 57.04 -22.11 31.24
C VAL D 143 57.00 -21.09 30.09
N HIS D 144 57.30 -19.84 30.43
CA HIS D 144 57.38 -18.75 29.47
C HIS D 144 58.84 -18.53 29.03
N GLY D 145 59.00 -17.78 27.93
CA GLY D 145 60.30 -17.52 27.34
C GLY D 145 60.35 -17.95 25.88
N SER D 146 59.51 -18.91 25.51
CA SER D 146 59.43 -19.44 24.15
C SER D 146 57.94 -19.72 23.92
N GLN D 147 57.62 -20.55 22.93
CA GLN D 147 56.23 -20.95 22.69
C GLN D 147 55.36 -19.74 22.36
N HIS D 148 55.59 -19.19 21.16
CA HIS D 148 54.83 -18.02 20.71
C HIS D 148 53.34 -18.33 20.61
N SER D 149 52.55 -17.32 20.21
CA SER D 149 51.09 -17.34 20.37
C SER D 149 50.44 -18.61 19.84
N GLY D 150 51.02 -19.25 18.83
CA GLY D 150 50.43 -20.47 18.33
C GLY D 150 50.47 -21.65 19.29
N MET D 151 51.27 -21.55 20.34
CA MET D 151 51.47 -22.62 21.31
C MET D 151 50.65 -22.42 22.58
N ILE D 152 49.78 -21.42 22.63
CA ILE D 152 49.00 -21.15 23.84
C ILE D 152 48.15 -22.36 24.22
N VAL D 153 47.38 -22.88 23.26
CA VAL D 153 46.56 -24.06 23.47
C VAL D 153 47.15 -25.22 22.67
N ASN D 154 48.00 -26.02 23.31
CA ASN D 154 48.64 -27.16 22.66
C ASN D 154 48.93 -28.21 23.71
N ASP D 155 48.23 -29.34 23.64
CA ASP D 155 48.37 -30.42 24.59
C ASP D 155 48.79 -31.74 23.96
N THR D 156 48.90 -31.80 22.62
CA THR D 156 49.36 -32.99 21.93
C THR D 156 50.78 -32.75 21.44
N GLY D 157 51.67 -33.69 21.72
CA GLY D 157 53.07 -33.54 21.35
C GLY D 157 53.98 -33.07 22.46
N HIS D 158 53.61 -33.31 23.72
CA HIS D 158 54.50 -32.96 24.84
C HIS D 158 55.65 -33.95 24.94
N GLU D 159 55.54 -35.11 24.29
CA GLU D 159 56.63 -36.08 24.29
C GLU D 159 57.81 -35.59 23.47
N THR D 160 57.56 -34.79 22.43
CA THR D 160 58.63 -34.27 21.60
C THR D 160 59.08 -32.89 22.04
N ASP D 161 58.22 -32.13 22.72
CA ASP D 161 58.54 -30.79 23.19
C ASP D 161 59.17 -30.88 24.57
N GLU D 162 60.38 -30.34 24.71
CA GLU D 162 61.09 -30.44 25.99
C GLU D 162 60.53 -29.49 27.03
N ASN D 163 59.85 -28.41 26.60
CA ASN D 163 59.29 -27.46 27.55
C ASN D 163 58.12 -28.06 28.33
N ARG D 164 57.35 -28.94 27.71
CA ARG D 164 56.12 -29.46 28.31
C ARG D 164 56.29 -30.92 28.74
N ALA D 165 55.71 -31.24 29.89
CA ALA D 165 55.81 -32.57 30.48
C ALA D 165 54.57 -32.81 31.33
N LYS D 166 54.12 -34.07 31.35
CA LYS D 166 52.92 -34.45 32.10
C LYS D 166 53.30 -35.03 33.44
N VAL D 167 52.61 -34.60 34.49
CA VAL D 167 52.86 -35.02 35.85
C VAL D 167 51.61 -35.72 36.38
N GLU D 168 51.82 -36.79 37.15
CA GLU D 168 50.74 -37.54 37.76
C GLU D 168 51.11 -37.85 39.20
N ILE D 169 50.21 -37.51 40.12
CA ILE D 169 50.43 -37.67 41.55
C ILE D 169 49.28 -38.51 42.12
N THR D 170 49.64 -39.61 42.78
CA THR D 170 48.72 -40.48 43.51
C THR D 170 49.16 -40.59 44.96
N PRO D 171 48.27 -41.00 45.86
CA PRO D 171 48.68 -41.19 47.26
C PRO D 171 49.79 -42.21 47.42
N ASN D 172 50.02 -43.05 46.41
CA ASN D 172 51.12 -44.01 46.45
C ASN D 172 52.44 -43.38 46.06
N SER D 173 52.41 -42.27 45.33
CA SER D 173 53.62 -41.54 44.93
C SER D 173 53.31 -40.05 44.98
N PRO D 174 53.27 -39.47 46.18
CA PRO D 174 52.83 -38.07 46.31
C PRO D 174 53.85 -37.04 45.84
N ARG D 175 55.07 -37.43 45.50
CA ARG D 175 56.08 -36.50 45.01
C ARG D 175 56.51 -36.88 43.60
N ALA D 176 56.77 -35.88 42.78
CA ALA D 176 57.28 -36.07 41.43
C ALA D 176 58.16 -34.88 41.07
N GLU D 177 59.09 -35.11 40.16
CA GLU D 177 60.08 -34.11 39.75
C GLU D 177 59.81 -33.75 38.29
N ALA D 178 59.81 -32.46 37.98
CA ALA D 178 59.46 -31.98 36.64
C ALA D 178 60.73 -31.74 35.83
N THR D 179 60.92 -32.52 34.78
CA THR D 179 62.00 -32.31 33.83
C THR D 179 61.70 -31.11 32.94
N LEU D 180 62.51 -30.07 33.05
CA LEU D 180 62.25 -28.79 32.39
C LEU D 180 63.23 -28.48 31.26
N GLY D 181 63.99 -29.48 30.81
CA GLY D 181 64.97 -29.25 29.77
C GLY D 181 66.00 -28.22 30.19
N GLY D 182 65.99 -27.06 29.53
CA GLY D 182 67.01 -26.05 29.79
C GLY D 182 66.90 -25.41 31.17
N PHE D 183 65.71 -25.41 31.76
CA PHE D 183 65.47 -24.76 33.04
C PHE D 183 65.69 -25.66 34.25
N GLY D 184 66.20 -26.88 34.05
CA GLY D 184 66.55 -27.75 35.16
C GLY D 184 65.48 -28.75 35.55
N SER D 185 65.07 -28.73 36.82
CA SER D 185 64.06 -29.65 37.32
C SER D 185 63.33 -28.98 38.48
N LEU D 186 62.01 -29.21 38.53
CA LEU D 186 61.14 -28.62 39.53
C LEU D 186 60.61 -29.68 40.50
N GLY D 187 60.52 -29.31 41.77
CA GLY D 187 59.92 -30.18 42.77
C GLY D 187 58.41 -29.96 42.85
N LEU D 188 57.69 -31.06 43.08
CA LEU D 188 56.22 -31.05 43.18
C LEU D 188 55.83 -31.94 44.36
N ASP D 189 55.68 -31.34 45.54
CA ASP D 189 55.26 -32.07 46.73
C ASP D 189 53.76 -31.79 46.92
N CYS D 190 52.93 -32.73 46.50
CA CYS D 190 51.49 -32.55 46.49
C CYS D 190 50.83 -33.30 47.64
N GLU D 191 49.63 -32.84 47.98
CA GLU D 191 48.84 -33.37 49.09
C GLU D 191 47.50 -33.88 48.53
N PRO D 192 47.49 -35.06 47.91
CA PRO D 192 46.22 -35.57 47.34
C PRO D 192 45.18 -35.96 48.38
N ARG D 193 45.58 -36.19 49.63
CA ARG D 193 44.66 -36.67 50.65
C ARG D 193 43.71 -35.60 51.17
N THR D 194 44.04 -34.32 51.02
CA THR D 194 43.23 -33.23 51.52
C THR D 194 42.72 -32.36 50.38
N GLY D 195 42.29 -33.00 49.30
CA GLY D 195 41.85 -32.26 48.13
C GLY D 195 40.34 -32.19 47.98
N LEU D 196 39.66 -33.32 48.16
CA LEU D 196 38.21 -33.37 48.04
C LEU D 196 37.71 -34.65 48.69
N ASP D 197 36.80 -34.52 49.66
CA ASP D 197 36.23 -35.67 50.35
C ASP D 197 35.21 -36.32 49.40
N PHE D 198 35.67 -37.33 48.66
CA PHE D 198 34.80 -38.04 47.73
C PHE D 198 33.90 -39.06 48.41
N SER D 199 33.82 -39.06 49.74
CA SER D 199 32.94 -39.98 50.44
C SER D 199 31.49 -39.53 50.39
N ASP D 200 31.24 -38.23 50.18
CA ASP D 200 29.90 -37.68 50.13
C ASP D 200 29.40 -37.53 48.70
N LEU D 201 30.04 -38.22 47.76
CA LEU D 201 29.65 -38.18 46.36
C LEU D 201 29.67 -39.59 45.80
N TYR D 202 28.97 -39.78 44.68
CA TYR D 202 29.01 -41.04 43.96
C TYR D 202 29.11 -40.75 42.47
N TYR D 203 29.59 -41.75 41.73
CA TYR D 203 29.77 -41.63 40.28
C TYR D 203 28.69 -42.45 39.58
N LEU D 204 27.68 -41.77 39.07
CA LEU D 204 26.58 -42.41 38.35
C LEU D 204 26.97 -42.63 36.90
N THR D 205 26.58 -43.77 36.35
CA THR D 205 26.82 -44.11 34.95
C THR D 205 25.50 -44.51 34.30
N MET D 206 24.94 -43.60 33.50
CA MET D 206 23.75 -43.88 32.72
C MET D 206 24.18 -44.53 31.42
N ASN D 207 23.30 -44.57 30.41
CA ASN D 207 23.63 -45.27 29.16
C ASN D 207 24.72 -44.44 28.47
N ASN D 208 25.96 -44.67 28.93
CA ASN D 208 27.16 -43.93 28.53
C ASN D 208 27.09 -42.45 28.92
N LYS D 209 26.25 -42.10 29.90
CA LYS D 209 26.14 -40.74 30.40
C LYS D 209 26.45 -40.73 31.90
N HIS D 210 27.20 -39.72 32.34
CA HIS D 210 27.84 -39.76 33.65
C HIS D 210 27.73 -38.39 34.34
N TRP D 211 27.45 -38.43 35.64
CA TRP D 211 27.25 -37.23 36.44
C TRP D 211 27.96 -37.42 37.77
N LEU D 212 27.92 -36.38 38.62
CA LEU D 212 28.45 -36.47 39.98
C LEU D 212 27.34 -36.03 40.94
N VAL D 213 26.81 -36.98 41.69
CA VAL D 213 25.62 -36.73 42.51
C VAL D 213 25.90 -37.09 43.95
N HIS D 214 25.10 -36.52 44.85
CA HIS D 214 25.13 -36.89 46.25
C HIS D 214 24.62 -38.32 46.43
N LYS D 215 25.15 -39.00 47.44
CA LYS D 215 24.61 -40.30 47.79
C LYS D 215 23.25 -40.19 48.45
N GLU D 216 22.89 -39.01 48.98
CA GLU D 216 21.58 -38.84 49.59
C GLU D 216 20.47 -38.94 48.56
N TRP D 217 20.66 -38.35 47.38
CA TRP D 217 19.65 -38.47 46.33
C TRP D 217 19.62 -39.87 45.72
N PHE D 218 20.77 -40.54 45.70
CA PHE D 218 20.88 -41.81 44.97
C PHE D 218 20.13 -42.93 45.69
N HIS D 219 20.13 -42.93 47.02
CA HIS D 219 19.47 -44.00 47.76
C HIS D 219 17.96 -43.81 47.89
N ASP D 220 17.41 -42.69 47.44
CA ASP D 220 15.96 -42.44 47.51
C ASP D 220 15.27 -42.65 46.15
N ILE D 221 15.99 -43.12 45.13
CA ILE D 221 15.42 -43.30 43.80
C ILE D 221 14.35 -44.38 43.84
N PRO D 222 13.13 -44.07 43.42
CA PRO D 222 12.08 -45.11 43.33
C PRO D 222 12.17 -45.82 41.99
N LEU D 223 13.17 -46.70 41.91
CA LEU D 223 13.46 -47.52 40.74
C LEU D 223 13.99 -48.86 41.23
N PRO D 224 13.98 -49.90 40.39
CA PRO D 224 14.53 -51.20 40.81
C PRO D 224 16.03 -51.12 41.06
N TRP D 225 16.47 -51.69 42.18
CA TRP D 225 17.88 -51.65 42.54
C TRP D 225 18.31 -52.99 43.11
N HIS D 226 19.63 -53.22 43.12
CA HIS D 226 20.18 -54.45 43.68
C HIS D 226 21.47 -54.14 44.41
N ALA D 227 21.68 -54.83 45.52
CA ALA D 227 22.81 -54.61 46.41
C ALA D 227 23.93 -55.60 46.12
N GLY D 228 25.17 -55.11 46.13
CA GLY D 228 26.30 -55.99 45.92
C GLY D 228 26.32 -56.58 44.52
N ALA D 229 26.60 -57.87 44.45
CA ALA D 229 26.65 -58.57 43.16
C ALA D 229 25.25 -58.86 42.65
N PRO D 234 21.44 -61.79 40.64
CA PRO D 234 21.10 -60.46 41.17
C PRO D 234 19.80 -60.45 41.97
N HIS D 235 19.81 -59.71 43.08
CA HIS D 235 18.69 -59.64 44.02
C HIS D 235 18.04 -58.26 43.82
N TRP D 236 16.90 -58.25 43.12
CA TRP D 236 16.25 -57.01 42.72
C TRP D 236 15.15 -56.64 43.71
N ASN D 237 15.20 -55.41 44.22
CA ASN D 237 14.18 -54.85 45.07
C ASN D 237 13.43 -53.73 44.36
N ASN D 238 12.23 -53.45 44.84
CA ASN D 238 11.38 -52.36 44.37
C ASN D 238 11.01 -52.53 42.89
N LYS D 239 10.41 -53.68 42.59
CA LYS D 239 9.92 -53.91 41.23
C LYS D 239 8.69 -53.06 40.94
N GLU D 240 8.00 -52.57 41.98
CA GLU D 240 6.77 -51.83 41.81
C GLU D 240 6.98 -50.49 41.12
N ALA D 241 8.22 -50.02 41.03
CA ALA D 241 8.47 -48.70 40.46
C ALA D 241 8.21 -48.67 38.96
N LEU D 242 8.43 -49.77 38.26
CA LEU D 242 8.33 -49.81 36.81
C LEU D 242 7.06 -50.48 36.31
N VAL D 243 6.22 -51.00 37.20
CA VAL D 243 5.03 -51.76 36.81
C VAL D 243 3.83 -51.27 37.60
N GLU D 244 2.71 -51.05 36.90
CA GLU D 244 1.44 -50.68 37.51
C GLU D 244 0.44 -51.80 37.27
N PHE D 245 -0.32 -52.14 38.31
CA PHE D 245 -1.36 -53.15 38.21
C PHE D 245 -2.71 -52.43 38.25
N LYS D 246 -3.32 -52.28 37.07
CA LYS D 246 -4.60 -51.61 36.92
C LYS D 246 -5.76 -52.59 37.03
N ASP D 247 -6.70 -52.29 37.93
CA ASP D 247 -7.92 -53.07 38.10
C ASP D 247 -8.97 -52.58 37.11
N ALA D 248 -9.59 -53.53 36.40
CA ALA D 248 -10.58 -53.24 35.36
C ALA D 248 -11.95 -53.72 35.84
N HIS D 249 -12.66 -52.85 36.56
CA HIS D 249 -14.03 -53.09 37.03
C HIS D 249 -14.20 -54.45 37.73
N ALA D 250 -13.16 -54.91 38.42
CA ALA D 250 -13.21 -56.14 39.21
C ALA D 250 -13.63 -57.35 38.37
N LYS D 251 -13.19 -57.38 37.12
CA LYS D 251 -13.47 -58.50 36.23
C LYS D 251 -12.21 -59.15 35.67
N ARG D 252 -11.23 -58.36 35.26
CA ARG D 252 -10.00 -58.86 34.68
C ARG D 252 -8.84 -58.05 35.24
N GLN D 253 -7.64 -58.62 35.14
CA GLN D 253 -6.45 -57.97 35.67
C GLN D 253 -5.34 -58.09 34.64
N THR D 254 -4.75 -56.96 34.30
CA THR D 254 -3.66 -56.90 33.33
C THR D 254 -2.41 -56.30 33.95
N VAL D 255 -1.27 -56.65 33.37
CA VAL D 255 0.02 -56.18 33.82
C VAL D 255 0.75 -55.57 32.63
N VAL D 256 1.30 -54.37 32.82
CA VAL D 256 2.01 -53.66 31.78
C VAL D 256 3.18 -52.91 32.42
N VAL D 257 4.25 -52.75 31.66
CA VAL D 257 5.42 -52.01 32.11
C VAL D 257 5.26 -50.54 31.79
N LEU D 258 5.92 -49.70 32.58
CA LEU D 258 5.96 -48.27 32.35
C LEU D 258 7.11 -47.93 31.41
N GLY D 259 6.96 -46.81 30.69
CA GLY D 259 7.99 -46.37 29.78
C GLY D 259 9.30 -46.06 30.48
N SER D 260 10.33 -45.85 29.66
CA SER D 260 11.67 -45.66 30.17
C SER D 260 11.77 -44.38 30.99
N GLN D 261 12.38 -44.47 32.17
CA GLN D 261 12.58 -43.33 33.05
C GLN D 261 13.85 -42.56 32.73
N GLU D 262 14.41 -42.76 31.53
CA GLU D 262 15.65 -42.10 31.15
C GLU D 262 15.51 -40.58 31.18
N GLY D 263 14.39 -40.06 30.71
CA GLY D 263 14.19 -38.62 30.66
C GLY D 263 13.87 -38.01 32.00
N ALA D 264 13.12 -38.73 32.84
CA ALA D 264 12.75 -38.22 34.16
C ALA D 264 13.97 -37.98 35.03
N VAL D 265 15.01 -38.80 34.88
CA VAL D 265 16.23 -38.61 35.63
C VAL D 265 17.02 -37.44 35.08
N HIS D 266 17.08 -37.32 33.75
CA HIS D 266 17.82 -36.22 33.12
C HIS D 266 17.31 -34.85 33.59
N THR D 267 16.01 -34.73 33.86
CA THR D 267 15.47 -33.47 34.37
C THR D 267 15.91 -33.23 35.81
N ALA D 268 15.83 -34.26 36.67
CA ALA D 268 16.21 -34.08 38.06
C ALA D 268 17.70 -33.87 38.23
N LEU D 269 18.51 -34.43 37.32
CA LEU D 269 19.96 -34.29 37.40
C LEU D 269 20.45 -32.90 37.03
N ALA D 270 19.56 -31.95 36.76
CA ALA D 270 19.98 -30.59 36.39
C ALA D 270 20.64 -29.96 37.60
N GLY D 271 21.96 -29.85 37.56
CA GLY D 271 22.72 -29.34 38.68
C GLY D 271 23.91 -30.22 39.02
N ALA D 272 23.83 -31.51 38.67
CA ALA D 272 24.92 -32.42 38.97
C ALA D 272 26.09 -32.16 38.03
N LEU D 273 27.30 -32.43 38.53
CA LEU D 273 28.51 -32.22 37.74
C LEU D 273 28.69 -33.38 36.77
N GLU D 274 28.75 -33.05 35.48
CA GLU D 274 28.84 -34.05 34.41
C GLU D 274 30.30 -34.43 34.18
N ALA D 275 30.49 -35.55 33.49
CA ALA D 275 31.82 -36.08 33.23
C ALA D 275 31.86 -36.63 31.81
N GLU D 276 33.05 -37.11 31.42
CA GLU D 276 33.27 -37.65 30.09
C GLU D 276 34.12 -38.90 30.18
N MET D 277 34.20 -39.62 29.06
CA MET D 277 34.91 -40.88 28.98
C MET D 277 36.13 -40.74 28.07
N ASP D 278 37.29 -41.17 28.56
CA ASP D 278 38.48 -41.31 27.72
C ASP D 278 38.63 -42.75 27.27
N GLY D 279 37.64 -43.20 26.49
CA GLY D 279 37.59 -44.58 26.08
C GLY D 279 36.88 -45.45 27.11
N ALA D 280 37.65 -46.15 27.94
CA ALA D 280 37.11 -46.96 29.02
C ALA D 280 37.31 -46.37 30.40
N LYS D 281 38.24 -45.44 30.57
CA LYS D 281 38.45 -44.76 31.84
C LYS D 281 37.71 -43.43 31.87
N GLY D 282 37.06 -43.16 32.99
CA GLY D 282 36.22 -41.98 33.14
C GLY D 282 36.95 -40.87 33.88
N ARG D 283 36.90 -39.68 33.30
CA ARG D 283 37.55 -38.50 33.84
C ARG D 283 36.53 -37.62 34.57
N LEU D 284 37.01 -36.87 35.56
CA LEU D 284 36.17 -36.02 36.39
C LEU D 284 36.44 -34.55 36.07
N SER D 285 35.47 -33.70 36.42
CA SER D 285 35.54 -32.28 36.09
C SER D 285 35.37 -31.39 37.31
N SER D 286 35.71 -31.87 38.51
CA SER D 286 35.54 -31.06 39.71
C SER D 286 36.52 -31.48 40.78
N GLY D 287 36.88 -30.54 41.64
CA GLY D 287 37.82 -30.82 42.71
C GLY D 287 39.05 -29.93 42.74
N HIS D 288 39.60 -29.70 43.93
CA HIS D 288 40.81 -28.92 44.10
C HIS D 288 41.90 -29.81 44.68
N LEU D 289 43.12 -29.28 44.72
CA LEU D 289 44.28 -30.06 45.12
C LEU D 289 45.39 -29.10 45.50
N LYS D 290 45.87 -29.18 46.74
CA LYS D 290 46.98 -28.35 47.17
C LYS D 290 48.31 -29.08 47.02
N CYS D 291 49.29 -28.35 46.51
CA CYS D 291 50.64 -28.86 46.32
C CYS D 291 51.63 -27.86 46.91
N ARG D 292 52.85 -28.32 47.11
CA ARG D 292 53.93 -27.48 47.60
C ARG D 292 55.02 -27.43 46.54
N LEU D 293 55.42 -26.21 46.15
CA LEU D 293 56.32 -26.00 45.03
C LEU D 293 57.68 -25.56 45.55
N LYS D 294 58.74 -26.14 44.98
CA LYS D 294 60.10 -25.87 45.43
C LYS D 294 60.74 -24.76 44.59
N MET D 295 61.19 -23.70 45.26
CA MET D 295 61.94 -22.62 44.62
C MET D 295 63.44 -22.74 44.78
N ASP D 296 63.91 -23.64 45.64
CA ASP D 296 65.34 -23.75 45.90
C ASP D 296 66.10 -24.25 44.67
N LYS D 297 65.76 -25.46 44.22
CA LYS D 297 66.44 -26.11 43.11
C LYS D 297 65.96 -25.63 41.74
N LEU D 298 64.93 -24.78 41.71
CA LEU D 298 64.37 -24.27 40.46
C LEU D 298 65.14 -23.04 39.99
N ARG D 299 65.67 -23.09 38.77
CA ARG D 299 66.54 -22.05 38.26
C ARG D 299 66.03 -21.41 36.98
N LEU D 300 66.51 -20.19 36.75
CA LEU D 300 66.32 -19.44 35.52
C LEU D 300 67.29 -19.95 34.44
N LYS D 301 67.24 -19.35 33.25
CA LYS D 301 68.15 -19.73 32.17
C LYS D 301 68.34 -18.54 31.24
N GLY D 302 69.45 -17.82 31.41
CA GLY D 302 69.80 -16.77 30.46
C GLY D 302 70.02 -15.39 31.04
N VAL D 303 70.33 -15.29 32.33
CA VAL D 303 70.60 -13.98 32.92
C VAL D 303 71.98 -13.46 32.52
N SER D 304 72.91 -14.37 32.20
CA SER D 304 74.23 -13.98 31.75
C SER D 304 74.29 -13.68 30.26
N TYR D 305 73.21 -13.93 29.51
CA TYR D 305 73.19 -13.67 28.08
C TYR D 305 73.47 -12.20 27.81
N SER D 306 74.01 -11.93 26.62
CA SER D 306 74.19 -10.55 26.19
C SER D 306 72.86 -9.97 25.74
N LEU D 307 72.83 -8.64 25.58
CA LEU D 307 71.62 -7.98 25.13
C LEU D 307 71.45 -8.14 23.62
N CYS D 308 70.21 -8.35 23.20
CA CYS D 308 69.89 -8.54 21.79
C CYS D 308 70.16 -7.25 21.02
N THR D 309 71.16 -7.28 20.13
CA THR D 309 71.54 -6.06 19.42
C THR D 309 70.67 -5.78 18.21
N ALA D 310 70.14 -6.81 17.56
CA ALA D 310 69.37 -6.59 16.35
C ALA D 310 67.96 -6.10 16.70
N ALA D 311 67.22 -5.73 15.65
CA ALA D 311 65.96 -5.07 15.82
C ALA D 311 64.84 -6.07 16.09
N PHE D 312 63.75 -5.54 16.67
CA PHE D 312 62.52 -6.27 16.90
C PHE D 312 61.41 -5.59 16.11
N THR D 313 60.38 -6.37 15.77
CA THR D 313 59.24 -5.86 15.02
C THR D 313 57.96 -6.33 15.70
N PHE D 314 57.10 -5.38 16.06
CA PHE D 314 55.79 -5.74 16.60
C PHE D 314 54.98 -6.48 15.55
N THR D 315 54.72 -7.76 15.79
CA THR D 315 53.91 -8.53 14.85
C THR D 315 52.42 -8.28 15.09
N LYS D 316 52.04 -7.99 16.33
CA LYS D 316 50.65 -7.77 16.68
C LYS D 316 50.51 -6.49 17.49
N ILE D 317 49.28 -6.02 17.58
CA ILE D 317 48.92 -4.86 18.39
C ILE D 317 49.04 -5.27 19.85
N PRO D 318 49.87 -4.60 20.65
CA PRO D 318 49.93 -4.91 22.08
C PRO D 318 48.55 -4.74 22.73
N ALA D 319 48.13 -5.76 23.48
CA ALA D 319 46.80 -5.81 24.07
C ALA D 319 46.90 -6.03 25.58
N GLU D 320 45.73 -5.94 26.22
CA GLU D 320 45.58 -6.01 27.67
C GLU D 320 44.96 -7.34 28.07
N THR D 321 45.15 -7.71 29.34
CA THR D 321 44.58 -8.93 29.89
C THR D 321 43.45 -8.61 30.87
N LEU D 322 42.92 -9.65 31.51
CA LEU D 322 41.78 -9.51 32.41
C LEU D 322 42.15 -8.95 33.78
N HIS D 323 43.43 -8.79 34.07
CA HIS D 323 43.87 -8.31 35.37
C HIS D 323 44.75 -7.06 35.31
N GLY D 324 45.05 -6.57 34.12
CA GLY D 324 45.86 -5.36 33.96
C GLY D 324 47.19 -5.57 33.29
N THR D 325 47.56 -6.78 32.90
CA THR D 325 48.84 -7.03 32.27
C THR D 325 48.73 -6.88 30.75
N VAL D 326 49.88 -6.72 30.11
CA VAL D 326 49.97 -6.47 28.67
C VAL D 326 50.77 -7.59 28.03
N THR D 327 50.23 -8.20 26.98
CA THR D 327 50.95 -9.20 26.21
C THR D 327 51.37 -8.59 24.87
N VAL D 328 52.57 -8.93 24.43
CA VAL D 328 53.12 -8.40 23.18
C VAL D 328 53.87 -9.52 22.45
N GLU D 329 53.59 -9.66 21.16
CA GLU D 329 54.32 -10.54 20.28
C GLU D 329 55.36 -9.76 19.48
N VAL D 330 56.55 -10.36 19.29
CA VAL D 330 57.64 -9.71 18.57
C VAL D 330 58.31 -10.73 17.66
N GLN D 331 58.92 -10.23 16.59
CA GLN D 331 59.70 -11.07 15.69
C GLN D 331 61.12 -10.55 15.70
N TYR D 332 62.08 -11.45 15.86
CA TYR D 332 63.48 -11.10 16.01
C TYR D 332 64.20 -11.47 14.72
N ALA D 333 64.57 -10.46 13.94
CA ALA D 333 65.31 -10.67 12.71
C ALA D 333 66.79 -10.95 12.97
N GLY D 334 67.21 -10.95 14.23
CA GLY D 334 68.62 -11.08 14.54
C GLY D 334 69.16 -12.49 14.44
N THR D 335 70.47 -12.58 14.26
CA THR D 335 71.17 -13.84 14.14
C THR D 335 72.20 -14.06 15.24
N ASP D 336 72.34 -13.14 16.20
CA ASP D 336 73.27 -13.30 17.30
C ASP D 336 72.70 -14.13 18.45
N GLY D 337 71.47 -14.64 18.33
CA GLY D 337 70.85 -15.44 19.36
C GLY D 337 71.56 -16.75 19.65
N PRO D 338 71.25 -17.38 20.80
CA PRO D 338 70.32 -16.98 21.86
C PRO D 338 70.75 -15.74 22.63
N CYS D 339 69.81 -14.84 22.90
CA CYS D 339 70.15 -13.58 23.54
C CYS D 339 69.11 -13.21 24.59
N LYS D 340 69.57 -12.45 25.59
CA LYS D 340 68.68 -11.88 26.61
C LYS D 340 67.96 -10.69 26.02
N VAL D 341 66.64 -10.76 25.94
CA VAL D 341 65.83 -9.69 25.39
C VAL D 341 65.80 -8.52 26.36
N PRO D 342 66.33 -7.35 25.98
CA PRO D 342 66.30 -6.20 26.88
C PRO D 342 64.88 -5.67 27.05
N ALA D 343 64.30 -5.80 28.24
CA ALA D 343 62.93 -5.36 28.46
C ALA D 343 62.79 -4.73 29.83
N GLN D 344 62.10 -3.59 29.88
CA GLN D 344 61.81 -2.87 31.11
C GLN D 344 60.79 -1.79 30.80
N MET D 345 60.21 -1.23 31.85
CA MET D 345 59.31 -0.09 31.76
C MET D 345 59.98 1.15 32.32
N ALA D 346 59.54 2.32 31.86
CA ALA D 346 60.10 3.58 32.33
C ALA D 346 58.99 4.62 32.49
N VAL D 347 59.00 5.30 33.63
CA VAL D 347 58.14 6.45 33.85
C VAL D 347 58.88 7.74 33.49
N ASP D 348 60.21 7.74 33.64
CA ASP D 348 61.06 8.86 33.28
C ASP D 348 62.14 8.35 32.34
N MET D 349 62.21 8.91 31.13
CA MET D 349 63.18 8.45 30.14
C MET D 349 64.60 8.89 30.44
N GLN D 350 64.81 9.84 31.36
CA GLN D 350 66.15 10.30 31.69
C GLN D 350 66.81 9.47 32.79
N THR D 351 66.10 9.22 33.88
CA THR D 351 66.66 8.38 34.94
C THR D 351 66.63 6.91 34.54
N LEU D 352 65.70 6.53 33.66
CA LEU D 352 65.52 5.14 33.25
C LEU D 352 65.28 4.25 34.46
N THR D 353 64.51 4.76 35.42
CA THR D 353 64.23 4.03 36.64
C THR D 353 63.35 2.82 36.31
N PRO D 354 63.75 1.60 36.67
CA PRO D 354 62.93 0.43 36.31
C PRO D 354 61.63 0.36 37.10
N VAL D 355 60.53 0.67 36.43
CA VAL D 355 59.21 0.64 37.03
C VAL D 355 58.48 -0.60 36.54
N GLY D 356 57.46 -1.00 37.28
CA GLY D 356 56.72 -2.21 36.98
C GLY D 356 57.58 -3.45 37.14
N ARG D 357 57.22 -4.49 36.40
CA ARG D 357 57.84 -5.81 36.54
C ARG D 357 57.67 -6.61 35.26
N LEU D 358 58.61 -7.52 35.02
CA LEU D 358 58.53 -8.42 33.87
C LEU D 358 57.66 -9.63 34.22
N ILE D 359 56.68 -9.91 33.37
CA ILE D 359 55.88 -11.13 33.57
C ILE D 359 56.63 -12.35 33.06
N THR D 360 57.01 -12.35 31.78
CA THR D 360 57.88 -13.38 31.23
C THR D 360 59.28 -13.13 31.77
N ALA D 361 59.64 -13.85 32.83
CA ALA D 361 60.90 -13.59 33.53
C ALA D 361 62.09 -13.94 32.65
N ASN D 362 62.96 -12.95 32.41
CA ASN D 362 64.16 -13.07 31.60
C ASN D 362 63.82 -13.66 30.24
N PRO D 363 63.16 -12.90 29.36
CA PRO D 363 62.82 -13.44 28.04
C PRO D 363 64.07 -13.69 27.20
N VAL D 364 64.16 -14.90 26.65
CA VAL D 364 65.32 -15.32 25.87
C VAL D 364 64.82 -15.93 24.56
N ILE D 365 65.59 -15.72 23.50
CA ILE D 365 65.32 -16.36 22.22
C ILE D 365 66.11 -17.66 22.15
N THR D 366 65.53 -18.65 21.48
CA THR D 366 66.11 -19.98 21.37
C THR D 366 66.94 -20.14 20.10
N GLU D 367 66.34 -19.91 18.94
CA GLU D 367 67.02 -20.15 17.67
C GLU D 367 67.91 -18.97 17.31
N SER D 368 69.08 -19.28 16.74
CA SER D 368 69.94 -18.25 16.20
C SER D 368 69.54 -17.85 14.78
N THR D 369 68.52 -18.49 14.22
CA THR D 369 68.03 -18.16 12.90
C THR D 369 67.07 -16.98 12.96
N GLU D 370 67.06 -16.17 11.91
CA GLU D 370 66.26 -14.96 11.85
C GLU D 370 64.79 -15.28 11.59
N ASN D 371 63.95 -14.26 11.75
CA ASN D 371 62.55 -14.29 11.35
C ASN D 371 61.72 -15.34 12.10
N SER D 372 62.13 -15.68 13.32
CA SER D 372 61.34 -16.57 14.16
C SER D 372 60.44 -15.73 15.06
N LYS D 373 59.22 -16.19 15.28
CA LYS D 373 58.25 -15.43 16.04
C LYS D 373 58.27 -15.81 17.52
N MET D 374 57.99 -14.82 18.36
CA MET D 374 58.03 -15.01 19.81
C MET D 374 57.12 -13.98 20.46
N MET D 375 56.55 -14.36 21.61
CA MET D 375 55.62 -13.48 22.32
C MET D 375 55.88 -13.56 23.81
N LEU D 376 55.81 -12.40 24.47
CA LEU D 376 56.05 -12.32 25.90
C LEU D 376 55.05 -11.35 26.53
N GLU D 377 54.94 -11.43 27.85
CA GLU D 377 53.98 -10.66 28.63
C GLU D 377 54.72 -9.67 29.52
N LEU D 378 54.10 -8.50 29.73
CA LEU D 378 54.73 -7.41 30.46
C LEU D 378 53.74 -6.79 31.44
N ASP D 379 54.27 -6.30 32.56
CA ASP D 379 53.48 -5.67 33.60
C ASP D 379 53.90 -4.22 33.83
N PRO D 380 53.19 -3.25 33.28
CA PRO D 380 53.54 -1.84 33.49
C PRO D 380 53.11 -1.37 34.86
N PRO D 381 53.66 -0.26 35.34
CA PRO D 381 53.24 0.31 36.63
C PRO D 381 51.92 1.07 36.52
N PHE D 382 51.33 1.34 37.68
CA PHE D 382 50.14 2.17 37.74
C PHE D 382 50.45 3.57 37.22
N GLY D 383 49.57 4.07 36.37
CA GLY D 383 49.76 5.39 35.82
C GLY D 383 50.53 5.38 34.51
N ASP D 384 51.35 6.39 34.29
CA ASP D 384 52.00 6.58 33.01
C ASP D 384 53.32 5.82 32.93
N SER D 385 53.61 5.28 31.75
CA SER D 385 54.83 4.54 31.46
C SER D 385 54.89 4.33 29.95
N TYR D 386 56.01 3.79 29.49
CA TYR D 386 56.16 3.39 28.09
C TYR D 386 56.85 2.05 28.03
N ILE D 387 56.24 1.11 27.30
CA ILE D 387 56.77 -0.24 27.15
C ILE D 387 57.91 -0.18 26.13
N VAL D 388 59.14 -0.31 26.61
CA VAL D 388 60.33 -0.25 25.76
C VAL D 388 61.10 -1.56 25.89
N ILE D 389 61.19 -2.31 24.79
CA ILE D 389 62.00 -3.52 24.74
C ILE D 389 63.01 -3.35 23.61
N GLY D 390 64.18 -3.95 23.79
CA GLY D 390 65.28 -3.76 22.86
C GLY D 390 66.28 -2.74 23.36
N VAL D 391 67.35 -2.57 22.58
CA VAL D 391 68.38 -1.59 22.89
C VAL D 391 68.82 -0.89 21.61
N GLY D 392 69.30 0.34 21.75
CA GLY D 392 69.77 1.11 20.62
C GLY D 392 68.66 1.86 19.91
N GLU D 393 68.97 2.23 18.67
CA GLU D 393 68.05 3.01 17.84
C GLU D 393 66.99 2.15 17.18
N LYS D 394 67.13 0.83 17.23
CA LYS D 394 66.18 -0.08 16.63
C LYS D 394 65.25 -0.71 17.66
N LYS D 395 65.29 -0.26 18.91
CA LYS D 395 64.32 -0.72 19.89
C LYS D 395 62.94 -0.12 19.58
N ILE D 396 61.90 -0.88 19.90
CA ILE D 396 60.52 -0.50 19.62
C ILE D 396 59.81 -0.10 20.91
N THR D 397 59.03 0.97 20.84
CA THR D 397 58.38 1.56 22.00
C THR D 397 56.88 1.72 21.75
N HIS D 398 56.09 1.44 22.78
CA HIS D 398 54.63 1.58 22.72
C HIS D 398 54.13 2.25 23.98
N HIS D 399 52.97 2.87 23.87
CA HIS D 399 52.35 3.59 24.98
C HIS D 399 51.40 2.67 25.75
N TRP D 400 51.36 2.85 27.06
CA TRP D 400 50.39 2.14 27.87
C TRP D 400 50.13 2.91 29.16
N HIS D 401 48.93 2.73 29.71
CA HIS D 401 48.51 3.39 30.94
C HIS D 401 47.58 2.45 31.69
N ARG D 402 47.57 2.56 33.02
CA ARG D 402 46.80 1.68 33.88
C ARG D 402 45.63 2.45 34.50
N SER D 403 44.47 1.81 34.52
CA SER D 403 43.24 2.38 35.09
C SER D 403 42.82 3.66 34.38
N ILE E 1 -28.95 3.19 -11.56
CA ILE E 1 -29.90 3.76 -12.51
C ILE E 1 -29.22 4.86 -13.29
N ARG E 2 -27.94 5.07 -13.03
CA ARG E 2 -27.24 6.21 -13.59
C ARG E 2 -26.83 6.02 -15.05
N CYS E 3 -26.93 4.80 -15.60
CA CYS E 3 -26.72 4.62 -17.04
C CYS E 3 -27.96 4.92 -17.88
N ILE E 4 -29.11 5.14 -17.25
CA ILE E 4 -30.37 5.30 -17.97
C ILE E 4 -30.42 6.68 -18.64
N GLY E 5 -30.27 6.71 -19.95
CA GLY E 5 -30.46 7.93 -20.72
C GLY E 5 -29.31 8.31 -21.63
N VAL E 6 -28.12 7.83 -21.36
CA VAL E 6 -26.97 8.13 -22.21
C VAL E 6 -26.99 7.20 -23.42
N SER E 7 -26.72 7.76 -24.60
CA SER E 7 -26.78 6.96 -25.82
C SER E 7 -25.63 5.96 -25.88
N ASN E 8 -24.44 6.34 -25.39
CA ASN E 8 -23.25 5.50 -25.46
C ASN E 8 -23.27 4.48 -24.31
N ARG E 9 -24.13 3.48 -24.48
CA ARG E 9 -24.31 2.41 -23.50
C ARG E 9 -23.96 1.09 -24.18
N ASP E 10 -23.09 0.32 -23.53
CA ASP E 10 -22.60 -0.95 -24.05
C ASP E 10 -22.98 -2.08 -23.11
N PHE E 11 -23.43 -3.20 -23.67
CA PHE E 11 -23.81 -4.37 -22.87
C PHE E 11 -22.67 -5.39 -23.01
N VAL E 12 -21.81 -5.47 -22.00
CA VAL E 12 -20.68 -6.38 -22.01
C VAL E 12 -21.01 -7.57 -21.10
N GLU E 13 -20.65 -8.77 -21.57
CA GLU E 13 -20.89 -10.00 -20.81
C GLU E 13 -19.63 -10.85 -20.83
N GLY E 14 -18.99 -11.00 -19.68
CA GLY E 14 -17.84 -11.86 -19.57
C GLY E 14 -18.21 -13.31 -19.83
N MET E 15 -17.18 -14.13 -20.03
CA MET E 15 -17.42 -15.56 -20.26
C MET E 15 -18.09 -16.18 -19.04
N SER E 16 -18.82 -17.26 -19.27
CA SER E 16 -19.48 -17.95 -18.19
C SER E 16 -18.42 -18.59 -17.29
N GLY E 17 -18.34 -18.12 -16.04
CA GLY E 17 -17.36 -18.58 -15.09
C GLY E 17 -16.13 -17.71 -14.98
N GLY E 18 -15.87 -16.86 -15.98
CA GLY E 18 -14.70 -16.01 -15.93
C GLY E 18 -14.82 -14.90 -14.90
N THR E 19 -13.67 -14.45 -14.42
CA THR E 19 -13.61 -13.44 -13.37
C THR E 19 -13.30 -12.03 -13.89
N TRP E 20 -12.52 -11.87 -14.95
CA TRP E 20 -12.16 -10.54 -15.43
C TRP E 20 -13.10 -10.09 -16.54
N VAL E 21 -13.44 -8.80 -16.52
CA VAL E 21 -14.30 -8.18 -17.53
C VAL E 21 -13.70 -6.82 -17.87
N ASP E 22 -13.43 -6.60 -19.15
CA ASP E 22 -12.84 -5.35 -19.61
C ASP E 22 -13.94 -4.41 -20.09
N VAL E 23 -13.81 -3.12 -19.72
CA VAL E 23 -14.75 -2.08 -20.11
C VAL E 23 -13.98 -0.85 -20.57
N VAL E 24 -14.68 0.03 -21.28
CA VAL E 24 -14.11 1.28 -21.80
C VAL E 24 -14.99 2.41 -21.27
N LEU E 25 -14.41 3.24 -20.39
CA LEU E 25 -15.16 4.30 -19.72
C LEU E 25 -14.91 5.64 -20.41
N GLU E 26 -15.98 6.23 -20.92
CA GLU E 26 -15.93 7.54 -21.56
C GLU E 26 -16.60 8.56 -20.67
N HIS E 27 -16.28 9.83 -20.90
CA HIS E 27 -16.90 10.92 -20.16
C HIS E 27 -18.32 11.17 -20.66
N GLY E 28 -19.27 11.19 -19.74
CA GLY E 28 -20.66 11.30 -20.07
C GLY E 28 -21.30 10.02 -20.55
N GLY E 29 -20.51 8.99 -20.88
CA GLY E 29 -21.03 7.72 -21.32
C GLY E 29 -21.12 6.74 -20.17
N CYS E 30 -21.92 5.69 -20.37
CA CYS E 30 -22.23 4.78 -19.28
C CYS E 30 -22.22 3.35 -19.77
N VAL E 31 -21.59 2.48 -18.97
CA VAL E 31 -21.42 1.08 -19.28
C VAL E 31 -22.15 0.27 -18.22
N THR E 32 -23.11 -0.54 -18.64
CA THR E 32 -23.85 -1.41 -17.75
C THR E 32 -23.22 -2.80 -17.84
N VAL E 33 -22.48 -3.17 -16.80
CA VAL E 33 -21.70 -4.40 -16.80
C VAL E 33 -22.50 -5.44 -16.04
N MET E 34 -22.62 -6.64 -16.61
CA MET E 34 -23.39 -7.71 -16.03
C MET E 34 -22.54 -8.97 -15.92
N ALA E 35 -22.92 -9.83 -14.98
CA ALA E 35 -22.25 -11.12 -14.82
C ALA E 35 -23.24 -12.10 -14.21
N GLN E 36 -23.02 -13.38 -14.50
CA GLN E 36 -23.91 -14.43 -14.00
C GLN E 36 -23.72 -14.60 -12.50
N ASP E 37 -24.83 -14.58 -11.76
CA ASP E 37 -24.83 -14.70 -10.32
C ASP E 37 -24.15 -13.50 -9.66
N LYS E 38 -24.20 -12.34 -10.31
CA LYS E 38 -23.59 -11.12 -9.82
C LYS E 38 -24.56 -9.96 -10.03
N PRO E 39 -24.49 -8.94 -9.18
CA PRO E 39 -25.46 -7.83 -9.27
C PRO E 39 -25.16 -6.91 -10.45
N THR E 40 -26.22 -6.22 -10.88
CA THR E 40 -26.11 -5.23 -11.95
C THR E 40 -25.66 -3.89 -11.39
N VAL E 41 -24.49 -3.44 -11.81
CA VAL E 41 -23.91 -2.20 -11.31
C VAL E 41 -23.53 -1.32 -12.49
N ASP E 42 -23.62 -0.01 -12.29
CA ASP E 42 -23.27 0.97 -13.31
C ASP E 42 -21.92 1.57 -12.96
N ILE E 43 -21.06 1.68 -13.96
CA ILE E 43 -19.72 2.26 -13.80
C ILE E 43 -19.56 3.36 -14.84
N GLU E 44 -19.23 4.57 -14.38
CA GLU E 44 -19.10 5.73 -15.24
C GLU E 44 -17.94 6.61 -14.79
N LEU E 45 -17.15 7.09 -15.76
CA LEU E 45 -16.08 8.05 -15.51
C LEU E 45 -16.67 9.45 -15.44
N VAL E 46 -16.63 10.07 -14.26
CA VAL E 46 -17.32 11.34 -14.04
C VAL E 46 -16.40 12.52 -14.38
N THR E 47 -15.24 12.61 -13.74
CA THR E 47 -14.37 13.77 -13.95
C THR E 47 -12.92 13.34 -14.04
N THR E 48 -12.18 14.01 -14.91
CA THR E 48 -10.74 13.84 -15.08
C THR E 48 -10.06 15.10 -14.54
N THR E 49 -9.15 14.92 -13.59
CA THR E 49 -8.51 16.05 -12.90
C THR E 49 -7.00 15.99 -13.09
N VAL E 50 -6.44 17.05 -13.65
CA VAL E 50 -5.00 17.21 -13.78
C VAL E 50 -4.57 18.25 -12.76
N SER E 51 -3.52 17.94 -12.00
CA SER E 51 -3.09 18.80 -10.91
C SER E 51 -1.66 19.30 -11.15
N ASN E 52 -1.22 20.16 -10.24
CA ASN E 52 0.13 20.71 -10.20
C ASN E 52 0.52 21.29 -11.56
N MET E 53 -0.30 22.22 -12.03
CA MET E 53 0.01 22.96 -13.24
C MET E 53 0.86 24.17 -12.91
N ALA E 54 1.85 24.43 -13.77
CA ALA E 54 2.76 25.55 -13.62
C ALA E 54 2.88 26.28 -14.95
N GLU E 55 3.13 27.58 -14.87
CA GLU E 55 3.17 28.38 -16.08
C GLU E 55 4.31 27.92 -17.00
N VAL E 56 4.05 27.97 -18.30
CA VAL E 56 5.02 27.60 -19.32
C VAL E 56 5.31 28.80 -20.21
N ARG E 57 4.28 29.37 -20.80
CA ARG E 57 4.43 30.47 -21.73
C ARG E 57 3.17 31.31 -21.71
N SER E 58 3.36 32.63 -21.69
CA SER E 58 2.26 33.58 -21.52
C SER E 58 2.14 34.49 -22.74
N TYR E 59 0.92 34.58 -23.27
CA TYR E 59 0.58 35.44 -24.39
C TYR E 59 -0.19 36.66 -23.88
N CYS E 60 0.06 37.81 -24.48
CA CYS E 60 -0.67 39.04 -24.14
C CYS E 60 -1.77 39.29 -25.17
N TYR E 61 -2.99 39.48 -24.68
CA TYR E 61 -4.13 39.79 -25.52
C TYR E 61 -4.72 41.18 -25.26
N GLU E 62 -4.20 41.90 -24.28
CA GLU E 62 -4.57 43.31 -24.07
C GLU E 62 -3.38 44.01 -23.45
N ALA E 63 -2.89 45.05 -24.10
CA ALA E 63 -1.68 45.75 -23.68
C ALA E 63 -1.99 47.21 -23.38
N SER E 64 -0.97 47.94 -22.93
CA SER E 64 -1.09 49.35 -22.64
C SER E 64 0.27 50.02 -22.80
N ILE E 65 0.24 51.33 -23.12
CA ILE E 65 1.45 52.09 -23.42
C ILE E 65 1.42 53.39 -22.63
N SER E 66 2.62 53.96 -22.43
CA SER E 66 2.74 55.27 -21.80
C SER E 66 4.12 55.84 -22.07
N ASP E 67 4.23 57.16 -21.93
CA ASP E 67 5.50 57.89 -21.94
C ASP E 67 6.31 57.59 -23.21
N MET E 68 5.74 57.98 -24.34
CA MET E 68 6.40 57.85 -25.64
C MET E 68 7.17 59.12 -25.98
N ALA E 69 8.31 58.96 -26.63
CA ALA E 69 9.12 60.08 -27.06
C ALA E 69 9.74 59.77 -28.41
N SER E 70 10.13 60.84 -29.12
CA SER E 70 10.60 60.71 -30.48
C SER E 70 11.96 61.38 -30.64
N ASP E 71 12.60 61.09 -31.77
CA ASP E 71 13.81 61.77 -32.20
C ASP E 71 14.02 61.52 -33.68
N SER E 72 14.43 62.56 -34.40
CA SER E 72 14.61 62.52 -35.84
C SER E 72 16.03 62.92 -36.19
N ARG E 73 16.43 62.62 -37.42
CA ARG E 73 17.80 62.87 -37.87
C ARG E 73 17.80 63.55 -39.22
N CYS E 74 18.88 64.28 -39.50
CA CYS E 74 19.06 65.00 -40.75
C CYS E 74 19.51 64.07 -41.88
N PRO E 75 19.37 64.50 -43.14
CA PRO E 75 19.81 63.66 -44.25
C PRO E 75 21.30 63.39 -44.19
N THR E 76 21.68 62.19 -44.64
CA THR E 76 23.06 61.73 -44.74
C THR E 76 23.76 61.64 -43.39
N GLN E 77 23.00 61.72 -42.29
CA GLN E 77 23.59 61.63 -40.96
C GLN E 77 23.63 60.20 -40.42
N GLY E 78 23.23 59.22 -41.21
CA GLY E 78 23.18 57.85 -40.74
C GLY E 78 21.79 57.45 -40.32
N GLU E 79 21.68 56.21 -39.83
CA GLU E 79 20.38 55.76 -39.37
C GLU E 79 20.15 56.20 -37.93
N ALA E 80 18.89 56.22 -37.52
CA ALA E 80 18.53 56.73 -36.20
C ALA E 80 18.55 55.63 -35.16
N TYR E 81 19.00 56.01 -33.95
CA TYR E 81 19.09 55.09 -32.83
C TYR E 81 18.78 55.87 -31.56
N LEU E 82 18.06 55.24 -30.64
CA LEU E 82 17.79 55.80 -29.32
C LEU E 82 18.18 54.79 -28.27
N ASP E 83 18.46 55.29 -27.06
CA ASP E 83 19.03 54.45 -26.01
C ASP E 83 18.11 53.32 -25.61
N LYS E 84 16.80 53.42 -25.86
CA LYS E 84 15.86 52.38 -25.49
C LYS E 84 15.65 51.32 -26.56
N GLN E 85 16.26 51.47 -27.75
CA GLN E 85 16.26 50.37 -28.71
C GLN E 85 16.91 49.13 -28.10
N SER E 86 17.87 49.33 -27.20
CA SER E 86 18.49 48.24 -26.47
C SER E 86 17.68 47.85 -25.24
N ASP E 87 16.50 48.43 -25.03
CA ASP E 87 15.63 48.10 -23.92
C ASP E 87 14.50 47.21 -24.43
N THR E 88 14.39 46.00 -23.85
CA THR E 88 13.50 44.97 -24.37
C THR E 88 12.02 45.26 -24.13
N GLN E 89 11.68 46.28 -23.35
CA GLN E 89 10.28 46.67 -23.16
C GLN E 89 9.79 47.63 -24.24
N TYR E 90 10.59 47.94 -25.25
CA TYR E 90 10.23 48.90 -26.29
C TYR E 90 10.27 48.24 -27.65
N VAL E 91 9.41 48.72 -28.56
CA VAL E 91 9.37 48.25 -29.94
C VAL E 91 9.58 49.45 -30.86
N CYS E 92 10.56 49.35 -31.75
CA CYS E 92 10.95 50.46 -32.61
C CYS E 92 10.92 50.02 -34.07
N LYS E 93 11.15 50.97 -34.96
CA LYS E 93 11.31 50.73 -36.39
C LYS E 93 11.83 52.01 -37.04
N ARG E 94 12.77 51.86 -37.98
CA ARG E 94 13.34 53.00 -38.69
C ARG E 94 12.67 53.20 -40.05
N THR E 95 12.41 54.46 -40.37
CA THR E 95 11.79 54.85 -41.64
C THR E 95 12.57 56.01 -42.23
N LEU E 96 12.12 56.51 -43.38
CA LEU E 96 12.78 57.58 -44.12
C LEU E 96 11.82 58.75 -44.22
N VAL E 97 12.25 59.93 -43.74
CA VAL E 97 11.43 61.13 -43.77
C VAL E 97 12.18 62.27 -44.44
N ASP E 98 11.41 63.18 -45.06
CA ASP E 98 11.95 64.32 -45.78
C ASP E 98 12.40 65.41 -44.82
N ARG E 99 13.65 65.85 -44.96
CA ARG E 99 14.23 66.87 -44.09
C ARG E 99 14.78 68.01 -44.92
N GLY E 100 14.78 69.21 -44.34
CA GLY E 100 15.26 70.39 -45.04
C GLY E 100 15.40 71.64 -44.20
N TRP E 101 15.24 72.81 -44.84
CA TRP E 101 15.46 74.08 -44.15
C TRP E 101 14.43 74.32 -43.06
N GLY E 102 13.15 74.17 -43.39
CA GLY E 102 12.11 74.42 -42.41
C GLY E 102 12.13 73.45 -41.26
N ASN E 103 12.69 72.27 -41.47
CA ASN E 103 12.80 71.25 -40.43
C ASN E 103 14.04 71.42 -39.57
N GLY E 104 15.05 72.13 -40.06
CA GLY E 104 16.28 72.34 -39.34
C GLY E 104 17.49 71.57 -39.87
N CYS E 105 17.45 71.13 -41.13
CA CYS E 105 18.52 70.36 -41.73
C CYS E 105 19.04 71.08 -42.98
N GLY E 106 20.27 70.78 -43.37
CA GLY E 106 20.84 71.50 -44.49
C GLY E 106 20.93 70.74 -45.79
N LEU E 107 20.15 69.67 -45.95
CA LEU E 107 20.14 68.90 -47.19
C LEU E 107 18.72 68.44 -47.48
N PHE E 108 18.52 68.01 -48.72
CA PHE E 108 17.26 67.45 -49.20
C PHE E 108 17.46 65.98 -49.52
N GLY E 109 16.61 65.14 -48.94
CA GLY E 109 16.66 63.72 -49.19
C GLY E 109 16.03 62.96 -48.04
N LYS E 110 16.18 61.64 -48.09
CA LYS E 110 15.59 60.80 -47.06
C LYS E 110 16.47 60.81 -45.82
N GLY E 111 15.86 61.05 -44.67
CA GLY E 111 16.52 60.98 -43.38
C GLY E 111 15.95 59.83 -42.56
N SER E 112 16.81 59.13 -41.84
CA SER E 112 16.35 58.01 -41.04
C SER E 112 15.66 58.50 -39.78
N LEU E 113 14.55 57.85 -39.44
CA LEU E 113 13.74 58.21 -38.28
C LEU E 113 13.29 56.96 -37.55
N VAL E 114 13.54 56.92 -36.25
CA VAL E 114 13.15 55.78 -35.43
C VAL E 114 12.31 56.31 -34.28
N THR E 115 11.28 55.56 -33.91
CA THR E 115 10.37 55.97 -32.86
C THR E 115 9.97 54.75 -32.07
N CYS E 116 10.04 54.86 -30.74
CA CYS E 116 9.80 53.75 -29.84
C CYS E 116 8.67 54.12 -28.88
N ALA E 117 7.97 53.09 -28.38
CA ALA E 117 6.86 53.28 -27.47
C ALA E 117 6.98 52.25 -26.35
N LYS E 118 6.75 52.69 -25.12
CA LYS E 118 6.94 51.81 -23.98
C LYS E 118 5.82 50.78 -23.95
N PHE E 119 6.20 49.50 -24.03
CA PHE E 119 5.24 48.40 -24.09
C PHE E 119 5.04 47.86 -22.67
N ALA E 120 3.77 47.64 -22.31
CA ALA E 120 3.43 47.01 -21.04
C ALA E 120 2.10 46.30 -21.18
N CYS E 121 2.02 45.09 -20.62
CA CYS E 121 0.84 44.24 -20.69
C CYS E 121 0.14 44.25 -19.34
N SER E 122 -1.18 44.44 -19.35
CA SER E 122 -1.98 44.48 -18.13
C SER E 122 -2.55 43.10 -17.78
N LYS E 123 -3.27 42.49 -18.73
CA LYS E 123 -3.82 41.16 -18.57
C LYS E 123 -3.29 40.23 -19.65
N LYS E 124 -2.90 39.03 -19.25
CA LYS E 124 -2.24 38.08 -20.13
C LYS E 124 -2.88 36.71 -19.98
N MET E 125 -2.67 35.87 -20.99
CA MET E 125 -3.10 34.48 -20.95
C MET E 125 -1.88 33.58 -20.88
N THR E 126 -2.09 32.37 -20.36
CA THR E 126 -1.00 31.43 -20.13
C THR E 126 -1.41 30.04 -20.61
N GLY E 127 -0.48 29.37 -21.31
CA GLY E 127 -0.67 27.99 -21.70
C GLY E 127 0.18 27.08 -20.83
N LYS E 128 -0.44 25.99 -20.36
CA LYS E 128 0.18 25.09 -19.41
C LYS E 128 0.26 23.68 -19.98
N SER E 129 1.42 23.05 -19.81
CA SER E 129 1.64 21.70 -20.33
C SER E 129 0.95 20.68 -19.46
N ILE E 130 0.45 19.62 -20.10
CA ILE E 130 -0.30 18.56 -19.42
C ILE E 130 0.61 17.36 -19.24
N GLN E 131 1.01 17.11 -17.99
CA GLN E 131 1.83 15.94 -17.67
C GLN E 131 0.92 14.75 -17.40
N PRO E 132 1.05 13.65 -18.14
CA PRO E 132 0.24 12.45 -17.82
C PRO E 132 0.51 11.91 -16.43
N GLU E 133 1.62 12.28 -15.79
CA GLU E 133 1.90 11.82 -14.44
C GLU E 133 0.94 12.47 -13.45
N ASN E 134 0.74 13.78 -13.55
CA ASN E 134 -0.18 14.49 -12.67
C ASN E 134 -1.59 14.44 -13.28
N LEU E 135 -2.23 13.28 -13.14
CA LEU E 135 -3.54 13.03 -13.73
C LEU E 135 -4.37 12.18 -12.78
N GLU E 136 -5.62 12.60 -12.56
CA GLU E 136 -6.52 11.91 -11.63
C GLU E 136 -7.83 11.60 -12.35
N TYR E 137 -8.26 10.34 -12.27
CA TYR E 137 -9.53 9.89 -12.81
C TYR E 137 -10.50 9.54 -11.69
N ARG E 138 -11.67 10.15 -11.69
CA ARG E 138 -12.70 9.88 -10.69
C ARG E 138 -13.80 9.03 -11.31
N ILE E 139 -14.08 7.88 -10.69
CA ILE E 139 -15.09 6.95 -11.15
C ILE E 139 -16.17 6.82 -10.09
N MET E 140 -17.42 6.72 -10.52
CA MET E 140 -18.56 6.52 -9.63
C MET E 140 -19.25 5.20 -9.93
N LEU E 141 -19.58 4.48 -8.86
CA LEU E 141 -20.27 3.19 -8.94
C LEU E 141 -21.60 3.30 -8.18
N SER E 142 -22.63 2.64 -8.70
CA SER E 142 -23.97 2.80 -8.17
C SER E 142 -24.73 1.48 -8.28
N VAL E 143 -25.38 1.09 -7.19
CA VAL E 143 -26.07 -0.20 -7.12
C VAL E 143 -27.57 0.05 -7.16
N HIS E 144 -28.30 -0.94 -7.68
CA HIS E 144 -29.75 -0.92 -7.80
C HIS E 144 -30.37 -1.65 -6.62
N GLY E 145 -31.67 -1.44 -6.41
CA GLY E 145 -32.42 -2.06 -5.32
C GLY E 145 -33.11 -1.07 -4.41
N SER E 146 -32.59 0.14 -4.33
CA SER E 146 -33.09 1.16 -3.39
C SER E 146 -33.05 2.51 -4.10
N GLN E 147 -33.06 3.59 -3.31
CA GLN E 147 -32.98 4.96 -3.82
C GLN E 147 -34.19 5.31 -4.69
N HIS E 148 -35.33 5.39 -4.01
CA HIS E 148 -36.59 5.74 -4.67
C HIS E 148 -36.56 7.15 -5.28
N SER E 149 -37.66 7.53 -5.93
CA SER E 149 -37.70 8.68 -6.84
C SER E 149 -37.11 9.96 -6.25
N GLY E 150 -37.14 10.11 -4.92
CA GLY E 150 -36.55 11.30 -4.32
C GLY E 150 -35.05 11.40 -4.48
N MET E 151 -34.40 10.31 -4.91
CA MET E 151 -32.95 10.24 -5.04
C MET E 151 -32.45 10.48 -6.45
N ILE E 152 -33.33 10.86 -7.38
CA ILE E 152 -32.90 11.10 -8.76
C ILE E 152 -31.86 12.21 -8.80
N VAL E 153 -32.16 13.35 -8.17
CA VAL E 153 -31.20 14.44 -8.05
C VAL E 153 -30.79 14.56 -6.60
N ASN E 154 -29.71 13.86 -6.22
CA ASN E 154 -29.22 13.88 -4.85
C ASN E 154 -27.75 13.55 -4.86
N ASP E 155 -26.89 14.53 -4.50
CA ASP E 155 -25.45 14.37 -4.55
C ASP E 155 -24.73 14.55 -3.21
N THR E 156 -25.45 14.88 -2.13
CA THR E 156 -24.85 15.05 -0.82
C THR E 156 -25.19 13.84 0.06
N GLY E 157 -24.18 13.28 0.70
CA GLY E 157 -24.33 12.11 1.53
C GLY E 157 -23.97 10.78 0.89
N HIS E 158 -23.16 10.79 -0.17
CA HIS E 158 -22.70 9.54 -0.77
C HIS E 158 -21.55 8.91 0.01
N GLU E 159 -20.89 9.67 0.88
CA GLU E 159 -19.83 9.09 1.70
C GLU E 159 -20.40 8.13 2.74
N THR E 160 -21.61 8.40 3.22
CA THR E 160 -22.30 7.53 4.17
C THR E 160 -23.22 6.54 3.50
N ASP E 161 -23.61 6.80 2.25
CA ASP E 161 -24.54 5.95 1.53
C ASP E 161 -23.76 4.80 0.89
N GLU E 162 -24.12 3.57 1.24
CA GLU E 162 -23.36 2.41 0.80
C GLU E 162 -23.58 2.06 -0.67
N ASN E 163 -24.70 2.49 -1.27
CA ASN E 163 -24.96 2.14 -2.66
C ASN E 163 -24.01 2.83 -3.63
N ARG E 164 -23.61 4.06 -3.33
CA ARG E 164 -22.76 4.86 -4.22
C ARG E 164 -21.38 5.05 -3.60
N ALA E 165 -20.36 5.07 -4.45
CA ALA E 165 -18.99 5.18 -3.97
C ALA E 165 -18.14 5.92 -4.99
N LYS E 166 -17.24 6.77 -4.50
CA LYS E 166 -16.35 7.57 -5.33
C LYS E 166 -14.97 6.96 -5.37
N VAL E 167 -14.38 6.92 -6.56
CA VAL E 167 -13.08 6.31 -6.80
C VAL E 167 -12.13 7.37 -7.29
N GLU E 168 -10.86 7.28 -6.87
CA GLU E 168 -9.81 8.20 -7.30
C GLU E 168 -8.58 7.39 -7.69
N ILE E 169 -8.07 7.63 -8.89
CA ILE E 169 -6.93 6.88 -9.41
C ILE E 169 -5.85 7.88 -9.82
N THR E 170 -4.67 7.74 -9.21
CA THR E 170 -3.47 8.48 -9.57
C THR E 170 -2.34 7.49 -9.86
N PRO E 171 -1.30 7.91 -10.58
CA PRO E 171 -0.19 6.99 -10.86
C PRO E 171 0.59 6.51 -9.62
N ASN E 172 0.49 7.19 -8.46
CA ASN E 172 1.18 6.70 -7.27
C ASN E 172 0.40 5.60 -6.54
N SER E 173 -0.92 5.56 -6.72
CA SER E 173 -1.78 4.53 -6.12
C SER E 173 -2.86 4.19 -7.13
N PRO E 174 -2.52 3.39 -8.15
CA PRO E 174 -3.46 3.12 -9.25
C PRO E 174 -4.63 2.23 -8.85
N ARG E 175 -4.69 1.78 -7.60
CA ARG E 175 -5.77 0.93 -7.12
C ARG E 175 -6.58 1.63 -6.05
N ALA E 176 -7.89 1.41 -6.09
CA ALA E 176 -8.82 1.85 -5.05
C ALA E 176 -9.97 0.86 -5.02
N GLU E 177 -10.57 0.69 -3.84
CA GLU E 177 -11.64 -0.28 -3.66
C GLU E 177 -12.91 0.46 -3.25
N ALA E 178 -14.03 0.08 -3.86
CA ALA E 178 -15.30 0.75 -3.65
C ALA E 178 -16.11 0.00 -2.59
N THR E 179 -16.42 0.70 -1.50
CA THR E 179 -17.24 0.15 -0.43
C THR E 179 -18.68 -0.02 -0.91
N LEU E 180 -19.13 -1.27 -1.01
CA LEU E 180 -20.43 -1.59 -1.58
C LEU E 180 -21.39 -2.18 -0.56
N GLY E 181 -21.06 -2.11 0.73
CA GLY E 181 -21.89 -2.63 1.79
C GLY E 181 -22.28 -4.09 1.62
N GLY E 182 -23.57 -4.33 1.40
CA GLY E 182 -24.08 -5.68 1.32
C GLY E 182 -23.64 -6.44 0.08
N PHE E 183 -23.27 -5.72 -0.98
CA PHE E 183 -22.89 -6.32 -2.24
C PHE E 183 -21.39 -6.60 -2.34
N GLY E 184 -20.64 -6.38 -1.26
CA GLY E 184 -19.23 -6.72 -1.25
C GLY E 184 -18.36 -5.54 -1.63
N SER E 185 -17.50 -5.74 -2.63
CA SER E 185 -16.60 -4.69 -3.10
C SER E 185 -16.21 -4.97 -4.54
N LEU E 186 -16.08 -3.91 -5.35
CA LEU E 186 -15.70 -4.05 -6.74
C LEU E 186 -14.30 -3.49 -6.97
N GLY E 187 -13.51 -4.21 -7.76
CA GLY E 187 -12.21 -3.74 -8.19
C GLY E 187 -12.26 -2.96 -9.50
N LEU E 188 -11.37 -1.97 -9.60
CA LEU E 188 -11.21 -1.15 -10.81
C LEU E 188 -9.71 -1.01 -11.03
N ASP E 189 -9.14 -1.93 -11.81
CA ASP E 189 -7.73 -1.91 -12.15
C ASP E 189 -7.64 -1.32 -13.55
N CYS E 190 -7.31 -0.04 -13.62
CA CYS E 190 -7.35 0.72 -14.86
C CYS E 190 -5.96 0.92 -15.45
N GLU E 191 -5.94 1.17 -16.76
CA GLU E 191 -4.71 1.37 -17.52
C GLU E 191 -4.77 2.77 -18.13
N PRO E 192 -4.48 3.81 -17.35
CA PRO E 192 -4.55 5.18 -17.87
C PRO E 192 -3.50 5.51 -18.91
N ARG E 193 -2.42 4.73 -19.01
CA ARG E 193 -1.34 5.06 -19.91
C ARG E 193 -1.67 4.77 -21.38
N THR E 194 -2.64 3.91 -21.64
CA THR E 194 -2.98 3.52 -23.02
C THR E 194 -4.41 3.88 -23.36
N GLY E 195 -4.89 5.05 -22.95
CA GLY E 195 -6.25 5.41 -23.26
C GLY E 195 -6.40 6.43 -24.38
N LEU E 196 -5.61 7.51 -24.31
CA LEU E 196 -5.63 8.56 -25.31
C LEU E 196 -4.39 9.43 -25.15
N ASP E 197 -3.61 9.62 -26.22
CA ASP E 197 -2.40 10.41 -26.09
C ASP E 197 -2.68 11.91 -25.98
N PHE E 198 -2.77 12.41 -24.75
CA PHE E 198 -2.96 13.84 -24.48
C PHE E 198 -1.66 14.62 -24.57
N SER E 199 -0.58 13.99 -25.05
CA SER E 199 0.71 14.64 -25.19
C SER E 199 0.78 15.55 -26.40
N ASP E 200 -0.10 15.37 -27.38
CA ASP E 200 -0.09 16.15 -28.61
C ASP E 200 -1.02 17.36 -28.53
N LEU E 201 -1.35 17.82 -27.34
CA LEU E 201 -2.28 18.91 -27.11
C LEU E 201 -1.70 19.89 -26.07
N TYR E 202 -2.35 21.03 -25.94
CA TYR E 202 -1.99 22.02 -24.95
C TYR E 202 -3.22 22.44 -24.17
N TYR E 203 -2.99 22.97 -22.97
CA TYR E 203 -4.04 23.41 -22.05
C TYR E 203 -4.10 24.93 -22.05
N LEU E 204 -5.07 25.48 -22.76
CA LEU E 204 -5.25 26.93 -22.82
C LEU E 204 -6.08 27.41 -21.64
N THR E 205 -5.68 28.54 -21.07
CA THR E 205 -6.40 29.20 -19.98
C THR E 205 -6.57 30.66 -20.37
N MET E 206 -7.76 31.02 -20.83
CA MET E 206 -8.09 32.40 -21.14
C MET E 206 -8.63 33.07 -19.87
N ASN E 207 -9.28 34.22 -20.00
CA ASN E 207 -9.76 34.99 -18.86
C ASN E 207 -10.91 34.24 -18.21
N ASN E 208 -10.55 33.31 -17.34
CA ASN E 208 -11.45 32.37 -16.66
C ASN E 208 -12.15 31.42 -17.63
N LYS E 209 -11.60 31.26 -18.84
CA LYS E 209 -12.10 30.30 -19.82
C LYS E 209 -10.96 29.37 -20.20
N HIS E 210 -11.28 28.08 -20.36
CA HIS E 210 -10.27 27.04 -20.43
C HIS E 210 -10.62 26.06 -21.53
N TRP E 211 -9.59 25.66 -22.29
CA TRP E 211 -9.76 24.79 -23.44
C TRP E 211 -8.67 23.73 -23.46
N LEU E 212 -8.77 22.86 -24.47
CA LEU E 212 -7.76 21.87 -24.80
C LEU E 212 -7.45 22.07 -26.28
N VAL E 213 -6.25 22.57 -26.59
CA VAL E 213 -5.93 23.03 -27.94
C VAL E 213 -4.75 22.23 -28.49
N HIS E 214 -4.64 22.24 -29.81
CA HIS E 214 -3.52 21.59 -30.47
C HIS E 214 -2.21 22.28 -30.10
N LYS E 215 -1.13 21.50 -30.02
CA LYS E 215 0.18 22.11 -29.85
C LYS E 215 0.67 22.74 -31.14
N GLU E 216 0.14 22.32 -32.30
CA GLU E 216 0.48 23.00 -33.54
C GLU E 216 -0.15 24.39 -33.59
N TRP E 217 -1.39 24.50 -33.13
CA TRP E 217 -2.05 25.81 -33.13
C TRP E 217 -1.48 26.74 -32.08
N PHE E 218 -1.05 26.21 -30.93
CA PHE E 218 -0.65 27.07 -29.83
C PHE E 218 0.69 27.75 -30.10
N HIS E 219 1.61 27.05 -30.77
CA HIS E 219 2.89 27.62 -31.13
C HIS E 219 2.82 28.53 -32.34
N ASP E 220 1.66 28.61 -33.00
CA ASP E 220 1.45 29.43 -34.19
C ASP E 220 0.76 30.76 -33.89
N ILE E 221 0.51 31.07 -32.62
CA ILE E 221 -0.17 32.30 -32.24
C ILE E 221 0.68 33.52 -32.57
N PRO E 222 0.18 34.46 -33.40
CA PRO E 222 0.89 35.74 -33.65
C PRO E 222 0.53 36.82 -32.65
N LEU E 223 1.11 36.73 -31.46
CA LEU E 223 0.89 37.67 -30.37
C LEU E 223 2.17 37.78 -29.57
N PRO E 224 2.31 38.81 -28.73
CA PRO E 224 3.50 38.88 -27.88
C PRO E 224 3.53 37.73 -26.90
N TRP E 225 4.67 37.05 -26.81
CA TRP E 225 4.82 35.91 -25.93
C TRP E 225 6.19 35.96 -25.28
N HIS E 226 6.32 35.28 -24.15
CA HIS E 226 7.56 35.19 -23.41
C HIS E 226 7.72 33.80 -22.82
N ALA E 227 8.96 33.32 -22.79
CA ALA E 227 9.27 31.95 -22.41
C ALA E 227 9.63 31.84 -20.94
N GLY E 228 9.13 30.78 -20.31
CA GLY E 228 9.43 30.51 -18.92
C GLY E 228 8.84 31.55 -17.98
N ALA E 229 9.63 31.98 -17.01
CA ALA E 229 9.21 32.96 -16.02
C ALA E 229 9.25 34.37 -16.63
N PRO E 234 10.66 39.53 -17.69
CA PRO E 234 10.09 38.85 -18.86
C PRO E 234 10.62 39.39 -20.19
N HIS E 235 10.89 38.46 -21.11
CA HIS E 235 11.47 38.76 -22.42
C HIS E 235 10.40 38.55 -23.49
N TRP E 236 9.86 39.65 -24.01
CA TRP E 236 8.73 39.58 -24.93
C TRP E 236 9.19 39.56 -26.39
N ASN E 237 8.69 38.59 -27.14
CA ASN E 237 8.94 38.52 -28.57
C ASN E 237 7.67 38.81 -29.36
N ASN E 238 7.86 39.25 -30.60
CA ASN E 238 6.78 39.53 -31.55
C ASN E 238 5.83 40.60 -31.00
N LYS E 239 6.41 41.74 -30.63
CA LYS E 239 5.62 42.86 -30.14
C LYS E 239 4.81 43.54 -31.24
N GLU E 240 5.23 43.38 -32.50
CA GLU E 240 4.59 44.07 -33.62
C GLU E 240 3.17 43.58 -33.88
N ALA E 241 2.77 42.47 -33.26
CA ALA E 241 1.44 41.92 -33.52
C ALA E 241 0.34 42.82 -32.96
N LEU E 242 0.62 43.53 -31.86
CA LEU E 242 -0.35 44.36 -31.17
C LEU E 242 -0.18 45.84 -31.47
N VAL E 243 0.81 46.22 -32.27
CA VAL E 243 1.14 47.61 -32.51
C VAL E 243 1.25 47.83 -34.01
N GLU E 244 0.62 48.90 -34.49
CA GLU E 244 0.66 49.26 -35.91
C GLU E 244 1.42 50.58 -36.07
N PHE E 245 2.34 50.62 -37.02
CA PHE E 245 3.05 51.85 -37.39
C PHE E 245 2.59 52.29 -38.77
N LYS E 246 1.73 53.30 -38.80
CA LYS E 246 1.29 53.88 -40.06
C LYS E 246 2.25 55.00 -40.44
N ASP E 247 2.84 54.90 -41.62
CA ASP E 247 3.71 55.96 -42.09
C ASP E 247 2.86 57.03 -42.77
N ALA E 248 3.14 58.28 -42.47
CA ALA E 248 2.32 59.40 -42.95
C ALA E 248 3.09 60.13 -44.05
N HIS E 249 2.92 59.66 -45.28
CA HIS E 249 3.47 60.30 -46.48
C HIS E 249 4.96 60.59 -46.35
N ALA E 250 5.68 59.70 -45.66
CA ALA E 250 7.13 59.79 -45.49
C ALA E 250 7.59 61.09 -44.85
N LYS E 251 6.79 61.64 -43.95
CA LYS E 251 7.19 62.83 -43.18
C LYS E 251 7.01 62.66 -41.68
N ARG E 252 5.95 62.01 -41.23
CA ARG E 252 5.68 61.87 -39.80
C ARG E 252 5.26 60.43 -39.51
N GLN E 253 5.39 60.07 -38.23
CA GLN E 253 5.15 58.71 -37.76
C GLN E 253 4.32 58.72 -36.49
N THR E 254 3.25 57.94 -36.47
CA THR E 254 2.40 57.78 -35.30
C THR E 254 2.40 56.32 -34.87
N VAL E 255 2.18 56.10 -33.58
CA VAL E 255 2.19 54.77 -32.99
C VAL E 255 0.90 54.57 -32.21
N VAL E 256 0.23 53.45 -32.45
CA VAL E 256 -1.01 53.12 -31.76
C VAL E 256 -1.05 51.62 -31.54
N VAL E 257 -1.67 51.23 -30.44
CA VAL E 257 -1.85 49.82 -30.14
C VAL E 257 -3.16 49.34 -30.75
N LEU E 258 -3.24 48.04 -30.99
CA LEU E 258 -4.45 47.43 -31.49
C LEU E 258 -5.37 47.07 -30.34
N GLY E 259 -6.66 47.06 -30.63
CA GLY E 259 -7.66 46.74 -29.62
C GLY E 259 -7.52 45.33 -29.07
N SER E 260 -8.32 45.07 -28.04
CA SER E 260 -8.24 43.80 -27.35
C SER E 260 -8.65 42.66 -28.27
N GLN E 261 -7.81 41.62 -28.33
CA GLN E 261 -8.04 40.47 -29.19
C GLN E 261 -8.90 39.40 -28.54
N GLU E 262 -9.67 39.75 -27.50
CA GLU E 262 -10.50 38.75 -26.82
C GLU E 262 -11.44 38.06 -27.79
N GLY E 263 -12.00 38.80 -28.74
CA GLY E 263 -12.92 38.23 -29.69
C GLY E 263 -12.25 37.40 -30.78
N ALA E 264 -11.06 37.81 -31.21
CA ALA E 264 -10.36 37.10 -32.28
C ALA E 264 -9.99 35.68 -31.88
N VAL E 265 -9.70 35.44 -30.60
CA VAL E 265 -9.34 34.11 -30.14
C VAL E 265 -10.58 33.22 -30.04
N HIS E 266 -11.67 33.76 -29.49
CA HIS E 266 -12.90 32.99 -29.34
C HIS E 266 -13.44 32.48 -30.67
N THR E 267 -13.23 33.22 -31.75
CA THR E 267 -13.70 32.79 -33.07
C THR E 267 -12.91 31.59 -33.58
N ALA E 268 -11.58 31.61 -33.44
CA ALA E 268 -10.77 30.51 -33.93
C ALA E 268 -10.95 29.24 -33.10
N LEU E 269 -11.30 29.38 -31.82
CA LEU E 269 -11.46 28.26 -30.90
C LEU E 269 -12.74 27.44 -31.12
N ALA E 270 -13.56 27.75 -32.12
CA ALA E 270 -14.80 26.98 -32.34
C ALA E 270 -14.44 25.59 -32.85
N GLY E 271 -14.55 24.60 -31.98
CA GLY E 271 -14.19 23.24 -32.34
C GLY E 271 -13.26 22.57 -31.34
N ALA E 272 -12.50 23.38 -30.60
CA ALA E 272 -11.54 22.86 -29.65
C ALA E 272 -12.26 22.26 -28.45
N LEU E 273 -11.61 21.30 -27.81
CA LEU E 273 -12.18 20.64 -26.65
C LEU E 273 -12.09 21.58 -25.45
N GLU E 274 -13.24 21.92 -24.88
CA GLU E 274 -13.28 22.89 -23.79
C GLU E 274 -13.09 22.21 -22.44
N ALA E 275 -12.66 23.00 -21.46
CA ALA E 275 -12.45 22.50 -20.11
C ALA E 275 -12.80 23.61 -19.13
N GLU E 276 -12.75 23.27 -17.84
CA GLU E 276 -12.97 24.22 -16.76
C GLU E 276 -12.05 23.88 -15.59
N MET E 277 -11.94 24.82 -14.65
CA MET E 277 -11.06 24.69 -13.50
C MET E 277 -11.88 24.60 -12.23
N ASP E 278 -11.55 23.64 -11.38
CA ASP E 278 -12.17 23.52 -10.06
C ASP E 278 -11.32 24.22 -9.00
N GLY E 279 -11.21 25.53 -9.16
CA GLY E 279 -10.36 26.31 -8.29
C GLY E 279 -8.92 26.33 -8.77
N ALA E 280 -8.09 25.47 -8.18
CA ALA E 280 -6.72 25.28 -8.62
C ALA E 280 -6.50 23.98 -9.37
N LYS E 281 -7.42 23.03 -9.25
CA LYS E 281 -7.34 21.76 -9.98
C LYS E 281 -8.18 21.87 -11.25
N GLY E 282 -7.61 21.40 -12.36
CA GLY E 282 -8.23 21.54 -13.66
C GLY E 282 -8.95 20.27 -14.09
N ARG E 283 -10.20 20.43 -14.48
CA ARG E 283 -11.05 19.33 -14.93
C ARG E 283 -11.15 19.32 -16.44
N LEU E 284 -11.30 18.12 -17.00
CA LEU E 284 -11.39 17.93 -18.45
C LEU E 284 -12.75 17.39 -18.83
N SER E 285 -13.10 17.56 -20.11
CA SER E 285 -14.37 17.10 -20.65
C SER E 285 -14.19 16.19 -21.86
N SER E 286 -13.03 15.56 -22.00
CA SER E 286 -12.77 14.69 -23.15
C SER E 286 -11.70 13.67 -22.80
N GLY E 287 -11.78 12.51 -23.46
CA GLY E 287 -10.85 11.42 -23.25
C GLY E 287 -11.56 10.14 -22.84
N HIS E 288 -11.03 9.00 -23.27
CA HIS E 288 -11.59 7.71 -22.89
C HIS E 288 -10.56 6.91 -22.10
N LEU E 289 -11.00 5.78 -21.55
CA LEU E 289 -10.16 5.04 -20.61
C LEU E 289 -10.65 3.60 -20.52
N LYS E 290 -9.75 2.65 -20.75
CA LYS E 290 -10.05 1.24 -20.60
C LYS E 290 -9.71 0.78 -19.19
N CYS E 291 -10.60 0.00 -18.60
CA CYS E 291 -10.40 -0.53 -17.26
C CYS E 291 -10.73 -2.02 -17.25
N ARG E 292 -10.24 -2.71 -16.22
CA ARG E 292 -10.50 -4.12 -16.02
C ARG E 292 -11.23 -4.29 -14.68
N LEU E 293 -12.38 -4.95 -14.70
CA LEU E 293 -13.23 -5.06 -13.53
C LEU E 293 -13.23 -6.49 -13.01
N LYS E 294 -13.12 -6.62 -11.69
CA LYS E 294 -13.06 -7.90 -11.01
C LYS E 294 -14.46 -8.29 -10.55
N MET E 295 -14.93 -9.46 -10.98
CA MET E 295 -16.22 -10.00 -10.57
C MET E 295 -16.10 -10.96 -9.40
N ASP E 296 -14.88 -11.33 -9.01
CA ASP E 296 -14.69 -12.32 -7.95
C ASP E 296 -15.19 -11.78 -6.61
N LYS E 297 -14.68 -10.62 -6.19
CA LYS E 297 -15.03 -10.05 -4.89
C LYS E 297 -16.39 -9.37 -4.89
N LEU E 298 -17.06 -9.27 -6.03
CA LEU E 298 -18.39 -8.68 -6.09
C LEU E 298 -19.42 -9.73 -5.71
N ARG E 299 -20.25 -9.41 -4.70
CA ARG E 299 -21.19 -10.37 -4.14
C ARG E 299 -22.62 -9.87 -4.36
N LEU E 300 -23.57 -10.81 -4.36
CA LEU E 300 -24.98 -10.48 -4.38
C LEU E 300 -25.46 -10.12 -2.97
N LYS E 301 -26.75 -9.84 -2.85
CA LYS E 301 -27.35 -9.53 -1.54
C LYS E 301 -28.83 -9.90 -1.61
N GLY E 302 -29.17 -11.08 -1.10
CA GLY E 302 -30.57 -11.45 -0.99
C GLY E 302 -30.99 -12.74 -1.67
N VAL E 303 -30.04 -13.66 -1.90
CA VAL E 303 -30.41 -14.90 -2.57
C VAL E 303 -31.15 -15.84 -1.62
N SER E 304 -30.90 -15.75 -0.32
CA SER E 304 -31.61 -16.56 0.67
C SER E 304 -32.92 -15.93 1.13
N TYR E 305 -33.19 -14.69 0.74
CA TYR E 305 -34.38 -13.99 1.16
C TYR E 305 -35.64 -14.74 0.71
N SER E 306 -36.73 -14.51 1.44
CA SER E 306 -38.01 -15.07 1.02
C SER E 306 -38.57 -14.27 -0.13
N LEU E 307 -39.56 -14.85 -0.80
CA LEU E 307 -40.25 -14.18 -1.90
C LEU E 307 -41.28 -13.21 -1.34
N CYS E 308 -41.42 -12.07 -2.03
CA CYS E 308 -42.36 -11.05 -1.57
C CYS E 308 -43.78 -11.61 -1.67
N THR E 309 -44.39 -11.87 -0.52
CA THR E 309 -45.70 -12.51 -0.49
C THR E 309 -46.84 -11.50 -0.62
N ALA E 310 -46.66 -10.28 -0.16
CA ALA E 310 -47.73 -9.30 -0.19
C ALA E 310 -47.88 -8.69 -1.59
N ALA E 311 -48.93 -7.90 -1.75
CA ALA E 311 -49.34 -7.38 -3.04
C ALA E 311 -48.52 -6.15 -3.41
N PHE E 312 -48.56 -5.82 -4.71
CA PHE E 312 -47.94 -4.63 -5.27
C PHE E 312 -49.01 -3.71 -5.86
N THR E 313 -48.68 -2.44 -5.95
CA THR E 313 -49.59 -1.42 -6.50
C THR E 313 -48.81 -0.59 -7.51
N PHE E 314 -49.34 -0.49 -8.74
CA PHE E 314 -48.74 0.31 -9.79
C PHE E 314 -48.70 1.79 -9.44
N THR E 315 -47.52 2.34 -9.17
CA THR E 315 -47.44 3.76 -8.88
C THR E 315 -47.25 4.62 -10.13
N LYS E 316 -46.49 4.15 -11.11
CA LYS E 316 -46.22 4.94 -12.30
C LYS E 316 -46.33 4.08 -13.55
N ILE E 317 -46.39 4.76 -14.69
CA ILE E 317 -46.52 4.15 -16.02
C ILE E 317 -45.25 3.41 -16.38
N PRO E 318 -45.30 2.11 -16.64
CA PRO E 318 -44.11 1.41 -17.14
C PRO E 318 -43.71 1.96 -18.50
N ALA E 319 -42.44 2.36 -18.62
CA ALA E 319 -41.91 2.96 -19.84
C ALA E 319 -40.64 2.25 -20.29
N GLU E 320 -40.16 2.62 -21.47
CA GLU E 320 -38.96 2.06 -22.07
C GLU E 320 -37.84 3.09 -22.11
N THR E 321 -36.62 2.59 -22.26
CA THR E 321 -35.42 3.42 -22.37
C THR E 321 -34.95 3.40 -23.82
N LEU E 322 -33.78 4.00 -24.06
CA LEU E 322 -33.24 4.10 -25.41
C LEU E 322 -32.62 2.79 -25.89
N HIS E 323 -32.60 1.74 -25.08
CA HIS E 323 -31.90 0.52 -25.44
C HIS E 323 -32.76 -0.74 -25.47
N GLY E 324 -34.05 -0.65 -25.13
CA GLY E 324 -34.95 -1.77 -25.26
C GLY E 324 -35.48 -2.37 -23.98
N THR E 325 -35.08 -1.87 -22.82
CA THR E 325 -35.52 -2.48 -21.57
C THR E 325 -36.82 -1.83 -21.08
N VAL E 326 -37.48 -2.52 -20.15
CA VAL E 326 -38.76 -2.09 -19.61
C VAL E 326 -38.59 -1.88 -18.12
N THR E 327 -38.97 -0.69 -17.65
CA THR E 327 -38.99 -0.39 -16.23
C THR E 327 -40.43 -0.32 -15.74
N VAL E 328 -40.62 -0.73 -14.49
CA VAL E 328 -41.92 -0.67 -13.83
C VAL E 328 -41.68 -0.17 -12.42
N GLU E 329 -42.43 0.85 -12.02
CA GLU E 329 -42.40 1.33 -10.65
C GLU E 329 -43.61 0.78 -9.91
N VAL E 330 -43.38 0.24 -8.72
CA VAL E 330 -44.41 -0.39 -7.91
C VAL E 330 -44.12 -0.06 -6.45
N GLN E 331 -45.16 -0.14 -5.63
CA GLN E 331 -45.06 0.14 -4.22
C GLN E 331 -45.35 -1.14 -3.44
N TYR E 332 -44.52 -1.42 -2.45
CA TYR E 332 -44.61 -2.64 -1.67
C TYR E 332 -45.25 -2.32 -0.32
N ALA E 333 -46.52 -2.67 -0.18
CA ALA E 333 -47.22 -2.51 1.09
C ALA E 333 -46.86 -3.60 2.09
N GLY E 334 -46.02 -4.55 1.70
CA GLY E 334 -45.74 -5.69 2.54
C GLY E 334 -44.77 -5.39 3.67
N THR E 335 -44.88 -6.20 4.71
CA THR E 335 -44.02 -6.06 5.88
C THR E 335 -43.11 -7.26 6.11
N ASP E 336 -43.16 -8.27 5.24
CA ASP E 336 -42.25 -9.40 5.38
C ASP E 336 -40.89 -9.13 4.74
N GLY E 337 -40.67 -7.92 4.22
CA GLY E 337 -39.39 -7.54 3.68
C GLY E 337 -38.31 -7.53 4.74
N PRO E 338 -37.03 -7.55 4.32
CA PRO E 338 -36.54 -7.60 2.95
C PRO E 338 -36.88 -8.91 2.23
N CYS E 339 -37.33 -8.80 0.99
CA CYS E 339 -37.78 -9.96 0.24
C CYS E 339 -37.29 -9.86 -1.20
N LYS E 340 -37.15 -11.02 -1.84
CA LYS E 340 -36.80 -11.07 -3.26
C LYS E 340 -38.03 -10.71 -4.07
N VAL E 341 -37.95 -9.64 -4.85
CA VAL E 341 -39.09 -9.23 -5.65
C VAL E 341 -39.23 -10.26 -6.77
N PRO E 342 -40.34 -11.01 -6.81
CA PRO E 342 -40.47 -12.03 -7.86
C PRO E 342 -40.70 -11.42 -9.23
N ALA E 343 -39.71 -11.56 -10.11
CA ALA E 343 -39.78 -11.04 -11.48
C ALA E 343 -39.13 -12.06 -12.40
N GLN E 344 -39.78 -12.35 -13.51
CA GLN E 344 -39.25 -13.31 -14.48
C GLN E 344 -40.09 -13.23 -15.75
N MET E 345 -39.55 -13.81 -16.81
CA MET E 345 -40.30 -14.03 -18.04
C MET E 345 -40.52 -15.52 -18.19
N ALA E 346 -41.64 -15.90 -18.81
CA ALA E 346 -41.92 -17.30 -19.05
C ALA E 346 -42.63 -17.48 -20.38
N VAL E 347 -42.16 -18.42 -21.19
CA VAL E 347 -42.89 -18.82 -22.39
C VAL E 347 -43.71 -20.06 -22.07
N ASP E 348 -43.19 -20.92 -21.20
CA ASP E 348 -43.86 -22.14 -20.76
C ASP E 348 -43.85 -22.21 -19.25
N MET E 349 -45.03 -22.29 -18.63
CA MET E 349 -45.11 -22.34 -17.16
C MET E 349 -44.73 -23.68 -16.54
N GLN E 350 -44.69 -24.76 -17.32
CA GLN E 350 -44.27 -26.05 -16.75
C GLN E 350 -42.76 -26.25 -16.84
N THR E 351 -42.18 -25.96 -18.01
CA THR E 351 -40.74 -26.03 -18.15
C THR E 351 -40.05 -24.86 -17.45
N LEU E 352 -40.76 -23.75 -17.27
CA LEU E 352 -40.20 -22.54 -16.66
C LEU E 352 -38.99 -22.06 -17.46
N THR E 353 -39.14 -22.04 -18.78
CA THR E 353 -38.02 -21.69 -19.65
C THR E 353 -37.62 -20.24 -19.45
N PRO E 354 -36.38 -19.97 -19.04
CA PRO E 354 -35.92 -18.58 -18.85
C PRO E 354 -35.66 -17.92 -20.19
N VAL E 355 -36.54 -17.04 -20.59
CA VAL E 355 -36.37 -16.32 -21.84
C VAL E 355 -35.83 -14.94 -21.51
N GLY E 356 -35.13 -14.33 -22.46
CA GLY E 356 -34.51 -13.06 -22.18
C GLY E 356 -33.47 -13.22 -21.08
N ARG E 357 -33.26 -12.15 -20.34
CA ARG E 357 -32.26 -12.07 -19.28
C ARG E 357 -32.71 -10.98 -18.33
N LEU E 358 -32.36 -11.13 -17.05
CA LEU E 358 -32.72 -10.13 -16.06
C LEU E 358 -31.67 -9.02 -16.05
N ILE E 359 -32.13 -7.78 -16.19
CA ILE E 359 -31.23 -6.64 -16.09
C ILE E 359 -30.93 -6.31 -14.64
N THR E 360 -31.96 -6.05 -13.84
CA THR E 360 -31.79 -5.85 -12.41
C THR E 360 -31.46 -7.19 -11.77
N ALA E 361 -30.17 -7.45 -11.58
CA ALA E 361 -29.74 -8.74 -11.08
C ALA E 361 -30.16 -8.89 -9.62
N ASN E 362 -30.96 -9.92 -9.33
CA ASN E 362 -31.50 -10.21 -8.00
C ASN E 362 -32.18 -8.98 -7.41
N PRO E 363 -33.34 -8.56 -7.91
CA PRO E 363 -34.03 -7.41 -7.31
C PRO E 363 -34.51 -7.74 -5.91
N VAL E 364 -34.15 -6.90 -4.96
CA VAL E 364 -34.46 -7.12 -3.56
C VAL E 364 -35.07 -5.85 -2.98
N ILE E 365 -35.99 -6.03 -2.05
CA ILE E 365 -36.59 -4.93 -1.30
C ILE E 365 -35.79 -4.74 -0.02
N THR E 366 -35.60 -3.49 0.39
CA THR E 366 -34.80 -3.17 1.56
C THR E 366 -35.67 -3.02 2.81
N GLU E 367 -36.61 -2.08 2.79
CA GLU E 367 -37.42 -1.78 3.95
C GLU E 367 -38.64 -2.70 4.03
N SER E 368 -38.95 -3.12 5.26
CA SER E 368 -40.16 -3.87 5.55
C SER E 368 -41.37 -2.98 5.81
N THR E 369 -41.21 -1.67 5.74
CA THR E 369 -42.34 -0.79 6.00
C THR E 369 -43.19 -0.64 4.74
N GLU E 370 -44.49 -0.44 4.95
CA GLU E 370 -45.44 -0.37 3.86
C GLU E 370 -45.33 0.97 3.13
N ASN E 371 -45.96 1.03 1.97
CA ASN E 371 -46.09 2.27 1.18
C ASN E 371 -44.72 2.80 0.76
N SER E 372 -43.75 1.90 0.63
CA SER E 372 -42.42 2.27 0.15
C SER E 372 -42.31 2.07 -1.36
N LYS E 373 -41.65 3.00 -2.02
CA LYS E 373 -41.52 2.97 -3.47
C LYS E 373 -40.18 2.39 -3.90
N MET E 374 -40.21 1.67 -5.01
CA MET E 374 -39.03 1.04 -5.59
C MET E 374 -39.32 0.80 -7.06
N MET E 375 -38.27 0.83 -7.88
CA MET E 375 -38.42 0.66 -9.31
C MET E 375 -37.30 -0.22 -9.83
N LEU E 376 -37.63 -1.10 -10.79
CA LEU E 376 -36.69 -2.05 -11.34
C LEU E 376 -36.84 -2.12 -12.85
N GLU E 377 -35.83 -2.68 -13.50
CA GLU E 377 -35.71 -2.73 -14.94
C GLU E 377 -35.79 -4.18 -15.42
N LEU E 378 -36.40 -4.38 -16.59
CA LEU E 378 -36.59 -5.73 -17.12
C LEU E 378 -36.27 -5.75 -18.61
N ASP E 379 -35.78 -6.91 -19.05
CA ASP E 379 -35.40 -7.15 -20.44
C ASP E 379 -36.21 -8.27 -21.06
N PRO E 380 -37.26 -7.96 -21.82
CA PRO E 380 -38.01 -9.02 -22.50
C PRO E 380 -37.23 -9.50 -23.71
N PRO E 381 -37.54 -10.67 -24.23
CA PRO E 381 -36.90 -11.12 -25.47
C PRO E 381 -37.56 -10.47 -26.67
N PHE E 382 -36.85 -10.53 -27.81
CA PHE E 382 -37.45 -10.05 -29.04
C PHE E 382 -38.68 -10.89 -29.39
N GLY E 383 -39.75 -10.20 -29.78
CA GLY E 383 -41.00 -10.86 -30.10
C GLY E 383 -41.94 -10.90 -28.92
N ASP E 384 -42.70 -11.98 -28.79
CA ASP E 384 -43.77 -12.04 -27.81
C ASP E 384 -43.25 -12.44 -26.43
N SER E 385 -43.90 -11.90 -25.41
CA SER E 385 -43.56 -12.17 -24.02
C SER E 385 -44.72 -11.70 -23.15
N TYR E 386 -44.63 -12.01 -21.86
CA TYR E 386 -45.62 -11.55 -20.90
C TYR E 386 -44.93 -11.09 -19.63
N ILE E 387 -45.25 -9.88 -19.19
CA ILE E 387 -44.65 -9.32 -17.99
C ILE E 387 -45.34 -9.98 -16.79
N VAL E 388 -44.65 -10.90 -16.13
CA VAL E 388 -45.21 -11.60 -14.99
C VAL E 388 -44.30 -11.34 -13.78
N ILE E 389 -44.82 -10.63 -12.80
CA ILE E 389 -44.12 -10.39 -11.54
C ILE E 389 -45.02 -10.85 -10.41
N GLY E 390 -44.40 -11.35 -9.35
CA GLY E 390 -45.10 -11.89 -8.21
C GLY E 390 -45.21 -13.41 -8.24
N VAL E 391 -45.72 -13.95 -7.15
CA VAL E 391 -45.98 -15.38 -6.99
C VAL E 391 -47.31 -15.57 -6.27
N GLY E 392 -47.94 -16.71 -6.51
CA GLY E 392 -49.21 -17.01 -5.89
C GLY E 392 -50.39 -16.48 -6.67
N GLU E 393 -51.52 -16.38 -5.96
CA GLU E 393 -52.77 -15.96 -6.57
C GLU E 393 -52.89 -14.45 -6.73
N LYS E 394 -52.04 -13.67 -6.05
CA LYS E 394 -52.12 -12.21 -6.10
C LYS E 394 -51.07 -11.57 -7.00
N LYS E 395 -50.36 -12.34 -7.83
CA LYS E 395 -49.39 -11.74 -8.73
C LYS E 395 -50.07 -10.88 -9.79
N ILE E 396 -49.35 -9.86 -10.24
CA ILE E 396 -49.85 -8.95 -11.27
C ILE E 396 -49.12 -9.27 -12.57
N THR E 397 -49.87 -9.31 -13.66
CA THR E 397 -49.35 -9.74 -14.95
C THR E 397 -49.68 -8.70 -16.01
N HIS E 398 -48.71 -8.47 -16.91
CA HIS E 398 -48.89 -7.52 -18.01
C HIS E 398 -48.33 -8.14 -19.29
N HIS E 399 -48.85 -7.68 -20.41
CA HIS E 399 -48.41 -8.13 -21.72
C HIS E 399 -47.32 -7.21 -22.26
N TRP E 400 -46.39 -7.79 -23.02
CA TRP E 400 -45.37 -6.98 -23.66
C TRP E 400 -44.86 -7.68 -24.91
N HIS E 401 -44.37 -6.88 -25.87
CA HIS E 401 -43.90 -7.38 -27.14
C HIS E 401 -42.76 -6.51 -27.65
N ARG E 402 -41.79 -7.13 -28.32
CA ARG E 402 -40.61 -6.46 -28.84
C ARG E 402 -40.59 -6.46 -30.36
N SER E 403 -40.20 -5.32 -30.94
CA SER E 403 -40.08 -5.17 -32.39
C SER E 403 -41.41 -5.36 -33.11
N ILE F 1 5.82 77.36 -52.21
CA ILE F 1 7.19 76.94 -51.95
C ILE F 1 7.20 75.59 -51.25
N ARG F 2 6.01 75.01 -51.05
CA ARG F 2 5.90 73.77 -50.30
C ARG F 2 6.22 72.54 -51.15
N CYS F 3 6.42 72.70 -52.47
CA CYS F 3 6.85 71.59 -53.29
C CYS F 3 8.33 71.28 -53.13
N ILE F 4 9.09 72.16 -52.46
CA ILE F 4 10.53 72.03 -52.34
C ILE F 4 10.81 70.93 -51.31
N GLY F 5 11.14 69.73 -51.77
CA GLY F 5 11.54 68.64 -50.90
C GLY F 5 10.73 67.37 -51.03
N VAL F 6 9.51 67.45 -51.55
CA VAL F 6 8.66 66.27 -51.67
C VAL F 6 9.12 65.45 -52.87
N SER F 7 9.16 64.12 -52.69
CA SER F 7 9.69 63.26 -53.73
C SER F 7 8.76 63.20 -54.95
N ASN F 8 7.44 63.19 -54.72
CA ASN F 8 6.48 63.07 -55.80
C ASN F 8 6.20 64.46 -56.41
N ARG F 9 7.20 64.97 -57.11
CA ARG F 9 7.13 66.27 -57.76
C ARG F 9 7.35 66.10 -59.25
N ASP F 10 6.46 66.66 -60.05
CA ASP F 10 6.55 66.58 -61.51
C ASP F 10 6.64 67.98 -62.10
N PHE F 11 7.52 68.13 -63.09
CA PHE F 11 7.76 69.39 -63.78
C PHE F 11 7.12 69.30 -65.17
N VAL F 12 5.98 69.96 -65.33
CA VAL F 12 5.23 69.90 -66.59
C VAL F 12 5.49 71.18 -67.38
N GLU F 13 5.67 71.02 -68.70
CA GLU F 13 5.91 72.13 -69.63
C GLU F 13 4.99 71.96 -70.82
N GLY F 14 4.03 72.87 -70.98
CA GLY F 14 3.13 72.79 -72.11
C GLY F 14 3.84 72.99 -73.43
N MET F 15 3.15 72.61 -74.49
CA MET F 15 3.66 72.77 -75.84
C MET F 15 3.82 74.25 -76.19
N SER F 16 4.76 74.52 -77.10
CA SER F 16 5.05 75.89 -77.53
C SER F 16 3.89 76.46 -78.34
N GLY F 17 3.29 77.53 -77.84
CA GLY F 17 2.17 78.17 -78.48
C GLY F 17 0.81 77.78 -77.94
N GLY F 18 0.72 76.65 -77.24
CA GLY F 18 -0.55 76.21 -76.70
C GLY F 18 -1.05 77.08 -75.56
N THR F 19 -2.37 77.10 -75.38
CA THR F 19 -3.05 77.91 -74.37
C THR F 19 -3.42 77.12 -73.12
N TRP F 20 -3.78 75.84 -73.27
CA TRP F 20 -4.29 75.03 -72.17
C TRP F 20 -3.17 74.24 -71.50
N VAL F 21 -3.27 74.10 -70.18
CA VAL F 21 -2.32 73.32 -69.39
C VAL F 21 -3.11 72.50 -68.37
N ASP F 22 -2.97 71.18 -68.44
CA ASP F 22 -3.64 70.25 -67.52
C ASP F 22 -2.68 69.78 -66.43
N VAL F 23 -3.17 69.68 -65.20
CA VAL F 23 -2.40 69.17 -64.07
C VAL F 23 -3.23 68.17 -63.29
N VAL F 24 -2.52 67.32 -62.52
CA VAL F 24 -3.13 66.30 -61.68
C VAL F 24 -2.59 66.48 -60.27
N LEU F 25 -3.45 66.85 -59.33
CA LEU F 25 -3.07 67.14 -57.95
C LEU F 25 -3.36 65.92 -57.09
N GLU F 26 -2.32 65.34 -56.50
CA GLU F 26 -2.46 64.19 -55.64
C GLU F 26 -2.22 64.58 -54.18
N HIS F 27 -2.70 63.72 -53.28
CA HIS F 27 -2.46 63.93 -51.85
C HIS F 27 -1.03 63.57 -51.52
N GLY F 28 -0.33 64.49 -50.87
CA GLY F 28 1.09 64.34 -50.62
C GLY F 28 1.97 64.65 -51.82
N GLY F 29 1.40 64.76 -53.02
CA GLY F 29 2.16 65.09 -54.20
C GLY F 29 2.08 66.57 -54.53
N CYS F 30 3.05 67.04 -55.31
CA CYS F 30 3.22 68.46 -55.55
C CYS F 30 3.64 68.68 -57.01
N VAL F 31 3.02 69.65 -57.66
CA VAL F 31 3.25 69.93 -59.08
C VAL F 31 3.80 71.35 -59.22
N THR F 32 5.01 71.46 -59.75
CA THR F 32 5.65 72.75 -60.00
C THR F 32 5.51 73.08 -61.49
N VAL F 33 4.63 74.03 -61.80
CA VAL F 33 4.27 74.36 -63.17
C VAL F 33 5.01 75.61 -63.62
N MET F 34 5.55 75.56 -64.84
CA MET F 34 6.26 76.68 -65.44
C MET F 34 5.66 76.98 -66.80
N ALA F 35 5.86 78.22 -67.25
CA ALA F 35 5.44 78.64 -68.57
C ALA F 35 6.35 79.78 -69.02
N GLN F 36 6.49 79.94 -70.33
CA GLN F 36 7.37 80.99 -70.85
C GLN F 36 6.74 82.35 -70.61
N ASP F 37 7.52 83.25 -70.00
CA ASP F 37 7.10 84.61 -69.66
C ASP F 37 5.95 84.61 -68.65
N LYS F 38 5.89 83.58 -67.81
CA LYS F 38 4.88 83.42 -66.78
C LYS F 38 5.54 82.93 -65.50
N PRO F 39 4.98 83.25 -64.34
CA PRO F 39 5.63 82.86 -63.09
C PRO F 39 5.46 81.39 -62.78
N THR F 40 6.42 80.88 -62.03
CA THR F 40 6.41 79.51 -61.54
C THR F 40 5.62 79.46 -60.24
N VAL F 41 4.54 78.70 -60.21
CA VAL F 41 3.68 78.62 -59.04
C VAL F 41 3.47 77.16 -58.67
N ASP F 42 3.36 76.91 -57.37
CA ASP F 42 3.12 75.58 -56.84
C ASP F 42 1.68 75.47 -56.36
N ILE F 43 1.00 74.40 -56.77
CA ILE F 43 -0.38 74.13 -56.38
C ILE F 43 -0.47 72.68 -55.91
N GLU F 44 -1.01 72.48 -54.70
CA GLU F 44 -1.14 71.14 -54.13
C GLU F 44 -2.48 70.98 -53.45
N LEU F 45 -3.11 69.83 -53.68
CA LEU F 45 -4.34 69.46 -53.01
C LEU F 45 -3.99 68.89 -51.64
N VAL F 46 -4.35 69.60 -50.59
CA VAL F 46 -3.94 69.25 -49.22
C VAL F 46 -4.95 68.31 -48.56
N THR F 47 -6.22 68.72 -48.49
CA THR F 47 -7.22 67.96 -47.76
C THR F 47 -8.51 67.86 -48.56
N THR F 48 -9.15 66.69 -48.47
CA THR F 48 -10.45 66.44 -49.08
C THR F 48 -11.49 66.30 -47.98
N THR F 49 -12.57 67.09 -48.06
CA THR F 49 -13.59 67.12 -47.02
C THR F 49 -14.92 66.71 -47.63
N VAL F 50 -15.51 65.64 -47.09
CA VAL F 50 -16.82 65.16 -47.50
C VAL F 50 -17.83 65.50 -46.41
N SER F 51 -18.98 66.05 -46.81
CA SER F 51 -20.02 66.45 -45.89
C SER F 51 -21.29 65.67 -46.21
N ASN F 52 -22.31 65.87 -45.36
CA ASN F 52 -23.64 65.30 -45.55
C ASN F 52 -23.57 63.79 -45.76
N MET F 53 -22.94 63.12 -44.80
CA MET F 53 -22.92 61.66 -44.79
C MET F 53 -24.16 61.13 -44.08
N ALA F 54 -24.70 60.03 -44.60
CA ALA F 54 -25.89 59.43 -44.03
C ALA F 54 -25.69 57.93 -43.84
N GLU F 55 -26.36 57.40 -42.83
CA GLU F 55 -26.17 56.02 -42.40
C GLU F 55 -26.61 55.04 -43.49
N VAL F 56 -25.87 53.94 -43.60
CA VAL F 56 -26.19 52.87 -44.54
C VAL F 56 -26.38 51.54 -43.80
N ARG F 57 -25.35 51.10 -43.08
CA ARG F 57 -25.38 49.82 -42.40
C ARG F 57 -24.42 49.86 -41.21
N SER F 58 -24.88 49.35 -40.07
CA SER F 58 -24.14 49.40 -38.82
C SER F 58 -23.89 48.00 -38.29
N TYR F 59 -22.63 47.71 -37.97
CA TYR F 59 -22.23 46.43 -37.41
C TYR F 59 -21.98 46.56 -35.90
N CYS F 60 -22.34 45.51 -35.17
CA CYS F 60 -22.11 45.44 -33.73
C CYS F 60 -20.85 44.62 -33.45
N TYR F 61 -19.96 45.18 -32.63
CA TYR F 61 -18.73 44.49 -32.25
C TYR F 61 -18.69 44.15 -30.76
N GLU F 62 -19.70 44.55 -29.99
CA GLU F 62 -19.81 44.15 -28.59
C GLU F 62 -21.28 44.11 -28.22
N ALA F 63 -21.74 42.94 -27.77
CA ALA F 63 -23.14 42.69 -27.45
C ALA F 63 -23.28 42.32 -25.98
N SER F 64 -24.52 42.10 -25.56
CA SER F 64 -24.84 41.69 -24.19
C SER F 64 -26.10 40.85 -24.21
N ILE F 65 -26.21 39.96 -23.22
CA ILE F 65 -27.31 39.00 -23.16
C ILE F 65 -27.92 38.98 -21.77
N SER F 66 -29.18 38.54 -21.72
CA SER F 66 -29.93 38.36 -20.48
C SER F 66 -31.17 37.53 -20.81
N ASP F 67 -31.79 36.99 -19.76
CA ASP F 67 -33.11 36.36 -19.84
C ASP F 67 -33.12 35.19 -20.82
N MET F 68 -32.39 34.15 -20.45
CA MET F 68 -32.36 32.90 -21.20
C MET F 68 -33.47 31.99 -20.71
N ALA F 69 -34.09 31.26 -21.66
CA ALA F 69 -35.16 30.33 -21.31
C ALA F 69 -35.08 29.08 -22.18
N SER F 70 -35.63 27.99 -21.67
CA SER F 70 -35.51 26.67 -22.27
C SER F 70 -36.89 26.03 -22.46
N ASP F 71 -36.91 24.96 -23.25
CA ASP F 71 -38.08 24.09 -23.38
C ASP F 71 -37.64 22.77 -24.03
N SER F 72 -38.11 21.65 -23.48
CA SER F 72 -37.74 20.34 -23.99
C SER F 72 -38.99 19.50 -24.26
N ARG F 73 -38.83 18.51 -25.15
CA ARG F 73 -39.91 17.63 -25.58
C ARG F 73 -39.39 16.20 -25.68
N CYS F 74 -40.31 15.24 -25.67
CA CYS F 74 -39.97 13.83 -25.76
C CYS F 74 -39.64 13.43 -27.21
N PRO F 75 -38.98 12.28 -27.40
CA PRO F 75 -38.61 11.86 -28.76
C PRO F 75 -39.82 11.62 -29.64
N THR F 76 -39.68 11.95 -30.93
CA THR F 76 -40.67 11.74 -31.97
C THR F 76 -41.99 12.43 -31.68
N GLN F 77 -42.01 13.33 -30.70
CA GLN F 77 -43.20 14.09 -30.34
C GLN F 77 -43.30 15.38 -31.11
N GLY F 78 -42.37 15.63 -32.04
CA GLY F 78 -42.30 16.89 -32.75
C GLY F 78 -41.21 17.77 -32.17
N GLU F 79 -41.08 18.95 -32.75
CA GLU F 79 -40.08 19.92 -32.32
C GLU F 79 -40.61 20.79 -31.19
N ALA F 80 -39.66 21.40 -30.47
CA ALA F 80 -39.97 22.29 -29.37
C ALA F 80 -40.10 23.72 -29.89
N TYR F 81 -41.01 24.48 -29.28
CA TYR F 81 -41.24 25.86 -29.71
C TYR F 81 -41.50 26.73 -28.49
N LEU F 82 -40.97 27.95 -28.54
CA LEU F 82 -41.23 28.96 -27.53
C LEU F 82 -41.71 30.24 -28.20
N ASP F 83 -42.46 31.03 -27.45
CA ASP F 83 -43.14 32.20 -27.99
C ASP F 83 -42.19 33.29 -28.48
N LYS F 84 -40.94 33.29 -28.02
CA LYS F 84 -40.00 34.33 -28.39
C LYS F 84 -39.26 34.04 -29.69
N GLN F 85 -39.45 32.86 -30.29
CA GLN F 85 -38.93 32.66 -31.64
C GLN F 85 -39.49 33.68 -32.61
N SER F 86 -40.71 34.14 -32.38
CA SER F 86 -41.31 35.23 -33.14
C SER F 86 -40.94 36.60 -32.58
N ASP F 87 -40.06 36.64 -31.57
CA ASP F 87 -39.60 37.88 -30.96
C ASP F 87 -38.20 38.16 -31.51
N THR F 88 -38.06 39.29 -32.22
CA THR F 88 -36.83 39.54 -32.99
C THR F 88 -35.64 39.93 -32.13
N GLN F 89 -35.83 40.24 -30.85
CA GLN F 89 -34.69 40.51 -29.96
C GLN F 89 -34.15 39.23 -29.33
N TYR F 90 -34.64 38.06 -29.73
CA TYR F 90 -34.18 36.81 -29.17
C TYR F 90 -33.63 35.92 -30.29
N VAL F 91 -32.63 35.11 -29.94
CA VAL F 91 -32.02 34.15 -30.85
C VAL F 91 -32.15 32.76 -30.21
N CYS F 92 -32.68 31.81 -30.98
CA CYS F 92 -32.99 30.47 -30.49
C CYS F 92 -32.25 29.44 -31.34
N LYS F 93 -32.38 28.17 -30.94
CA LYS F 93 -31.86 27.05 -31.70
C LYS F 93 -32.45 25.76 -31.16
N ARG F 94 -32.86 24.88 -32.06
CA ARG F 94 -33.36 23.55 -31.70
C ARG F 94 -32.24 22.54 -31.91
N THR F 95 -32.11 21.61 -30.97
CA THR F 95 -31.08 20.57 -31.01
C THR F 95 -31.74 19.23 -30.70
N LEU F 96 -30.93 18.18 -30.70
CA LEU F 96 -31.39 16.81 -30.47
C LEU F 96 -30.67 16.27 -29.23
N VAL F 97 -31.46 15.86 -28.23
CA VAL F 97 -30.92 15.32 -27.00
C VAL F 97 -31.52 13.95 -26.75
N ASP F 98 -30.73 13.09 -26.10
CA ASP F 98 -31.15 11.73 -25.80
C ASP F 98 -32.13 11.76 -24.63
N ARG F 99 -33.30 11.15 -24.82
CA ARG F 99 -34.37 11.20 -23.84
C ARG F 99 -34.77 9.79 -23.43
N GLY F 100 -35.19 9.66 -22.17
CA GLY F 100 -35.57 8.39 -21.60
C GLY F 100 -36.15 8.51 -20.20
N TRP F 101 -35.92 7.50 -19.38
CA TRP F 101 -36.45 7.48 -18.02
C TRP F 101 -35.85 8.60 -17.19
N GLY F 102 -34.53 8.76 -17.24
CA GLY F 102 -33.88 9.76 -16.41
C GLY F 102 -34.30 11.18 -16.74
N ASN F 103 -34.66 11.43 -18.00
CA ASN F 103 -35.18 12.74 -18.37
C ASN F 103 -36.70 12.83 -18.24
N GLY F 104 -37.40 11.69 -18.26
CA GLY F 104 -38.84 11.67 -18.14
C GLY F 104 -39.63 11.30 -19.39
N CYS F 105 -39.04 10.60 -20.35
CA CYS F 105 -39.75 10.23 -21.56
C CYS F 105 -39.77 8.72 -21.77
N GLY F 106 -40.79 8.26 -22.49
CA GLY F 106 -41.07 6.86 -22.72
C GLY F 106 -40.83 6.32 -24.12
N LEU F 107 -39.91 6.92 -24.88
CA LEU F 107 -39.73 6.56 -26.28
C LEU F 107 -38.25 6.40 -26.60
N PHE F 108 -37.99 5.95 -27.83
CA PHE F 108 -36.64 5.74 -28.33
C PHE F 108 -36.33 6.86 -29.31
N GLY F 109 -35.34 7.68 -28.98
CA GLY F 109 -34.90 8.68 -29.95
C GLY F 109 -34.40 9.94 -29.28
N LYS F 110 -34.09 10.91 -30.14
CA LYS F 110 -33.66 12.24 -29.74
C LYS F 110 -34.86 13.14 -29.49
N GLY F 111 -34.79 13.96 -28.45
CA GLY F 111 -35.83 14.94 -28.15
C GLY F 111 -35.33 16.34 -28.49
N SER F 112 -36.25 17.15 -29.03
CA SER F 112 -35.91 18.50 -29.44
C SER F 112 -35.83 19.43 -28.24
N LEU F 113 -34.84 20.32 -28.26
CA LEU F 113 -34.61 21.27 -27.18
C LEU F 113 -34.29 22.62 -27.80
N VAL F 114 -35.02 23.65 -27.38
CA VAL F 114 -34.84 24.99 -27.93
C VAL F 114 -34.59 25.97 -26.79
N THR F 115 -33.70 26.92 -27.02
CA THR F 115 -33.31 27.88 -25.99
C THR F 115 -33.09 29.26 -26.62
N CYS F 116 -33.65 30.28 -26.01
CA CYS F 116 -33.60 31.64 -26.54
C CYS F 116 -32.95 32.59 -25.55
N ALA F 117 -32.32 33.63 -26.09
CA ALA F 117 -31.62 34.64 -25.30
C ALA F 117 -31.86 36.02 -25.90
N LYS F 118 -32.09 36.99 -25.03
CA LYS F 118 -32.42 38.35 -25.44
C LYS F 118 -31.21 39.02 -26.08
N PHE F 119 -31.39 39.54 -27.28
CA PHE F 119 -30.30 40.17 -28.03
C PHE F 119 -30.21 41.65 -27.66
N ALA F 120 -28.99 42.09 -27.39
CA ALA F 120 -28.71 43.49 -27.10
C ALA F 120 -27.26 43.77 -27.46
N CYS F 121 -27.02 44.92 -28.08
CA CYS F 121 -25.68 45.32 -28.50
C CYS F 121 -25.13 46.36 -27.53
N SER F 122 -23.89 46.17 -27.09
CA SER F 122 -23.29 47.09 -26.13
C SER F 122 -22.52 48.19 -26.85
N LYS F 123 -21.57 47.81 -27.70
CA LYS F 123 -20.83 48.78 -28.52
C LYS F 123 -20.94 48.37 -29.97
N LYS F 124 -21.21 49.34 -30.84
CA LYS F 124 -21.48 49.08 -32.25
C LYS F 124 -20.71 50.06 -33.12
N MET F 125 -20.51 49.66 -34.38
CA MET F 125 -19.89 50.48 -35.41
C MET F 125 -20.91 50.84 -36.49
N THR F 126 -20.60 51.91 -37.23
CA THR F 126 -21.51 52.45 -38.24
C THR F 126 -20.75 52.73 -39.53
N GLY F 127 -21.33 52.30 -40.65
CA GLY F 127 -20.80 52.62 -41.97
C GLY F 127 -21.69 53.65 -42.66
N LYS F 128 -21.05 54.68 -43.20
CA LYS F 128 -21.76 55.81 -43.80
C LYS F 128 -21.30 56.03 -45.24
N SER F 129 -22.28 56.28 -46.12
CA SER F 129 -21.99 56.46 -47.54
C SER F 129 -21.39 57.83 -47.82
N ILE F 130 -20.46 57.86 -48.77
CA ILE F 130 -19.78 59.10 -49.18
C ILE F 130 -20.39 59.53 -50.51
N GLN F 131 -21.15 60.62 -50.50
CA GLN F 131 -21.78 61.11 -51.71
C GLN F 131 -20.80 62.00 -52.47
N PRO F 132 -20.47 61.70 -53.73
CA PRO F 132 -19.63 62.62 -54.50
C PRO F 132 -20.26 63.98 -54.71
N GLU F 133 -21.57 64.11 -54.53
CA GLU F 133 -22.23 65.40 -54.65
C GLU F 133 -21.85 66.33 -53.50
N ASN F 134 -21.97 65.84 -52.26
CA ASN F 134 -21.56 66.59 -51.08
C ASN F 134 -20.10 66.25 -50.79
N LEU F 135 -19.21 66.83 -51.59
CA LEU F 135 -17.78 66.56 -51.53
C LEU F 135 -17.02 67.86 -51.78
N GLU F 136 -16.02 68.14 -50.96
CA GLU F 136 -15.28 69.39 -51.05
C GLU F 136 -13.79 69.12 -51.16
N TYR F 137 -13.14 69.78 -52.11
CA TYR F 137 -11.70 69.74 -52.28
C TYR F 137 -11.16 71.09 -51.81
N ARG F 138 -10.25 71.06 -50.84
CA ARG F 138 -9.63 72.28 -50.34
C ARG F 138 -8.22 72.36 -50.90
N ILE F 139 -7.93 73.44 -51.61
CA ILE F 139 -6.64 73.63 -52.28
C ILE F 139 -5.95 74.84 -51.69
N MET F 140 -4.64 74.76 -51.55
CA MET F 140 -3.81 75.86 -51.09
C MET F 140 -2.85 76.26 -52.21
N LEU F 141 -2.70 77.56 -52.42
CA LEU F 141 -1.83 78.07 -53.46
C LEU F 141 -0.71 78.89 -52.86
N SER F 142 0.47 78.76 -53.44
CA SER F 142 1.68 79.35 -52.89
C SER F 142 2.59 79.76 -54.05
N VAL F 143 3.04 81.00 -54.03
CA VAL F 143 3.83 81.56 -55.12
C VAL F 143 5.28 81.74 -54.67
N HIS F 144 6.19 81.66 -55.64
CA HIS F 144 7.61 81.88 -55.40
C HIS F 144 7.99 83.33 -55.70
N GLY F 145 9.14 83.73 -55.15
CA GLY F 145 9.68 85.08 -55.28
C GLY F 145 9.86 85.77 -53.95
N SER F 146 9.03 85.41 -52.97
CA SER F 146 9.05 86.00 -51.63
C SER F 146 8.66 84.89 -50.66
N GLN F 147 8.22 85.28 -49.45
CA GLN F 147 7.69 84.34 -48.47
C GLN F 147 8.75 83.32 -48.06
N HIS F 148 9.76 83.83 -47.35
CA HIS F 148 10.88 83.05 -46.86
C HIS F 148 10.47 81.92 -45.92
N SER F 149 11.46 81.13 -45.48
CA SER F 149 11.21 79.87 -44.79
C SER F 149 10.24 80.01 -43.62
N GLY F 150 10.15 81.20 -43.03
CA GLY F 150 9.22 81.40 -41.94
C GLY F 150 7.77 81.26 -42.34
N MET F 151 7.48 81.24 -43.64
CA MET F 151 6.13 81.11 -44.15
C MET F 151 5.79 79.68 -44.56
N ILE F 152 6.74 78.75 -44.39
CA ILE F 152 6.48 77.35 -44.74
C ILE F 152 5.41 76.75 -43.84
N VAL F 153 5.61 76.85 -42.52
CA VAL F 153 4.64 76.36 -41.54
C VAL F 153 4.03 77.55 -40.80
N ASN F 154 2.90 78.04 -41.30
CA ASN F 154 2.21 79.17 -40.66
C ASN F 154 0.75 79.10 -41.05
N ASP F 155 -0.14 78.85 -40.08
CA ASP F 155 -1.56 78.70 -40.35
C ASP F 155 -2.43 79.73 -39.66
N THR F 156 -1.86 80.61 -38.84
CA THR F 156 -2.62 81.69 -38.21
C THR F 156 -2.26 82.99 -38.92
N GLY F 157 -3.28 83.73 -39.33
CA GLY F 157 -3.10 84.95 -40.07
C GLY F 157 -3.20 84.79 -41.57
N HIS F 158 -3.88 83.74 -42.05
CA HIS F 158 -4.07 83.54 -43.48
C HIS F 158 -5.15 84.45 -44.05
N GLU F 159 -6.03 84.99 -43.22
CA GLU F 159 -7.00 85.97 -43.70
C GLU F 159 -6.33 87.30 -43.99
N THR F 160 -5.25 87.62 -43.28
CA THR F 160 -4.55 88.89 -43.45
C THR F 160 -3.38 88.83 -44.42
N ASP F 161 -2.80 87.66 -44.65
CA ASP F 161 -1.64 87.53 -45.53
C ASP F 161 -2.11 87.32 -46.97
N GLU F 162 -1.71 88.22 -47.87
CA GLU F 162 -2.18 88.16 -49.26
C GLU F 162 -1.47 87.09 -50.07
N ASN F 163 -0.25 86.70 -49.69
CA ASN F 163 0.49 85.69 -50.46
C ASN F 163 -0.17 84.32 -50.36
N ARG F 164 -0.81 84.02 -49.24
CA ARG F 164 -1.42 82.71 -49.00
C ARG F 164 -2.93 82.84 -49.08
N ALA F 165 -3.58 81.83 -49.67
CA ALA F 165 -5.02 81.84 -49.85
C ALA F 165 -5.54 80.41 -49.87
N LYS F 166 -6.72 80.20 -49.28
CA LYS F 166 -7.34 78.89 -49.22
C LYS F 166 -8.40 78.79 -50.30
N VAL F 167 -8.41 77.66 -51.01
CA VAL F 167 -9.33 77.43 -52.13
C VAL F 167 -10.20 76.23 -51.79
N GLU F 168 -11.48 76.31 -52.16
CA GLU F 168 -12.42 75.22 -51.95
C GLU F 168 -13.26 75.03 -53.21
N ILE F 169 -13.27 73.81 -53.74
CA ILE F 169 -14.01 73.47 -54.95
C ILE F 169 -14.88 72.26 -54.65
N THR F 170 -16.19 72.40 -54.89
CA THR F 170 -17.17 71.34 -54.77
C THR F 170 -17.90 71.18 -56.10
N PRO F 171 -18.57 70.05 -56.31
CA PRO F 171 -19.37 69.90 -57.54
C PRO F 171 -20.45 70.95 -57.68
N ASN F 172 -20.78 71.67 -56.61
CA ASN F 172 -21.76 72.74 -56.66
C ASN F 172 -21.17 74.07 -57.15
N SER F 173 -19.87 74.26 -57.00
CA SER F 173 -19.17 75.47 -57.47
C SER F 173 -17.79 75.09 -57.97
N PRO F 174 -17.70 74.54 -59.19
CA PRO F 174 -16.42 74.02 -59.68
C PRO F 174 -15.41 75.09 -60.05
N ARG F 175 -15.74 76.37 -59.98
CA ARG F 175 -14.82 77.44 -60.32
C ARG F 175 -14.56 78.34 -59.12
N ALA F 176 -13.30 78.77 -58.97
CA ALA F 176 -12.93 79.74 -57.95
C ALA F 176 -11.71 80.53 -58.42
N GLU F 177 -11.61 81.77 -57.96
CA GLU F 177 -10.54 82.68 -58.35
C GLU F 177 -9.69 83.05 -57.15
N ALA F 178 -8.38 83.01 -57.32
CA ALA F 178 -7.43 83.28 -56.24
C ALA F 178 -6.96 84.73 -56.33
N THR F 179 -7.27 85.52 -55.31
CA THR F 179 -6.75 86.88 -55.23
C THR F 179 -5.26 86.78 -54.89
N LEU F 180 -4.42 87.14 -55.85
CA LEU F 180 -2.99 86.90 -55.72
C LEU F 180 -2.15 88.18 -55.67
N GLY F 181 -2.78 89.32 -55.47
CA GLY F 181 -2.06 90.58 -55.40
C GLY F 181 -1.18 90.89 -56.60
N GLY F 182 0.14 90.91 -56.39
CA GLY F 182 1.04 91.36 -57.44
C GLY F 182 1.18 90.41 -58.62
N PHE F 183 0.94 89.12 -58.41
CA PHE F 183 1.11 88.11 -59.46
C PHE F 183 -0.15 87.92 -60.28
N GLY F 184 -1.18 88.72 -60.05
CA GLY F 184 -2.38 88.67 -60.87
C GLY F 184 -3.42 87.75 -60.27
N SER F 185 -3.88 86.80 -61.09
CA SER F 185 -4.89 85.85 -60.64
C SER F 185 -4.75 84.59 -61.49
N LEU F 186 -4.97 83.43 -60.86
CA LEU F 186 -4.87 82.15 -61.52
C LEU F 186 -6.25 81.51 -61.63
N GLY F 187 -6.51 80.89 -62.79
CA GLY F 187 -7.74 80.13 -62.98
C GLY F 187 -7.58 78.69 -62.51
N LEU F 188 -8.67 78.14 -61.98
CA LEU F 188 -8.66 76.77 -61.46
C LEU F 188 -9.92 76.05 -61.93
N ASP F 189 -9.82 75.38 -63.08
CA ASP F 189 -10.93 74.59 -63.62
C ASP F 189 -10.62 73.13 -63.32
N CYS F 190 -11.24 72.61 -62.27
CA CYS F 190 -10.99 71.26 -61.80
C CYS F 190 -12.15 70.36 -62.21
N GLU F 191 -11.87 69.06 -62.29
CA GLU F 191 -12.87 68.06 -62.67
C GLU F 191 -13.08 67.08 -61.52
N PRO F 192 -13.83 67.48 -60.49
CA PRO F 192 -14.11 66.53 -59.40
C PRO F 192 -15.03 65.40 -59.83
N ARG F 193 -15.79 65.60 -60.92
CA ARG F 193 -16.74 64.60 -61.37
C ARG F 193 -16.06 63.45 -62.10
N THR F 194 -14.89 63.69 -62.69
CA THR F 194 -14.16 62.68 -63.45
C THR F 194 -12.76 62.48 -62.87
N GLY F 195 -12.63 62.50 -61.55
CA GLY F 195 -11.32 62.35 -60.95
C GLY F 195 -11.07 60.99 -60.32
N LEU F 196 -12.04 60.51 -59.54
CA LEU F 196 -11.92 59.22 -58.87
C LEU F 196 -13.29 58.77 -58.37
N ASP F 197 -13.71 57.57 -58.75
CA ASP F 197 -15.00 57.08 -58.30
C ASP F 197 -14.95 56.66 -56.84
N PHE F 198 -15.29 57.57 -55.94
CA PHE F 198 -15.34 57.31 -54.50
C PHE F 198 -16.64 56.63 -54.09
N SER F 199 -17.45 56.19 -55.06
CA SER F 199 -18.72 55.53 -54.78
C SER F 199 -18.56 54.07 -54.37
N ASP F 200 -17.43 53.44 -54.66
CA ASP F 200 -17.22 52.02 -54.41
C ASP F 200 -16.58 51.76 -53.05
N LEU F 201 -16.69 52.69 -52.12
CA LEU F 201 -16.11 52.56 -50.78
C LEU F 201 -17.15 52.98 -49.75
N TYR F 202 -16.86 52.70 -48.50
CA TYR F 202 -17.70 53.11 -47.38
C TYR F 202 -16.84 53.83 -46.35
N TYR F 203 -17.48 54.67 -45.55
CA TYR F 203 -16.80 55.43 -44.51
C TYR F 203 -17.23 54.82 -43.19
N LEU F 204 -16.37 54.00 -42.61
CA LEU F 204 -16.68 53.32 -41.36
C LEU F 204 -16.37 54.22 -40.17
N THR F 205 -17.23 54.17 -39.16
CA THR F 205 -17.06 54.92 -37.92
C THR F 205 -17.15 53.95 -36.75
N MET F 206 -16.00 53.62 -36.18
CA MET F 206 -15.90 52.80 -34.98
C MET F 206 -16.05 53.71 -33.77
N ASN F 207 -15.66 53.24 -32.57
CA ASN F 207 -15.83 54.01 -31.35
C ASN F 207 -14.85 55.19 -31.38
N ASN F 208 -15.27 56.25 -32.05
CA ASN F 208 -14.44 57.43 -32.34
C ASN F 208 -13.24 57.08 -33.21
N LYS F 209 -13.34 55.97 -33.93
CA LYS F 209 -12.29 55.48 -34.81
C LYS F 209 -12.86 55.38 -36.22
N HIS F 210 -12.08 55.81 -37.21
CA HIS F 210 -12.62 56.04 -38.55
C HIS F 210 -11.64 55.56 -39.61
N TRP F 211 -12.16 54.86 -40.62
CA TRP F 211 -11.35 54.27 -41.69
C TRP F 211 -12.04 54.45 -43.03
N LEU F 212 -11.35 54.02 -44.09
CA LEU F 212 -11.88 53.95 -45.44
C LEU F 212 -11.63 52.55 -45.99
N VAL F 213 -12.69 51.79 -46.18
CA VAL F 213 -12.59 50.37 -46.52
C VAL F 213 -13.31 50.10 -47.83
N HIS F 214 -12.99 48.95 -48.44
CA HIS F 214 -13.73 48.51 -49.61
C HIS F 214 -15.18 48.24 -49.26
N LYS F 215 -16.07 48.46 -50.23
CA LYS F 215 -17.45 48.03 -50.02
C LYS F 215 -17.57 46.52 -50.12
N GLU F 216 -16.62 45.86 -50.78
CA GLU F 216 -16.60 44.41 -50.81
C GLU F 216 -16.29 43.85 -49.43
N TRP F 217 -15.40 44.51 -48.69
CA TRP F 217 -15.06 44.08 -47.34
C TRP F 217 -16.19 44.33 -46.36
N PHE F 218 -16.97 45.40 -46.56
CA PHE F 218 -17.97 45.77 -45.56
C PHE F 218 -19.15 44.82 -45.55
N HIS F 219 -19.59 44.35 -46.72
CA HIS F 219 -20.71 43.42 -46.77
C HIS F 219 -20.32 41.98 -46.47
N ASP F 220 -19.03 41.69 -46.31
CA ASP F 220 -18.57 40.35 -45.97
C ASP F 220 -18.28 40.18 -44.50
N ILE F 221 -18.55 41.20 -43.69
CA ILE F 221 -18.32 41.11 -42.25
C ILE F 221 -19.27 40.07 -41.68
N PRO F 222 -18.76 39.01 -41.06
CA PRO F 222 -19.64 38.04 -40.39
C PRO F 222 -19.95 38.44 -38.95
N LEU F 223 -20.82 39.43 -38.83
CA LEU F 223 -21.21 40.00 -37.55
C LEU F 223 -22.67 40.44 -37.65
N PRO F 224 -23.34 40.65 -36.53
CA PRO F 224 -24.72 41.16 -36.58
C PRO F 224 -24.75 42.56 -37.18
N TRP F 225 -25.67 42.77 -38.13
CA TRP F 225 -25.77 44.04 -38.83
C TRP F 225 -27.24 44.42 -39.00
N HIS F 226 -27.45 45.72 -39.20
CA HIS F 226 -28.77 46.28 -39.49
C HIS F 226 -28.57 47.43 -40.46
N ALA F 227 -29.50 47.60 -41.39
CA ALA F 227 -29.36 48.58 -42.45
C ALA F 227 -30.04 49.89 -42.07
N GLY F 228 -29.36 51.00 -42.36
CA GLY F 228 -29.92 52.31 -42.08
C GLY F 228 -30.07 52.55 -40.60
N ALA F 229 -31.23 53.09 -40.22
CA ALA F 229 -31.51 53.41 -38.82
C ALA F 229 -31.84 52.17 -38.02
N PRO F 234 -34.55 48.68 -33.17
CA PRO F 234 -33.58 48.25 -34.18
C PRO F 234 -33.79 46.80 -34.61
N HIS F 235 -33.67 46.53 -35.90
CA HIS F 235 -33.90 45.20 -36.47
C HIS F 235 -32.56 44.60 -36.87
N TRP F 236 -32.06 43.68 -36.05
CA TRP F 236 -30.74 43.08 -36.24
C TRP F 236 -30.88 41.73 -36.92
N ASN F 237 -30.13 41.52 -38.00
CA ASN F 237 -30.06 40.23 -38.66
C ASN F 237 -28.69 39.60 -38.41
N ASN F 238 -28.62 38.28 -38.57
CA ASN F 238 -27.38 37.51 -38.40
C ASN F 238 -26.89 37.59 -36.95
N LYS F 239 -27.78 37.18 -36.03
CA LYS F 239 -27.45 37.17 -34.61
C LYS F 239 -26.47 36.07 -34.23
N GLU F 240 -26.36 34.99 -35.02
CA GLU F 240 -25.57 33.83 -34.66
C GLU F 240 -24.07 34.11 -34.65
N ALA F 241 -23.62 35.26 -35.17
CA ALA F 241 -22.19 35.52 -35.27
C ALA F 241 -21.55 35.75 -33.90
N LEU F 242 -22.28 36.33 -32.95
CA LEU F 242 -21.72 36.74 -31.65
C LEU F 242 -22.06 35.83 -30.47
N VAL F 243 -22.78 34.73 -30.67
CA VAL F 243 -23.32 33.96 -29.55
C VAL F 243 -22.92 32.49 -29.65
N GLU F 244 -22.54 31.91 -28.52
CA GLU F 244 -22.18 30.51 -28.39
C GLU F 244 -23.24 29.77 -27.58
N PHE F 245 -23.65 28.60 -28.06
CA PHE F 245 -24.62 27.75 -27.39
C PHE F 245 -23.93 26.50 -26.86
N LYS F 246 -23.79 26.42 -25.54
CA LYS F 246 -23.14 25.31 -24.84
C LYS F 246 -24.15 24.20 -24.56
N ASP F 247 -23.84 22.98 -24.98
CA ASP F 247 -24.67 21.83 -24.66
C ASP F 247 -24.27 21.30 -23.28
N ALA F 248 -25.26 21.12 -22.41
CA ALA F 248 -25.06 20.68 -21.02
C ALA F 248 -25.68 19.30 -20.83
N HIS F 249 -24.87 18.25 -21.09
CA HIS F 249 -25.29 16.86 -20.86
C HIS F 249 -26.63 16.52 -21.52
N ALA F 250 -26.93 17.17 -22.65
CA ALA F 250 -28.13 16.87 -23.44
C ALA F 250 -29.41 17.03 -22.63
N LYS F 251 -29.42 17.99 -21.71
CA LYS F 251 -30.63 18.26 -20.93
C LYS F 251 -31.05 19.71 -21.00
N ARG F 252 -30.10 20.64 -20.94
CA ARG F 252 -30.36 22.07 -20.94
C ARG F 252 -29.31 22.73 -21.82
N GLN F 253 -29.58 23.98 -22.18
CA GLN F 253 -28.73 24.72 -23.11
C GLN F 253 -28.44 26.09 -22.52
N THR F 254 -27.17 26.48 -22.55
CA THR F 254 -26.73 27.77 -22.01
C THR F 254 -26.20 28.62 -23.15
N VAL F 255 -26.26 29.93 -22.94
CA VAL F 255 -25.93 30.93 -23.96
C VAL F 255 -24.87 31.88 -23.42
N VAL F 256 -23.84 32.14 -24.23
CA VAL F 256 -22.76 33.05 -23.87
C VAL F 256 -22.35 33.83 -25.12
N VAL F 257 -21.93 35.06 -24.93
CA VAL F 257 -21.47 35.92 -26.01
C VAL F 257 -19.97 35.73 -26.21
N LEU F 258 -19.50 36.08 -27.42
CA LEU F 258 -18.08 36.06 -27.72
C LEU F 258 -17.44 37.37 -27.28
N GLY F 259 -16.14 37.32 -27.02
CA GLY F 259 -15.43 38.51 -26.58
C GLY F 259 -15.48 39.61 -27.62
N SER F 260 -15.01 40.79 -27.20
CA SER F 260 -15.11 41.97 -28.05
C SER F 260 -14.27 41.81 -29.31
N GLN F 261 -14.89 42.06 -30.47
CA GLN F 261 -14.20 41.96 -31.75
C GLN F 261 -13.54 43.27 -32.16
N GLU F 262 -13.41 44.23 -31.25
CA GLU F 262 -12.82 45.51 -31.60
C GLU F 262 -11.37 45.33 -32.05
N GLY F 263 -10.63 44.46 -31.36
CA GLY F 263 -9.23 44.25 -31.71
C GLY F 263 -9.06 43.42 -32.97
N ALA F 264 -9.94 42.45 -33.18
CA ALA F 264 -9.85 41.61 -34.37
C ALA F 264 -10.02 42.42 -35.64
N VAL F 265 -10.82 43.48 -35.59
CA VAL F 265 -11.01 44.33 -36.76
C VAL F 265 -9.81 45.24 -36.96
N HIS F 266 -9.28 45.81 -35.87
CA HIS F 266 -8.15 46.73 -35.97
C HIS F 266 -6.95 46.06 -36.64
N THR F 267 -6.76 44.76 -36.39
CA THR F 267 -5.69 44.03 -37.06
C THR F 267 -6.00 43.79 -38.54
N ALA F 268 -7.25 43.43 -38.84
CA ALA F 268 -7.63 43.16 -40.22
C ALA F 268 -7.61 44.43 -41.06
N LEU F 269 -7.83 45.58 -40.43
CA LEU F 269 -7.82 46.85 -41.14
C LEU F 269 -6.42 47.29 -41.53
N ALA F 270 -5.40 46.48 -41.29
CA ALA F 270 -4.03 46.82 -41.65
C ALA F 270 -3.91 46.87 -43.17
N GLY F 271 -3.86 48.08 -43.70
CA GLY F 271 -3.83 48.29 -45.14
C GLY F 271 -4.86 49.32 -45.53
N ALA F 272 -5.90 49.45 -44.70
CA ALA F 272 -6.98 50.38 -44.98
C ALA F 272 -6.53 51.82 -44.76
N LEU F 273 -7.13 52.73 -45.52
CA LEU F 273 -6.82 54.14 -45.43
C LEU F 273 -7.53 54.76 -44.24
N GLU F 274 -6.77 55.37 -43.34
CA GLU F 274 -7.35 55.99 -42.16
C GLU F 274 -7.78 57.43 -42.45
N ALA F 275 -8.70 57.92 -41.64
CA ALA F 275 -9.21 59.28 -41.72
C ALA F 275 -9.49 59.79 -40.31
N GLU F 276 -9.88 61.06 -40.22
CA GLU F 276 -10.24 61.66 -38.95
C GLU F 276 -11.44 62.58 -39.18
N MET F 277 -12.07 63.00 -38.08
CA MET F 277 -13.26 63.83 -38.12
C MET F 277 -12.96 65.20 -37.54
N ASP F 278 -13.31 66.24 -38.29
CA ASP F 278 -13.24 67.61 -37.78
C ASP F 278 -14.62 68.05 -37.29
N GLY F 279 -15.08 67.37 -36.24
CA GLY F 279 -16.42 67.59 -35.72
C GLY F 279 -17.46 66.74 -36.41
N ALA F 280 -18.17 67.32 -37.37
CA ALA F 280 -19.15 66.58 -38.15
C ALA F 280 -18.70 66.31 -39.59
N LYS F 281 -17.71 67.03 -40.09
CA LYS F 281 -17.19 66.82 -41.44
C LYS F 281 -15.94 65.95 -41.37
N GLY F 282 -15.88 64.94 -42.24
CA GLY F 282 -14.77 63.99 -42.24
C GLY F 282 -13.80 64.31 -43.37
N ARG F 283 -12.52 64.39 -43.01
CA ARG F 283 -11.46 64.67 -43.96
C ARG F 283 -10.74 63.39 -44.36
N LEU F 284 -10.21 63.38 -45.58
CA LEU F 284 -9.55 62.22 -46.16
C LEU F 284 -8.06 62.49 -46.35
N SER F 285 -7.31 61.39 -46.50
CA SER F 285 -5.86 61.47 -46.68
C SER F 285 -5.41 60.76 -47.96
N SER F 286 -6.31 60.57 -48.92
CA SER F 286 -5.98 59.92 -50.18
C SER F 286 -7.00 60.34 -51.24
N GLY F 287 -6.57 60.33 -52.49
CA GLY F 287 -7.41 60.73 -53.60
C GLY F 287 -6.71 61.83 -54.39
N HIS F 288 -6.96 61.85 -55.69
CA HIS F 288 -6.35 62.84 -56.58
C HIS F 288 -7.46 63.68 -57.22
N LEU F 289 -7.02 64.69 -57.98
CA LEU F 289 -7.92 65.69 -58.53
C LEU F 289 -7.26 66.32 -59.75
N LYS F 290 -7.96 66.29 -60.88
CA LYS F 290 -7.47 66.88 -62.12
C LYS F 290 -7.97 68.31 -62.22
N CYS F 291 -7.06 69.23 -62.55
CA CYS F 291 -7.43 70.64 -62.70
C CYS F 291 -6.80 71.21 -63.96
N ARG F 292 -7.38 72.32 -64.43
CA ARG F 292 -6.86 73.06 -65.57
C ARG F 292 -6.58 74.49 -65.11
N LEU F 293 -5.36 74.96 -65.37
CA LEU F 293 -4.89 76.25 -64.87
C LEU F 293 -4.78 77.27 -65.99
N LYS F 294 -5.19 78.50 -65.68
CA LYS F 294 -5.21 79.59 -66.64
C LYS F 294 -3.90 80.36 -66.55
N MET F 295 -3.19 80.46 -67.67
CA MET F 295 -1.95 81.22 -67.74
C MET F 295 -2.14 82.63 -68.27
N ASP F 296 -3.33 82.94 -68.80
CA ASP F 296 -3.58 84.26 -69.40
C ASP F 296 -3.56 85.35 -68.33
N LYS F 297 -4.41 85.21 -67.31
CA LYS F 297 -4.57 86.23 -66.28
C LYS F 297 -3.47 86.19 -65.23
N LEU F 298 -2.59 85.19 -65.25
CA LEU F 298 -1.50 85.09 -64.30
C LEU F 298 -0.32 85.92 -64.81
N ARG F 299 0.12 86.88 -64.00
CA ARG F 299 1.15 87.83 -64.40
C ARG F 299 2.36 87.74 -63.49
N LEU F 300 3.49 88.22 -64.00
CA LEU F 300 4.71 88.34 -63.22
C LEU F 300 4.63 89.55 -62.30
N LYS F 301 5.72 89.80 -61.58
CA LYS F 301 5.79 90.93 -60.64
C LYS F 301 7.27 91.35 -60.52
N GLY F 302 7.65 92.36 -61.30
CA GLY F 302 8.97 92.94 -61.15
C GLY F 302 9.87 92.90 -62.37
N VAL F 303 9.28 92.78 -63.57
CA VAL F 303 10.11 92.69 -64.77
C VAL F 303 10.73 94.03 -65.12
N SER F 304 10.10 95.14 -64.72
CA SER F 304 10.64 96.45 -65.00
C SER F 304 11.64 96.93 -63.96
N TYR F 305 11.74 96.25 -62.82
CA TYR F 305 12.68 96.68 -61.79
C TYR F 305 14.12 96.58 -62.27
N SER F 306 14.96 97.44 -61.71
CA SER F 306 16.40 97.37 -61.90
C SER F 306 16.97 96.28 -61.01
N LEU F 307 18.23 95.95 -61.23
CA LEU F 307 18.91 94.94 -60.43
C LEU F 307 19.27 95.51 -59.07
N CYS F 308 19.19 94.67 -58.04
CA CYS F 308 19.48 95.12 -56.68
C CYS F 308 20.93 95.57 -56.56
N THR F 309 21.13 96.87 -56.32
CA THR F 309 22.46 97.46 -56.33
C THR F 309 23.19 97.28 -55.01
N ALA F 310 22.47 97.19 -53.90
CA ALA F 310 23.14 97.09 -52.61
C ALA F 310 23.71 95.70 -52.39
N ALA F 311 24.47 95.54 -51.31
CA ALA F 311 25.23 94.33 -51.12
C ALA F 311 24.36 93.20 -50.58
N PHE F 312 24.84 91.98 -50.75
CA PHE F 312 24.18 90.79 -50.23
C PHE F 312 25.10 90.08 -49.23
N THR F 313 24.48 89.32 -48.32
CA THR F 313 25.21 88.57 -47.31
C THR F 313 24.66 87.16 -47.24
N PHE F 314 25.52 86.16 -47.43
CA PHE F 314 25.10 84.78 -47.23
C PHE F 314 24.76 84.60 -45.76
N THR F 315 23.47 84.49 -45.43
CA THR F 315 23.11 84.25 -44.04
C THR F 315 23.04 82.77 -43.68
N LYS F 316 22.70 81.92 -44.64
CA LYS F 316 22.57 80.49 -44.40
C LYS F 316 23.29 79.72 -45.50
N ILE F 317 23.55 78.45 -45.22
CA ILE F 317 24.26 77.54 -46.14
C ILE F 317 23.38 77.24 -47.35
N PRO F 318 23.81 77.61 -48.55
CA PRO F 318 23.08 77.20 -49.76
C PRO F 318 23.07 75.69 -49.88
N ALA F 319 21.88 75.12 -50.07
CA ALA F 319 21.72 73.68 -50.15
C ALA F 319 21.00 73.32 -51.45
N GLU F 320 20.96 72.03 -51.74
CA GLU F 320 20.37 71.52 -52.96
C GLU F 320 19.08 70.78 -52.63
N THR F 321 18.22 70.64 -53.63
CA THR F 321 16.96 69.95 -53.46
C THR F 321 17.03 68.58 -54.12
N LEU F 322 15.90 67.88 -54.13
CA LEU F 322 15.80 66.55 -54.68
C LEU F 322 15.73 66.53 -56.20
N HIS F 323 15.70 67.70 -56.85
CA HIS F 323 15.52 67.76 -58.28
C HIS F 323 16.64 68.49 -59.01
N GLY F 324 17.61 69.04 -58.29
CA GLY F 324 18.76 69.69 -58.90
C GLY F 324 18.85 71.18 -58.71
N THR F 325 17.88 71.80 -58.02
CA THR F 325 17.84 73.24 -57.84
C THR F 325 18.57 73.65 -56.56
N VAL F 326 18.94 74.93 -56.49
CA VAL F 326 19.68 75.47 -55.36
C VAL F 326 18.88 76.63 -54.77
N THR F 327 18.60 76.55 -53.48
CA THR F 327 18.00 77.64 -52.75
C THR F 327 19.01 78.23 -51.77
N VAL F 328 18.92 79.53 -51.55
CA VAL F 328 19.83 80.24 -50.65
C VAL F 328 19.04 81.22 -49.81
N GLU F 329 19.30 81.25 -48.51
CA GLU F 329 18.71 82.27 -47.64
C GLU F 329 19.75 83.37 -47.50
N VAL F 330 19.31 84.63 -47.66
CA VAL F 330 20.21 85.77 -47.70
C VAL F 330 19.57 86.97 -47.03
N GLN F 331 20.41 87.93 -46.66
CA GLN F 331 19.98 89.20 -46.08
C GLN F 331 20.38 90.35 -46.99
N TYR F 332 19.42 91.21 -47.30
CA TYR F 332 19.65 92.40 -48.13
C TYR F 332 19.50 93.61 -47.21
N ALA F 333 20.61 94.21 -46.82
CA ALA F 333 20.56 95.39 -45.95
C ALA F 333 20.15 96.65 -46.69
N GLY F 334 19.91 96.58 -47.99
CA GLY F 334 19.65 97.75 -48.78
C GLY F 334 18.24 98.29 -48.58
N THR F 335 18.07 99.57 -48.89
CA THR F 335 16.80 100.27 -48.73
C THR F 335 16.21 100.72 -50.05
N ASP F 336 16.82 100.39 -51.18
CA ASP F 336 16.27 100.74 -52.48
C ASP F 336 15.18 99.78 -52.95
N GLY F 337 14.83 98.78 -52.14
CA GLY F 337 13.78 97.86 -52.48
C GLY F 337 12.43 98.55 -52.58
N PRO F 338 11.46 97.92 -53.25
CA PRO F 338 11.56 96.62 -53.93
C PRO F 338 12.49 96.60 -55.14
N CYS F 339 13.30 95.55 -55.26
CA CYS F 339 14.29 95.46 -56.33
C CYS F 339 14.31 94.03 -56.87
N LYS F 340 14.70 93.92 -58.14
CA LYS F 340 14.86 92.62 -58.79
C LYS F 340 16.15 91.96 -58.33
N VAL F 341 16.04 90.80 -57.69
CA VAL F 341 17.20 90.10 -57.15
C VAL F 341 18.04 89.57 -58.30
N PRO F 342 19.29 90.02 -58.46
CA PRO F 342 20.12 89.52 -59.56
C PRO F 342 20.55 88.07 -59.34
N ALA F 343 20.05 87.16 -60.17
CA ALA F 343 20.40 85.75 -60.00
C ALA F 343 20.60 85.10 -61.36
N GLN F 344 21.71 84.40 -61.50
CA GLN F 344 22.08 83.63 -62.68
C GLN F 344 23.33 82.85 -62.34
N MET F 345 23.65 81.86 -63.17
CA MET F 345 24.90 81.13 -63.04
C MET F 345 25.84 81.42 -64.20
N ALA F 346 27.13 81.25 -63.93
CA ALA F 346 28.17 81.43 -64.92
C ALA F 346 29.20 80.33 -64.75
N VAL F 347 29.61 79.75 -65.87
CA VAL F 347 30.68 78.76 -65.87
C VAL F 347 32.03 79.43 -66.04
N ASP F 348 32.07 80.60 -66.67
CA ASP F 348 33.29 81.37 -66.84
C ASP F 348 33.07 82.75 -66.22
N MET F 349 33.89 83.09 -65.22
CA MET F 349 33.76 84.37 -64.53
C MET F 349 34.24 85.54 -65.38
N GLN F 350 34.93 85.25 -66.48
CA GLN F 350 35.39 86.29 -67.40
C GLN F 350 34.31 86.62 -68.42
N THR F 351 33.70 85.61 -69.04
CA THR F 351 32.61 85.86 -69.97
C THR F 351 31.31 86.21 -69.24
N LEU F 352 31.10 85.64 -68.06
CA LEU F 352 29.89 85.85 -67.26
C LEU F 352 28.63 85.54 -68.08
N THR F 353 28.71 84.49 -68.90
CA THR F 353 27.60 84.14 -69.78
C THR F 353 26.43 83.59 -68.97
N PRO F 354 25.22 84.15 -69.11
CA PRO F 354 24.07 83.63 -68.36
C PRO F 354 23.62 82.29 -68.92
N VAL F 355 23.93 81.23 -68.19
CA VAL F 355 23.60 79.87 -68.59
C VAL F 355 22.40 79.39 -67.79
N GLY F 356 21.74 78.36 -68.32
CA GLY F 356 20.57 77.81 -67.67
C GLY F 356 19.40 78.78 -67.64
N ARG F 357 18.60 78.66 -66.58
CA ARG F 357 17.36 79.40 -66.45
C ARG F 357 16.98 79.48 -64.98
N LEU F 358 16.25 80.54 -64.62
CA LEU F 358 15.79 80.72 -63.25
C LEU F 358 14.53 79.90 -63.03
N ILE F 359 14.50 79.12 -61.95
CA ILE F 359 13.29 78.37 -61.63
C ILE F 359 12.24 79.32 -61.08
N THR F 360 12.57 80.01 -59.99
CA THR F 360 11.73 81.12 -59.52
C THR F 360 11.94 82.26 -60.51
N ALA F 361 11.02 82.39 -61.47
CA ALA F 361 11.19 83.33 -62.57
C ALA F 361 11.15 84.75 -62.04
N ASN F 362 12.22 85.50 -62.30
CA ASN F 362 12.39 86.88 -61.87
C ASN F 362 12.21 87.01 -60.36
N PRO F 363 13.17 86.52 -59.56
CA PRO F 363 13.06 86.68 -58.10
C PRO F 363 13.19 88.15 -57.72
N VAL F 364 12.26 88.62 -56.89
CA VAL F 364 12.19 90.03 -56.53
C VAL F 364 12.12 90.17 -55.01
N ILE F 365 12.77 91.21 -54.50
CA ILE F 365 12.67 91.61 -53.10
C ILE F 365 11.59 92.68 -53.00
N THR F 366 10.80 92.64 -51.93
CA THR F 366 9.67 93.55 -51.76
C THR F 366 9.98 94.73 -50.85
N GLU F 367 10.42 94.46 -49.62
CA GLU F 367 10.56 95.53 -48.63
C GLU F 367 11.85 96.31 -48.79
N SER F 368 11.76 97.62 -48.56
CA SER F 368 12.90 98.51 -48.51
C SER F 368 13.56 98.53 -47.13
N THR F 369 13.02 97.76 -46.17
CA THR F 369 13.59 97.72 -44.83
C THR F 369 14.75 96.72 -44.76
N GLU F 370 15.72 97.02 -43.90
CA GLU F 370 16.91 96.20 -43.77
C GLU F 370 16.59 94.95 -42.94
N ASN F 371 17.54 94.01 -42.93
CA ASN F 371 17.47 92.81 -42.10
C ASN F 371 16.28 91.93 -42.48
N SER F 372 15.85 92.00 -43.73
CA SER F 372 14.77 91.17 -44.24
C SER F 372 15.32 89.90 -44.86
N LYS F 373 14.58 88.80 -44.68
CA LYS F 373 15.00 87.49 -45.16
C LYS F 373 14.36 87.21 -46.51
N MET F 374 15.09 86.50 -47.37
CA MET F 374 14.60 86.20 -48.70
C MET F 374 15.31 84.97 -49.23
N MET F 375 14.58 84.18 -50.04
CA MET F 375 15.11 82.95 -50.61
C MET F 375 14.63 82.80 -52.04
N LEU F 376 15.50 82.28 -52.90
CA LEU F 376 15.18 82.11 -54.30
C LEU F 376 15.72 80.77 -54.79
N GLU F 377 15.22 80.35 -55.95
CA GLU F 377 15.56 79.06 -56.53
C GLU F 377 16.30 79.25 -57.85
N LEU F 378 17.22 78.33 -58.13
CA LEU F 378 18.09 78.43 -59.31
C LEU F 378 18.17 77.09 -60.00
N ASP F 379 18.33 77.13 -61.32
CA ASP F 379 18.49 75.92 -62.12
C ASP F 379 19.82 76.00 -62.86
N PRO F 380 20.88 75.39 -62.34
CA PRO F 380 22.17 75.43 -63.02
C PRO F 380 22.20 74.46 -64.19
N PRO F 381 23.16 74.61 -65.10
CA PRO F 381 23.30 73.64 -66.18
C PRO F 381 24.00 72.38 -65.71
N PHE F 382 23.89 71.34 -66.53
CA PHE F 382 24.60 70.09 -66.26
C PHE F 382 26.10 70.33 -66.31
N GLY F 383 26.81 69.78 -65.32
CA GLY F 383 28.25 69.94 -65.26
C GLY F 383 28.69 71.12 -64.42
N ASP F 384 29.77 71.78 -64.85
CA ASP F 384 30.41 72.82 -64.05
C ASP F 384 29.73 74.17 -64.26
N SER F 385 29.65 74.95 -63.18
CA SER F 385 29.06 76.28 -63.18
C SER F 385 29.41 76.94 -61.86
N TYR F 386 29.06 78.21 -61.73
CA TYR F 386 29.24 78.92 -60.47
C TYR F 386 28.02 79.77 -60.18
N ILE F 387 27.50 79.64 -58.97
CA ILE F 387 26.33 80.41 -58.53
C ILE F 387 26.81 81.82 -58.19
N VAL F 388 26.48 82.78 -59.04
CA VAL F 388 26.85 84.17 -58.85
C VAL F 388 25.56 84.98 -58.73
N ILE F 389 25.34 85.56 -57.56
CA ILE F 389 24.17 86.40 -57.32
C ILE F 389 24.63 87.79 -56.95
N GLY F 390 23.88 88.79 -57.41
CA GLY F 390 24.26 90.18 -57.28
C GLY F 390 24.91 90.68 -58.56
N VAL F 391 25.20 91.98 -58.58
CA VAL F 391 25.92 92.60 -59.68
C VAL F 391 26.91 93.61 -59.13
N GLY F 392 27.98 93.85 -59.87
CA GLY F 392 29.01 94.77 -59.45
C GLY F 392 30.06 94.10 -58.57
N GLU F 393 30.78 94.95 -57.83
CA GLU F 393 31.85 94.47 -56.97
C GLU F 393 31.34 93.91 -55.64
N LYS F 394 30.07 94.15 -55.30
CA LYS F 394 29.51 93.62 -54.06
C LYS F 394 28.64 92.39 -54.28
N LYS F 395 28.67 91.83 -55.49
CA LYS F 395 27.96 90.57 -55.73
C LYS F 395 28.66 89.44 -54.99
N ILE F 396 27.87 88.44 -54.59
CA ILE F 396 28.37 87.30 -53.84
C ILE F 396 28.39 86.08 -54.76
N THR F 397 29.43 85.27 -54.61
CA THR F 397 29.67 84.13 -55.48
C THR F 397 29.80 82.87 -54.64
N HIS F 398 29.25 81.78 -55.16
CA HIS F 398 29.27 80.49 -54.48
C HIS F 398 29.65 79.41 -55.49
N HIS F 399 30.22 78.33 -54.99
CA HIS F 399 30.61 77.21 -55.84
C HIS F 399 29.50 76.18 -55.91
N TRP F 400 29.32 75.58 -57.08
CA TRP F 400 28.38 74.50 -57.23
C TRP F 400 28.76 73.66 -58.45
N HIS F 401 28.36 72.40 -58.44
CA HIS F 401 28.67 71.49 -59.52
C HIS F 401 27.51 70.51 -59.69
N ARG F 402 27.29 70.09 -60.94
CA ARG F 402 26.20 69.18 -61.28
C ARG F 402 26.75 67.83 -61.71
N SER F 403 26.09 66.77 -61.24
CA SER F 403 26.46 65.38 -61.56
C SER F 403 27.87 65.05 -61.10
N GLN G 1 -70.21 -59.97 27.64
CA GLN G 1 -71.11 -59.21 26.78
C GLN G 1 -70.34 -58.35 25.78
N VAL G 2 -69.01 -58.41 25.83
CA VAL G 2 -68.19 -57.64 24.90
C VAL G 2 -68.57 -58.03 23.48
N HIS G 3 -68.56 -57.05 22.58
CA HIS G 3 -69.13 -57.23 21.25
C HIS G 3 -68.29 -56.54 20.18
N LEU G 4 -68.01 -57.28 19.11
CA LEU G 4 -67.30 -56.78 17.95
C LEU G 4 -68.24 -56.79 16.75
N GLN G 5 -68.13 -55.78 15.90
CA GLN G 5 -69.04 -55.62 14.77
C GLN G 5 -68.28 -55.08 13.57
N GLU G 6 -68.33 -55.79 12.45
CA GLU G 6 -67.72 -55.34 11.22
C GLU G 6 -68.59 -54.28 10.54
N SER G 7 -67.99 -53.59 9.58
CA SER G 7 -68.69 -52.55 8.84
C SER G 7 -67.93 -52.29 7.54
N GLY G 8 -68.66 -52.32 6.42
CA GLY G 8 -68.07 -52.16 5.11
C GLY G 8 -68.98 -52.65 4.01
N PRO G 9 -68.59 -52.42 2.76
CA PRO G 9 -69.44 -52.81 1.62
C PRO G 9 -69.58 -54.31 1.52
N GLY G 10 -70.83 -54.79 1.63
CA GLY G 10 -71.07 -56.21 1.44
C GLY G 10 -71.04 -56.67 0.00
N LEU G 11 -70.96 -55.72 -0.93
CA LEU G 11 -70.86 -56.02 -2.35
C LEU G 11 -69.98 -54.93 -2.94
N VAL G 12 -69.02 -55.32 -3.78
CA VAL G 12 -68.06 -54.38 -4.34
C VAL G 12 -67.82 -54.68 -5.81
N ARG G 13 -67.33 -53.67 -6.53
CA ARG G 13 -66.95 -53.82 -7.92
C ARG G 13 -65.53 -54.38 -8.01
N PRO G 14 -65.24 -55.19 -9.04
CA PRO G 14 -63.90 -55.77 -9.16
C PRO G 14 -62.84 -54.73 -9.49
N SER G 15 -61.59 -55.10 -9.20
CA SER G 15 -60.40 -54.27 -9.40
C SER G 15 -60.41 -53.01 -8.55
N GLU G 16 -61.36 -52.89 -7.63
CA GLU G 16 -61.47 -51.74 -6.75
C GLU G 16 -60.79 -52.06 -5.42
N THR G 17 -60.95 -51.17 -4.44
CA THR G 17 -60.36 -51.36 -3.13
C THR G 17 -61.38 -52.01 -2.20
N LEU G 18 -61.00 -53.14 -1.59
CA LEU G 18 -61.87 -53.85 -0.65
C LEU G 18 -61.60 -53.24 0.72
N SER G 19 -62.47 -52.33 1.14
CA SER G 19 -62.33 -51.62 2.40
C SER G 19 -63.33 -52.16 3.40
N LEU G 20 -62.84 -52.46 4.60
CA LEU G 20 -63.64 -53.04 5.67
C LEU G 20 -63.22 -52.40 6.98
N THR G 21 -64.18 -52.06 7.81
CA THR G 21 -63.92 -51.49 9.13
C THR G 21 -64.46 -52.42 10.20
N CYS G 22 -63.98 -52.21 11.43
CA CYS G 22 -64.31 -53.09 12.55
C CYS G 22 -64.23 -52.31 13.84
N THR G 23 -65.35 -52.25 14.57
CA THR G 23 -65.45 -51.50 15.81
C THR G 23 -65.21 -52.43 17.00
N VAL G 24 -64.38 -51.97 17.94
CA VAL G 24 -64.13 -52.68 19.20
C VAL G 24 -64.76 -51.88 20.33
N SER G 25 -65.59 -52.56 21.13
CA SER G 25 -66.33 -51.92 22.22
C SER G 25 -65.97 -52.55 23.55
N ASP G 26 -65.98 -51.73 24.61
CA ASP G 26 -65.64 -52.18 25.95
C ASP G 26 -64.23 -52.78 26.03
N GLY G 27 -63.29 -52.28 25.23
CA GLY G 27 -61.98 -52.90 25.15
C GLY G 27 -60.91 -51.89 24.84
N SER G 28 -59.69 -52.19 25.32
CA SER G 28 -58.51 -51.40 24.98
C SER G 28 -57.96 -51.83 23.63
N ILE G 29 -57.57 -50.84 22.82
CA ILE G 29 -56.99 -51.13 21.51
C ILE G 29 -55.53 -51.56 21.58
N SER G 30 -54.87 -51.39 22.73
CA SER G 30 -53.48 -51.77 22.91
C SER G 30 -53.31 -53.17 23.50
N SER G 31 -54.41 -53.89 23.72
CA SER G 31 -54.36 -55.17 24.43
C SER G 31 -54.33 -56.38 23.52
N TYR G 32 -54.27 -56.19 22.20
CA TYR G 32 -54.30 -57.33 21.28
C TYR G 32 -53.48 -57.01 20.04
N TYR G 33 -53.15 -58.08 19.31
CA TYR G 33 -52.50 -58.00 18.00
C TYR G 33 -53.63 -58.10 16.97
N TRP G 34 -54.23 -56.96 16.64
CA TRP G 34 -55.44 -56.95 15.83
C TRP G 34 -55.15 -57.43 14.42
N SER G 35 -55.98 -58.36 13.95
CA SER G 35 -55.72 -59.09 12.72
C SER G 35 -57.03 -59.25 11.96
N TRP G 36 -56.92 -59.82 10.75
CA TRP G 36 -58.06 -60.10 9.91
C TRP G 36 -57.98 -61.53 9.39
N ILE G 37 -59.13 -62.19 9.30
CA ILE G 37 -59.24 -63.55 8.79
C ILE G 37 -60.32 -63.55 7.71
N ARG G 38 -60.18 -64.48 6.77
CA ARG G 38 -61.16 -64.63 5.70
C ARG G 38 -61.42 -66.12 5.46
N GLN G 39 -62.60 -66.40 4.91
CA GLN G 39 -62.95 -67.77 4.55
C GLN G 39 -63.87 -67.78 3.34
N PRO G 40 -63.41 -68.21 2.18
CA PRO G 40 -64.32 -68.50 1.06
C PRO G 40 -65.20 -69.68 1.41
N PRO G 41 -66.49 -69.62 1.08
CA PRO G 41 -67.41 -70.71 1.47
C PRO G 41 -67.03 -72.03 0.81
N GLY G 42 -66.74 -73.02 1.65
CA GLY G 42 -66.32 -74.33 1.19
C GLY G 42 -64.86 -74.64 1.46
N LYS G 43 -64.00 -73.65 1.27
CA LYS G 43 -62.59 -73.80 1.60
C LYS G 43 -62.37 -73.43 3.07
N GLY G 44 -61.12 -73.50 3.50
CA GLY G 44 -60.77 -73.20 4.87
C GLY G 44 -60.53 -71.72 5.13
N LEU G 45 -60.16 -71.43 6.37
CA LEU G 45 -59.88 -70.07 6.79
C LEU G 45 -58.50 -69.63 6.29
N GLU G 46 -58.38 -68.34 5.97
CA GLU G 46 -57.12 -67.78 5.53
C GLU G 46 -56.84 -66.51 6.34
N TRP G 47 -55.79 -66.56 7.14
CA TRP G 47 -55.38 -65.40 7.93
C TRP G 47 -54.81 -64.32 7.01
N ILE G 48 -55.35 -63.12 7.10
CA ILE G 48 -55.01 -62.07 6.13
C ILE G 48 -53.72 -61.35 6.54
N GLY G 49 -53.69 -60.81 7.75
CA GLY G 49 -52.53 -60.10 8.23
C GLY G 49 -52.79 -59.53 9.61
N SER G 50 -51.70 -59.17 10.29
CA SER G 50 -51.75 -58.64 11.64
C SER G 50 -50.97 -57.34 11.72
N ILE G 51 -51.42 -56.43 12.56
CA ILE G 51 -50.72 -55.17 12.78
C ILE G 51 -51.02 -54.66 14.18
N TYR G 52 -49.99 -54.14 14.84
CA TYR G 52 -50.11 -53.55 16.17
C TYR G 52 -49.99 -52.03 16.06
N TYR G 53 -50.56 -51.35 17.06
CA TYR G 53 -50.74 -49.90 16.98
C TYR G 53 -49.42 -49.14 16.92
N THR G 54 -48.32 -49.70 17.44
CA THR G 54 -47.04 -49.04 17.28
C THR G 54 -46.56 -49.06 15.84
N GLY G 55 -47.02 -50.04 15.06
CA GLY G 55 -46.63 -50.13 13.66
C GLY G 55 -46.07 -51.47 13.24
N SER G 56 -46.11 -52.46 14.15
CA SER G 56 -45.63 -53.80 13.83
C SER G 56 -46.46 -54.39 12.70
N THR G 57 -45.87 -54.57 11.53
CA THR G 57 -46.58 -54.98 10.33
C THR G 57 -46.33 -56.44 10.02
N ASN G 58 -47.40 -57.18 9.75
CA ASN G 58 -47.30 -58.59 9.37
C ASN G 58 -48.34 -58.90 8.32
N TYR G 59 -47.91 -59.42 7.18
CA TYR G 59 -48.78 -59.72 6.05
C TYR G 59 -48.67 -61.19 5.68
N ASN G 60 -49.71 -61.68 5.00
CA ASN G 60 -49.61 -62.96 4.32
C ASN G 60 -48.61 -62.83 3.17
N PRO G 61 -47.60 -63.69 3.09
CA PRO G 61 -46.62 -63.58 1.99
C PRO G 61 -47.25 -63.65 0.61
N SER G 62 -48.34 -64.39 0.45
CA SER G 62 -49.04 -64.47 -0.83
C SER G 62 -49.94 -63.26 -1.07
N LEU G 63 -50.18 -62.43 -0.06
CA LEU G 63 -51.06 -61.28 -0.17
C LEU G 63 -50.37 -59.95 0.14
N LYS G 64 -49.10 -59.97 0.54
CA LYS G 64 -48.38 -58.72 0.82
C LYS G 64 -48.31 -57.80 -0.38
N SER G 65 -48.70 -58.28 -1.56
CA SER G 65 -48.65 -57.45 -2.76
C SER G 65 -49.68 -56.33 -2.69
N ARG G 66 -50.86 -56.60 -2.12
CA ARG G 66 -51.96 -55.64 -2.15
C ARG G 66 -52.71 -55.57 -0.82
N VAL G 67 -52.02 -55.74 0.29
CA VAL G 67 -52.61 -55.63 1.63
C VAL G 67 -52.10 -54.37 2.29
N THR G 68 -53.02 -53.55 2.82
CA THR G 68 -52.68 -52.37 3.62
C THR G 68 -53.62 -52.36 4.82
N MET G 69 -53.06 -52.35 6.02
CA MET G 69 -53.84 -52.42 7.26
C MET G 69 -53.59 -51.16 8.08
N SER G 70 -54.66 -50.65 8.69
CA SER G 70 -54.60 -49.42 9.48
C SER G 70 -55.28 -49.63 10.82
N VAL G 71 -54.92 -48.77 11.78
CA VAL G 71 -55.43 -48.84 13.14
C VAL G 71 -55.80 -47.44 13.62
N ASP G 72 -56.98 -47.32 14.25
CA ASP G 72 -57.46 -46.07 14.81
C ASP G 72 -57.39 -46.17 16.33
N THR G 73 -56.44 -45.46 16.94
CA THR G 73 -56.33 -45.47 18.39
C THR G 73 -57.46 -44.72 19.07
N SER G 74 -58.00 -43.69 18.42
CA SER G 74 -59.05 -42.87 19.03
C SER G 74 -60.37 -43.62 19.14
N LYS G 75 -60.92 -44.05 18.00
CA LYS G 75 -62.21 -44.72 17.98
C LYS G 75 -62.12 -46.19 18.39
N ASN G 76 -60.93 -46.65 18.78
CA ASN G 76 -60.73 -48.03 19.22
C ASN G 76 -61.05 -49.03 18.10
N GLN G 77 -60.67 -48.67 16.88
CA GLN G 77 -61.00 -49.46 15.70
C GLN G 77 -59.78 -49.60 14.81
N PHE G 78 -59.85 -50.56 13.89
CA PHE G 78 -58.80 -50.77 12.91
C PHE G 78 -59.43 -51.19 11.59
N SER G 79 -58.82 -50.78 10.49
CA SER G 79 -59.41 -50.90 9.16
C SER G 79 -58.55 -51.83 8.29
N LEU G 80 -59.02 -52.04 7.06
CA LEU G 80 -58.39 -52.96 6.13
C LEU G 80 -58.77 -52.57 4.71
N ARG G 81 -57.77 -52.54 3.82
CA ARG G 81 -58.00 -52.23 2.41
C ARG G 81 -57.33 -53.27 1.53
N LEU G 82 -58.06 -53.77 0.54
CA LEU G 82 -57.57 -54.78 -0.40
C LEU G 82 -57.84 -54.29 -1.82
N ASN G 83 -56.78 -53.91 -2.53
CA ASN G 83 -56.90 -53.42 -3.89
C ASN G 83 -56.94 -54.58 -4.89
N SER G 84 -57.48 -54.29 -6.08
CA SER G 84 -57.50 -55.21 -7.21
C SER G 84 -58.14 -56.55 -6.83
N VAL G 85 -59.42 -56.48 -6.45
CA VAL G 85 -60.14 -57.68 -6.03
C VAL G 85 -60.53 -58.49 -7.26
N THR G 86 -60.33 -59.80 -7.18
CA THR G 86 -60.68 -60.74 -8.23
C THR G 86 -61.92 -61.53 -7.81
N ALA G 87 -62.49 -62.24 -8.77
CA ALA G 87 -63.64 -63.09 -8.47
C ALA G 87 -63.28 -64.21 -7.52
N ALA G 88 -62.01 -64.61 -7.48
CA ALA G 88 -61.56 -65.68 -6.59
C ALA G 88 -61.50 -65.24 -5.13
N ASP G 89 -61.48 -63.94 -4.85
CA ASP G 89 -61.40 -63.44 -3.49
C ASP G 89 -62.74 -63.39 -2.77
N THR G 90 -63.77 -64.06 -3.28
CA THR G 90 -65.10 -64.05 -2.67
C THR G 90 -65.08 -64.88 -1.39
N ALA G 91 -65.06 -64.20 -0.24
CA ALA G 91 -64.96 -64.87 1.04
C ALA G 91 -65.81 -64.15 2.08
N MET G 92 -65.86 -64.74 3.28
CA MET G 92 -66.54 -64.16 4.43
C MET G 92 -65.47 -63.66 5.40
N TYR G 93 -65.44 -62.35 5.62
CA TYR G 93 -64.35 -61.71 6.35
C TYR G 93 -64.73 -61.50 7.81
N TYR G 94 -63.77 -61.76 8.70
CA TYR G 94 -63.92 -61.53 10.14
C TYR G 94 -62.74 -60.72 10.65
N CYS G 95 -63.01 -59.80 11.56
CA CYS G 95 -61.95 -59.19 12.36
C CYS G 95 -61.94 -59.85 13.73
N ALA G 96 -60.73 -60.13 14.23
CA ALA G 96 -60.60 -60.87 15.48
C ALA G 96 -59.35 -60.39 16.21
N GLY G 97 -59.42 -60.39 17.54
CA GLY G 97 -58.26 -60.09 18.34
C GLY G 97 -57.49 -61.32 18.77
N LEU G 98 -56.42 -61.63 18.03
CA LEU G 98 -55.55 -62.74 18.38
C LEU G 98 -54.46 -62.26 19.31
N ASP G 99 -54.19 -63.03 20.36
CA ASP G 99 -53.18 -62.66 21.35
C ASP G 99 -51.88 -63.38 21.02
N ARG G 100 -50.98 -62.66 20.37
CA ARG G 100 -49.67 -63.20 20.02
C ARG G 100 -48.80 -63.47 21.24
N TYR G 101 -49.13 -62.87 22.38
CA TYR G 101 -48.28 -62.92 23.57
C TYR G 101 -48.95 -63.55 24.78
N SER G 102 -50.19 -64.00 24.65
CA SER G 102 -50.87 -64.74 25.71
C SER G 102 -50.92 -63.95 27.01
N TRP G 103 -51.19 -62.65 26.92
CA TRP G 103 -51.14 -61.79 28.08
C TRP G 103 -52.51 -61.40 28.63
N ASN G 104 -53.61 -61.82 28.00
CA ASN G 104 -54.93 -61.36 28.39
C ASN G 104 -55.77 -62.52 28.90
N GLU G 105 -56.44 -62.31 30.03
CA GLU G 105 -57.37 -63.29 30.54
C GLU G 105 -58.49 -63.52 29.55
N GLY G 106 -58.90 -64.78 29.39
CA GLY G 106 -59.89 -65.16 28.42
C GLY G 106 -59.33 -65.51 27.06
N GLY G 107 -58.15 -64.99 26.72
CA GLY G 107 -57.50 -65.33 25.46
C GLY G 107 -57.98 -64.55 24.26
N ASP G 108 -58.13 -65.25 23.14
CA ASP G 108 -58.50 -64.61 21.89
C ASP G 108 -59.94 -64.10 21.95
N HIS G 109 -60.32 -63.35 20.94
CA HIS G 109 -61.70 -62.89 20.82
C HIS G 109 -62.05 -62.77 19.35
N TRP G 110 -63.32 -63.08 19.02
CA TRP G 110 -63.79 -63.10 17.65
C TRP G 110 -65.10 -62.33 17.54
N GLY G 111 -65.32 -61.73 16.38
CA GLY G 111 -66.52 -60.98 16.10
C GLY G 111 -67.63 -61.83 15.54
N GLN G 112 -68.46 -61.18 14.70
CA GLN G 112 -69.60 -61.84 14.09
C GLN G 112 -69.39 -62.15 12.62
N GLY G 113 -68.52 -61.42 11.93
CA GLY G 113 -68.22 -61.79 10.56
C GLY G 113 -69.12 -61.10 9.56
N ILE G 114 -68.59 -60.90 8.36
CA ILE G 114 -69.35 -60.32 7.25
C ILE G 114 -68.93 -61.04 5.97
N LEU G 115 -69.93 -61.49 5.21
CA LEU G 115 -69.70 -62.17 3.94
C LEU G 115 -69.74 -61.13 2.83
N VAL G 116 -68.65 -61.04 2.08
CA VAL G 116 -68.52 -60.06 1.01
C VAL G 116 -68.43 -60.81 -0.31
N SER G 117 -69.20 -60.36 -1.29
CA SER G 117 -69.19 -60.95 -2.62
C SER G 117 -68.79 -59.89 -3.63
N VAL G 118 -68.11 -60.34 -4.69
CA VAL G 118 -67.69 -59.47 -5.79
C VAL G 118 -68.25 -60.01 -7.09
N SER G 119 -68.91 -59.14 -7.86
CA SER G 119 -69.52 -59.50 -9.13
C SER G 119 -68.71 -58.88 -10.26
N SER G 120 -68.33 -59.69 -11.25
CA SER G 120 -67.56 -59.20 -12.40
C SER G 120 -68.36 -59.34 -13.69
N GLN H 1 -44.70 -72.33 4.29
CA GLN H 1 -45.44 -72.56 5.54
C GLN H 1 -45.73 -74.04 5.74
N PRO H 2 -45.09 -74.66 6.75
CA PRO H 2 -45.40 -76.06 7.05
C PRO H 2 -46.87 -76.23 7.39
N VAL H 3 -47.61 -76.92 6.52
CA VAL H 3 -49.05 -77.03 6.69
C VAL H 3 -49.37 -78.01 7.81
N LEU H 4 -50.35 -77.65 8.64
CA LEU H 4 -50.79 -78.53 9.71
C LEU H 4 -51.67 -79.63 9.11
N THR H 5 -51.29 -80.87 9.32
CA THR H 5 -51.92 -82.03 8.68
C THR H 5 -52.91 -82.71 9.62
N GLN H 6 -54.14 -82.92 9.14
CA GLN H 6 -55.18 -83.62 9.88
C GLN H 6 -55.71 -84.80 9.06
N PRO H 7 -56.13 -85.87 9.72
CA PRO H 7 -56.79 -86.96 9.00
C PRO H 7 -58.14 -86.51 8.46
N PRO H 8 -58.55 -87.01 7.30
CA PRO H 8 -59.71 -86.43 6.60
C PRO H 8 -61.08 -86.79 7.19
N SER H 9 -61.28 -88.03 7.61
CA SER H 9 -62.61 -88.51 7.98
C SER H 9 -62.59 -89.05 9.41
N ALA H 10 -63.45 -88.49 10.26
CA ALA H 10 -63.64 -88.96 11.62
C ALA H 10 -65.11 -89.26 11.88
N SER H 11 -65.38 -90.45 12.43
CA SER H 11 -66.75 -90.89 12.71
C SER H 11 -66.79 -91.55 14.08
N GLY H 12 -67.99 -91.72 14.61
CA GLY H 12 -68.19 -92.36 15.90
C GLY H 12 -69.59 -92.20 16.45
N THR H 13 -70.02 -93.14 17.29
CA THR H 13 -71.34 -93.08 17.89
C THR H 13 -71.33 -92.09 19.06
N PRO H 14 -72.51 -91.60 19.48
CA PRO H 14 -72.55 -90.66 20.60
C PRO H 14 -71.95 -91.24 21.87
N GLY H 15 -71.24 -90.39 22.61
CA GLY H 15 -70.59 -90.79 23.84
C GLY H 15 -69.15 -91.26 23.68
N GLN H 16 -68.70 -91.51 22.45
CA GLN H 16 -67.34 -91.96 22.21
C GLN H 16 -66.36 -90.78 22.16
N ARG H 17 -65.08 -91.12 22.28
CA ARG H 17 -64.01 -90.13 22.24
C ARG H 17 -63.23 -90.30 20.94
N VAL H 18 -63.00 -89.20 20.23
CA VAL H 18 -62.32 -89.22 18.95
C VAL H 18 -61.24 -88.13 18.95
N SER H 19 -60.01 -88.51 18.59
CA SER H 19 -58.90 -87.59 18.53
C SER H 19 -58.55 -87.24 17.08
N ILE H 20 -58.02 -86.03 16.92
CA ILE H 20 -57.65 -85.47 15.62
C ILE H 20 -56.16 -85.16 15.64
N SER H 21 -55.45 -85.56 14.58
CA SER H 21 -54.03 -85.27 14.48
C SER H 21 -53.81 -83.88 13.89
N CYS H 22 -52.68 -83.27 14.27
CA CYS H 22 -52.33 -81.94 13.79
C CYS H 22 -50.81 -81.81 13.88
N SER H 23 -50.13 -82.00 12.74
CA SER H 23 -48.67 -82.02 12.71
C SER H 23 -48.12 -80.69 12.18
N GLY H 24 -47.13 -80.16 12.89
CA GLY H 24 -46.47 -78.93 12.47
C GLY H 24 -44.96 -79.08 12.50
N SER H 25 -44.24 -77.98 12.47
CA SER H 25 -42.78 -77.98 12.51
C SER H 25 -42.30 -77.32 13.80
N ARG H 26 -40.98 -77.27 13.97
CA ARG H 26 -40.42 -76.64 15.17
C ARG H 26 -40.72 -75.15 15.21
N SER H 27 -40.85 -74.52 14.04
CA SER H 27 -41.00 -73.08 13.97
C SER H 27 -42.37 -72.62 14.50
N ASN H 28 -43.39 -73.49 14.45
CA ASN H 28 -44.75 -73.08 14.79
C ASN H 28 -45.24 -73.73 16.08
N LEU H 29 -45.25 -75.06 16.17
CA LEU H 29 -45.71 -75.70 17.39
C LEU H 29 -44.61 -75.85 18.42
N GLY H 30 -43.34 -75.89 17.99
CA GLY H 30 -42.24 -76.04 18.91
C GLY H 30 -41.90 -74.80 19.71
N LYS H 31 -42.45 -73.65 19.35
CA LYS H 31 -42.16 -72.41 20.07
C LYS H 31 -43.38 -71.56 20.39
N ASN H 32 -44.53 -71.80 19.78
CA ASN H 32 -45.69 -70.94 19.91
C ASN H 32 -46.90 -71.73 20.46
N THR H 33 -48.01 -71.02 20.60
CA THR H 33 -49.25 -71.56 21.16
C THR H 33 -50.13 -72.19 20.08
N VAL H 34 -51.08 -73.01 20.54
CA VAL H 34 -52.00 -73.74 19.68
C VAL H 34 -53.42 -73.46 20.16
N ASN H 35 -54.30 -73.11 19.22
CA ASN H 35 -55.71 -72.87 19.52
C ASN H 35 -56.57 -73.79 18.66
N TRP H 36 -57.72 -74.18 19.21
CA TRP H 36 -58.69 -75.00 18.51
C TRP H 36 -60.01 -74.25 18.38
N TYR H 37 -60.74 -74.54 17.30
CA TYR H 37 -61.99 -73.86 17.04
C TYR H 37 -63.01 -74.82 16.43
N GLN H 38 -64.28 -74.62 16.75
CA GLN H 38 -65.37 -75.39 16.19
C GLN H 38 -66.17 -74.54 15.22
N GLN H 39 -66.19 -74.94 13.95
CA GLN H 39 -66.87 -74.20 12.90
C GLN H 39 -68.31 -74.65 12.82
N LEU H 40 -69.24 -73.71 13.00
CA LEU H 40 -70.66 -73.92 12.77
C LEU H 40 -71.08 -73.22 11.49
N PRO H 41 -71.89 -73.85 10.65
CA PRO H 41 -72.20 -73.26 9.34
C PRO H 41 -72.95 -71.94 9.48
N GLY H 42 -72.65 -71.03 8.55
CA GLY H 42 -73.28 -69.73 8.48
C GLY H 42 -72.89 -68.72 9.54
N THR H 43 -71.94 -69.05 10.43
CA THR H 43 -71.55 -68.12 11.49
C THR H 43 -70.03 -68.15 11.65
N ALA H 44 -69.53 -67.20 12.45
CA ALA H 44 -68.11 -67.09 12.73
C ALA H 44 -67.70 -68.09 13.82
N PRO H 45 -66.51 -68.68 13.71
CA PRO H 45 -66.06 -69.62 14.73
C PRO H 45 -65.81 -68.95 16.08
N LYS H 46 -66.18 -69.67 17.15
CA LYS H 46 -66.03 -69.22 18.52
C LYS H 46 -64.93 -70.00 19.23
N LEU H 47 -64.10 -69.29 19.99
CA LEU H 47 -63.03 -69.92 20.75
C LEU H 47 -63.60 -70.74 21.90
N LEU H 48 -63.27 -72.04 21.94
CA LEU H 48 -63.60 -72.88 23.09
C LEU H 48 -62.43 -73.01 24.05
N ILE H 49 -61.28 -73.50 23.58
CA ILE H 49 -60.13 -73.78 24.42
C ILE H 49 -58.97 -72.95 23.91
N TYR H 50 -58.33 -72.21 24.82
CA TYR H 50 -57.15 -71.43 24.48
C TYR H 50 -56.06 -71.65 25.52
N ASN H 51 -54.81 -71.60 25.04
CA ASN H 51 -53.64 -71.46 25.90
C ASN H 51 -53.56 -72.57 26.95
N HIS H 52 -53.51 -73.82 26.47
CA HIS H 52 -53.23 -74.99 27.29
C HIS H 52 -54.28 -75.17 28.38
N SER H 53 -55.51 -75.47 27.94
CA SER H 53 -56.60 -75.98 28.77
C SER H 53 -57.20 -74.94 29.71
N ARG H 54 -57.08 -73.66 29.38
CA ARG H 54 -57.85 -72.62 30.07
C ARG H 54 -59.17 -72.41 29.33
N ARG H 55 -60.24 -72.18 30.08
CA ARG H 55 -61.55 -71.96 29.48
C ARG H 55 -62.21 -70.76 30.13
N PRO H 56 -62.63 -69.76 29.36
CA PRO H 56 -63.34 -68.62 29.94
C PRO H 56 -64.72 -69.02 30.45
N SER H 57 -65.30 -68.14 31.25
CA SER H 57 -66.61 -68.40 31.84
C SER H 57 -67.65 -68.61 30.74
N GLY H 58 -68.28 -69.79 30.75
CA GLY H 58 -69.22 -70.18 29.72
C GLY H 58 -68.78 -71.37 28.90
N VAL H 59 -67.48 -71.61 28.81
CA VAL H 59 -66.97 -72.77 28.08
C VAL H 59 -67.06 -74.00 28.99
N PRO H 60 -67.78 -75.05 28.57
CA PRO H 60 -68.02 -76.18 29.47
C PRO H 60 -66.76 -76.95 29.79
N GLU H 61 -66.90 -77.87 30.75
CA GLU H 61 -65.83 -78.76 31.20
C GLU H 61 -65.69 -80.00 30.33
N ARG H 62 -66.67 -80.28 29.47
CA ARG H 62 -66.65 -81.49 28.67
C ARG H 62 -65.57 -81.44 27.58
N PHE H 63 -65.16 -80.25 27.15
CA PHE H 63 -64.13 -80.10 26.13
C PHE H 63 -62.77 -80.00 26.79
N SER H 64 -61.75 -80.56 26.14
CA SER H 64 -60.40 -80.52 26.67
C SER H 64 -59.37 -80.69 25.56
N GLY H 65 -58.30 -79.89 25.64
CA GLY H 65 -57.20 -79.96 24.71
C GLY H 65 -55.91 -80.40 25.40
N SER H 66 -54.89 -80.59 24.58
CA SER H 66 -53.58 -81.00 25.07
C SER H 66 -52.56 -80.82 23.95
N LYS H 67 -51.37 -80.32 24.31
CA LYS H 67 -50.30 -80.08 23.35
C LYS H 67 -49.04 -80.80 23.79
N SER H 68 -48.23 -81.19 22.81
CA SER H 68 -46.94 -81.84 23.02
C SER H 68 -45.85 -80.97 22.40
N GLY H 69 -44.64 -81.54 22.32
CA GLY H 69 -43.50 -80.86 21.73
C GLY H 69 -43.80 -80.23 20.39
N THR H 70 -44.24 -81.04 19.43
CA THR H 70 -44.58 -80.56 18.10
C THR H 70 -45.96 -81.02 17.65
N SER H 71 -46.79 -81.51 18.56
CA SER H 71 -48.09 -82.05 18.19
C SER H 71 -49.14 -81.56 19.18
N ALA H 72 -50.35 -81.34 18.67
CA ALA H 72 -51.47 -80.85 19.46
C ALA H 72 -52.67 -81.78 19.27
N SER H 73 -53.47 -81.93 20.33
CA SER H 73 -54.63 -82.79 20.31
C SER H 73 -55.81 -82.07 20.98
N LEU H 74 -57.01 -82.37 20.51
CA LEU H 74 -58.23 -81.86 21.12
C LEU H 74 -59.15 -83.04 21.37
N ALA H 75 -59.54 -83.23 22.63
CA ALA H 75 -60.38 -84.36 23.02
C ALA H 75 -61.77 -83.87 23.38
N ILE H 76 -62.77 -84.48 22.75
CA ILE H 76 -64.18 -84.21 23.04
C ILE H 76 -64.74 -85.48 23.65
N SER H 77 -64.85 -85.50 24.98
CA SER H 77 -65.50 -86.61 25.64
C SER H 77 -67.01 -86.43 25.56
N GLY H 78 -67.72 -87.55 25.42
CA GLY H 78 -69.16 -87.52 25.26
C GLY H 78 -69.61 -86.80 24.00
N LEU H 79 -69.29 -87.38 22.84
CA LEU H 79 -69.71 -86.83 21.57
C LEU H 79 -71.24 -86.83 21.48
N GLN H 80 -71.78 -85.81 20.82
CA GLN H 80 -73.22 -85.67 20.64
C GLN H 80 -73.50 -85.41 19.16
N SER H 81 -74.74 -85.71 18.75
CA SER H 81 -75.15 -85.42 17.39
C SER H 81 -75.02 -83.95 17.06
N GLU H 82 -75.04 -83.08 18.08
CA GLU H 82 -74.83 -81.64 17.90
C GLU H 82 -73.35 -81.29 17.76
N ASP H 83 -72.45 -82.24 18.01
CA ASP H 83 -71.01 -82.01 17.93
C ASP H 83 -70.44 -82.38 16.57
N GLU H 84 -71.27 -82.77 15.62
CA GLU H 84 -70.83 -83.13 14.29
C GLU H 84 -70.49 -81.84 13.54
N ALA H 85 -69.20 -81.55 13.38
CA ALA H 85 -68.78 -80.36 12.66
C ALA H 85 -67.32 -80.52 12.24
N ASP H 86 -66.81 -79.50 11.55
CA ASP H 86 -65.41 -79.43 11.21
C ASP H 86 -64.64 -78.78 12.35
N TYR H 87 -63.42 -79.26 12.59
CA TYR H 87 -62.59 -78.76 13.68
C TYR H 87 -61.23 -78.41 13.10
N PHE H 88 -60.72 -77.23 13.44
CA PHE H 88 -59.45 -76.75 12.92
C PHE H 88 -58.48 -76.44 14.05
N CYS H 89 -57.23 -76.80 13.84
CA CYS H 89 -56.12 -76.39 14.69
C CYS H 89 -55.36 -75.27 13.99
N ALA H 90 -55.15 -74.16 14.70
CA ALA H 90 -54.44 -73.02 14.16
C ALA H 90 -53.34 -72.61 15.15
N ALA H 91 -52.18 -72.24 14.61
CA ALA H 91 -51.04 -71.89 15.44
C ALA H 91 -50.20 -70.84 14.74
N TRP H 92 -49.57 -69.99 15.55
CA TRP H 92 -48.67 -68.98 15.01
C TRP H 92 -47.37 -69.64 14.55
N ASP H 93 -46.75 -69.02 13.54
CA ASP H 93 -45.48 -69.47 12.99
C ASP H 93 -44.45 -68.36 13.13
N ASP H 94 -43.20 -68.74 13.42
CA ASP H 94 -42.10 -67.78 13.56
C ASP H 94 -41.24 -67.73 12.31
N SER H 95 -41.87 -67.86 11.14
CA SER H 95 -41.19 -67.76 9.86
C SER H 95 -40.95 -66.30 9.50
N LEU H 96 -40.65 -66.06 8.22
CA LEU H 96 -40.15 -64.76 7.76
C LEU H 96 -40.78 -63.57 8.48
N ASN H 97 -42.12 -63.50 8.49
CA ASN H 97 -42.81 -62.42 9.17
C ASN H 97 -43.75 -62.86 10.27
N GLY H 98 -44.10 -64.15 10.35
CA GLY H 98 -45.02 -64.61 11.36
C GLY H 98 -46.41 -64.90 10.83
N LEU H 99 -46.75 -66.17 10.69
CA LEU H 99 -48.01 -66.56 10.05
C LEU H 99 -48.91 -67.29 11.03
N TYR H 100 -50.21 -67.20 10.78
CA TYR H 100 -51.22 -67.93 11.55
C TYR H 100 -51.78 -68.98 10.59
N VAL H 101 -51.34 -70.23 10.75
CA VAL H 101 -51.69 -71.31 9.83
C VAL H 101 -52.76 -72.18 10.46
N PHE H 102 -53.71 -72.62 9.65
CA PHE H 102 -54.79 -73.49 10.06
C PHE H 102 -54.52 -74.92 9.60
N GLY H 103 -55.24 -75.85 10.20
CA GLY H 103 -55.16 -77.23 9.77
C GLY H 103 -56.04 -77.48 8.56
N THR H 104 -55.94 -78.70 8.03
CA THR H 104 -56.73 -79.05 6.85
C THR H 104 -58.19 -79.25 7.17
N GLY H 105 -58.52 -79.53 8.43
CA GLY H 105 -59.91 -79.71 8.83
C GLY H 105 -60.30 -81.17 8.91
N THR H 106 -61.16 -81.49 9.87
CA THR H 106 -61.60 -82.86 10.12
C THR H 106 -63.11 -82.87 10.31
N LYS H 107 -63.80 -83.68 9.52
CA LYS H 107 -65.25 -83.83 9.60
C LYS H 107 -65.60 -84.87 10.67
N VAL H 108 -66.53 -84.50 11.55
CA VAL H 108 -67.01 -85.38 12.62
C VAL H 108 -68.44 -85.77 12.31
N THR H 109 -68.74 -87.07 12.38
CA THR H 109 -70.01 -87.64 11.99
C THR H 109 -70.44 -88.69 13.00
N VAL H 110 -71.73 -88.70 13.33
CA VAL H 110 -72.30 -89.76 14.17
C VAL H 110 -72.62 -90.96 13.30
N LEU H 111 -72.23 -92.15 13.77
CA LEU H 111 -72.44 -93.39 13.03
C LEU H 111 -73.93 -93.74 12.90
N GLN I 1 85.34 -16.77 43.87
CA GLN I 1 86.19 -17.68 44.64
C GLN I 1 86.06 -19.13 44.18
N VAL I 2 85.27 -19.37 43.13
CA VAL I 2 85.10 -20.73 42.63
C VAL I 2 86.45 -21.33 42.27
N HIS I 3 86.63 -22.60 42.64
CA HIS I 3 87.93 -23.26 42.55
C HIS I 3 87.74 -24.73 42.21
N LEU I 4 88.50 -25.23 41.25
CA LEU I 4 88.47 -26.63 40.85
C LEU I 4 89.79 -27.30 41.18
N GLN I 5 89.73 -28.54 41.65
CA GLN I 5 90.92 -29.28 42.06
C GLN I 5 90.77 -30.75 41.73
N GLU I 6 91.72 -31.28 40.96
CA GLU I 6 91.80 -32.69 40.63
C GLU I 6 92.44 -33.50 41.75
N SER I 7 92.25 -34.82 41.69
CA SER I 7 92.82 -35.73 42.66
C SER I 7 92.78 -37.15 42.10
N GLY I 8 93.92 -37.83 42.12
CA GLY I 8 93.99 -39.17 41.58
C GLY I 8 95.39 -39.64 41.21
N PRO I 9 95.50 -40.93 40.89
CA PRO I 9 96.80 -41.53 40.55
C PRO I 9 97.37 -40.95 39.27
N GLY I 10 98.56 -40.35 39.38
CA GLY I 10 99.23 -39.79 38.21
C GLY I 10 99.84 -40.81 37.26
N LEU I 11 99.82 -42.10 37.62
CA LEU I 11 100.35 -43.16 36.78
C LEU I 11 99.48 -44.39 36.96
N VAL I 12 99.18 -45.07 35.84
CA VAL I 12 98.32 -46.23 35.85
C VAL I 12 98.93 -47.32 34.98
N ARG I 13 98.56 -48.61 35.29
CA ARG I 13 98.89 -49.84 34.60
C ARG I 13 97.89 -50.13 33.48
N PRO I 14 98.33 -50.78 32.41
CA PRO I 14 97.42 -51.08 31.30
C PRO I 14 96.36 -52.09 31.69
N SER I 15 95.24 -52.04 30.96
CA SER I 15 94.09 -52.91 31.14
C SER I 15 93.43 -52.75 32.51
N GLU I 16 93.84 -51.76 33.30
CA GLU I 16 93.32 -51.55 34.63
C GLU I 16 92.23 -50.48 34.61
N THR I 17 91.77 -50.09 35.79
CA THR I 17 90.73 -49.08 35.94
C THR I 17 91.36 -47.72 36.20
N LEU I 18 91.03 -46.75 35.35
CA LEU I 18 91.51 -45.38 35.50
C LEU I 18 90.48 -44.60 36.32
N SER I 19 90.77 -44.41 37.60
CA SER I 19 89.86 -43.74 38.53
C SER I 19 90.35 -42.32 38.81
N LEU I 20 89.45 -41.35 38.71
CA LEU I 20 89.79 -39.94 38.89
C LEU I 20 88.69 -39.23 39.67
N THR I 21 89.11 -38.39 40.61
CA THR I 21 88.21 -37.58 41.41
C THR I 21 88.52 -36.11 41.19
N CYS I 22 87.60 -35.24 41.61
CA CYS I 22 87.75 -33.81 41.43
C CYS I 22 86.98 -33.08 42.52
N THR I 23 87.70 -32.30 43.32
CA THR I 23 87.10 -31.57 44.43
C THR I 23 86.76 -30.16 43.99
N VAL I 24 85.55 -29.72 44.33
CA VAL I 24 85.10 -28.34 44.06
C VAL I 24 85.01 -27.60 45.38
N SER I 25 85.66 -26.45 45.45
CA SER I 25 85.73 -25.67 46.67
C SER I 25 85.15 -24.28 46.44
N ASP I 26 84.54 -23.73 47.49
CA ASP I 26 83.91 -22.41 47.45
C ASP I 26 82.83 -22.32 46.37
N GLY I 27 82.17 -23.42 46.07
CA GLY I 27 81.21 -23.46 44.98
C GLY I 27 80.12 -24.46 45.26
N SER I 28 78.93 -24.19 44.72
CA SER I 28 77.83 -25.14 44.82
C SER I 28 77.99 -26.24 43.77
N ILE I 29 77.76 -27.48 44.19
CA ILE I 29 77.84 -28.61 43.28
C ILE I 29 76.62 -28.73 42.39
N SER I 30 75.53 -28.04 42.72
CA SER I 30 74.31 -28.07 41.91
C SER I 30 74.25 -26.93 40.91
N SER I 31 75.28 -26.09 40.82
CA SER I 31 75.27 -24.89 40.01
C SER I 31 75.97 -25.05 38.66
N TYR I 32 76.44 -26.25 38.33
CA TYR I 32 77.20 -26.46 37.11
C TYR I 32 76.92 -27.86 36.58
N TYR I 33 77.25 -28.06 35.31
CA TYR I 33 77.19 -29.38 34.68
C TYR I 33 78.61 -29.93 34.73
N TRP I 34 78.94 -30.59 35.84
CA TRP I 34 80.32 -31.00 36.08
C TRP I 34 80.75 -32.07 35.09
N SER I 35 81.90 -31.86 34.45
CA SER I 35 82.33 -32.66 33.32
C SER I 35 83.83 -32.93 33.42
N TRP I 36 84.33 -33.74 32.49
CA TRP I 36 85.73 -34.07 32.38
C TRP I 36 86.20 -33.89 30.94
N ILE I 37 87.42 -33.39 30.77
CA ILE I 37 88.01 -33.18 29.46
C ILE I 37 89.39 -33.83 29.46
N ARG I 38 89.85 -34.23 28.27
CA ARG I 38 91.16 -34.84 28.11
C ARG I 38 91.83 -34.29 26.87
N GLN I 39 93.17 -34.28 26.88
CA GLN I 39 93.97 -33.85 25.74
C GLN I 39 95.34 -34.53 25.70
N PRO I 40 95.59 -35.44 24.77
CA PRO I 40 96.97 -35.89 24.53
C PRO I 40 97.78 -34.77 23.93
N PRO I 41 99.03 -34.59 24.36
CA PRO I 41 99.86 -33.49 23.84
C PRO I 41 100.10 -33.63 22.34
N GLY I 42 99.68 -32.60 21.60
CA GLY I 42 99.78 -32.62 20.16
C GLY I 42 98.43 -32.69 19.49
N LYS I 43 97.53 -33.51 20.04
CA LYS I 43 96.16 -33.60 19.58
C LYS I 43 95.29 -32.57 20.29
N GLY I 44 94.00 -32.54 19.93
CA GLY I 44 93.06 -31.61 20.52
C GLY I 44 92.42 -32.14 21.79
N LEU I 45 91.50 -31.34 22.32
CA LEU I 45 90.77 -31.73 23.52
C LEU I 45 89.69 -32.74 23.19
N GLU I 46 89.43 -33.64 24.14
CA GLU I 46 88.39 -34.65 24.01
C GLU I 46 87.52 -34.62 25.27
N TRP I 47 86.28 -34.19 25.09
CA TRP I 47 85.33 -34.15 26.20
C TRP I 47 84.91 -35.56 26.57
N ILE I 48 85.07 -35.91 27.85
CA ILE I 48 84.90 -37.28 28.31
C ILE I 48 83.44 -37.57 28.61
N GLY I 49 82.84 -36.79 29.50
CA GLY I 49 81.46 -36.99 29.86
C GLY I 49 81.03 -36.02 30.93
N SER I 50 79.71 -35.88 31.05
CA SER I 50 79.10 -34.93 31.98
C SER I 50 78.07 -35.64 32.84
N ILE I 51 77.86 -35.13 34.05
CA ILE I 51 76.84 -35.67 34.93
C ILE I 51 76.29 -34.55 35.81
N TYR I 52 74.98 -34.58 36.00
CA TYR I 52 74.24 -33.62 36.80
C TYR I 52 73.93 -34.25 38.15
N TYR I 53 73.70 -33.38 39.16
CA TYR I 53 73.62 -33.85 40.54
C TYR I 53 72.46 -34.81 40.74
N THR I 54 71.40 -34.69 39.93
CA THR I 54 70.33 -35.68 40.00
C THR I 54 70.78 -37.01 39.42
N GLY I 55 71.75 -36.98 38.52
CA GLY I 55 72.24 -38.23 37.95
C GLY I 55 72.15 -38.29 36.43
N SER I 56 71.77 -37.18 35.79
CA SER I 56 71.68 -37.16 34.34
C SER I 56 73.04 -37.44 33.73
N THR I 57 73.17 -38.60 33.09
CA THR I 57 74.45 -39.10 32.62
C THR I 57 74.55 -38.93 31.11
N ASN I 58 75.67 -38.38 30.65
CA ASN I 58 75.93 -38.20 29.22
C ASN I 58 77.41 -38.46 28.97
N TYR I 59 77.70 -39.37 28.05
CA TYR I 59 79.06 -39.78 27.74
C TYR I 59 79.38 -39.50 26.27
N ASN I 60 80.68 -39.41 26.00
CA ASN I 60 81.15 -39.41 24.62
C ASN I 60 80.86 -40.78 24.00
N PRO I 61 80.23 -40.82 22.82
CA PRO I 61 79.94 -42.11 22.19
C PRO I 61 81.17 -42.98 21.96
N SER I 62 82.35 -42.37 21.78
CA SER I 62 83.57 -43.14 21.59
C SER I 62 84.13 -43.71 22.89
N LEU I 63 83.67 -43.24 24.05
CA LEU I 63 84.15 -43.74 25.32
C LEU I 63 83.05 -44.28 26.22
N LYS I 64 81.78 -44.16 25.82
CA LYS I 64 80.68 -44.66 26.64
C LYS I 64 80.76 -46.15 26.92
N SER I 65 81.68 -46.86 26.26
CA SER I 65 81.78 -48.30 26.47
C SER I 65 82.24 -48.65 27.88
N ARG I 66 83.17 -47.86 28.44
CA ARG I 66 83.80 -48.24 29.69
C ARG I 66 84.00 -47.04 30.62
N VAL I 67 83.11 -46.05 30.57
CA VAL I 67 83.19 -44.85 31.40
C VAL I 67 82.08 -44.88 32.44
N THR I 68 82.43 -44.62 33.70
CA THR I 68 81.45 -44.46 34.76
C THR I 68 81.85 -43.25 35.61
N MET I 69 80.93 -42.29 35.74
CA MET I 69 81.16 -41.05 36.47
C MET I 69 80.21 -40.96 37.66
N SER I 70 80.73 -40.50 38.80
CA SER I 70 79.94 -40.33 40.01
C SER I 70 80.19 -38.96 40.60
N VAL I 71 79.19 -38.46 41.33
CA VAL I 71 79.25 -37.13 41.93
C VAL I 71 78.68 -37.22 43.35
N ASP I 72 79.37 -36.61 44.30
CA ASP I 72 78.93 -36.57 45.69
C ASP I 72 78.45 -35.15 45.98
N THR I 73 77.15 -34.98 46.15
CA THR I 73 76.59 -33.67 46.46
C THR I 73 77.01 -33.19 47.84
N SER I 74 77.25 -34.12 48.76
CA SER I 74 77.58 -33.75 50.14
C SER I 74 78.97 -33.11 50.21
N LYS I 75 80.00 -33.84 49.77
CA LYS I 75 81.37 -33.36 49.88
C LYS I 75 81.74 -32.33 48.82
N ASN I 76 80.79 -31.91 47.98
CA ASN I 76 81.06 -30.93 46.92
C ASN I 76 82.07 -31.46 45.92
N GLN I 77 82.00 -32.75 45.64
CA GLN I 77 82.97 -33.42 44.78
C GLN I 77 82.27 -34.30 43.76
N PHE I 78 83.02 -34.64 42.71
CA PHE I 78 82.56 -35.57 41.69
C PHE I 78 83.76 -36.34 41.17
N SER I 79 83.52 -37.61 40.83
CA SER I 79 84.59 -38.55 40.49
C SER I 79 84.41 -39.03 39.06
N LEU I 80 85.34 -39.87 38.62
CA LEU I 80 85.33 -40.40 37.27
C LEU I 80 86.08 -41.73 37.27
N ARG I 81 85.50 -42.74 36.64
CA ARG I 81 86.10 -44.06 36.56
C ARG I 81 86.05 -44.55 35.12
N LEU I 82 87.18 -45.06 34.64
CA LEU I 82 87.33 -45.57 33.27
C LEU I 82 87.92 -46.97 33.34
N ASN I 83 87.12 -47.98 33.05
CA ASN I 83 87.63 -49.35 33.08
C ASN I 83 88.27 -49.70 31.73
N SER I 84 89.18 -50.67 31.77
CA SER I 84 89.84 -51.21 30.58
C SER I 84 90.42 -50.10 29.72
N VAL I 85 91.33 -49.34 30.33
CA VAL I 85 91.99 -48.20 29.69
C VAL I 85 93.10 -48.72 28.79
N THR I 86 93.26 -48.10 27.62
CA THR I 86 94.34 -48.46 26.71
C THR I 86 95.46 -47.44 26.80
N ALA I 87 96.62 -47.81 26.24
CA ALA I 87 97.76 -46.90 26.22
C ALA I 87 97.48 -45.65 25.41
N ALA I 88 96.54 -45.71 24.46
CA ALA I 88 96.19 -44.55 23.65
C ALA I 88 95.45 -43.49 24.44
N ASP I 89 94.92 -43.83 25.62
CA ASP I 89 94.22 -42.88 26.46
C ASP I 89 95.17 -42.05 27.32
N THR I 90 96.46 -42.07 27.01
CA THR I 90 97.46 -41.32 27.78
C THR I 90 97.34 -39.83 27.46
N ALA I 91 96.71 -39.08 28.35
CA ALA I 91 96.47 -37.66 28.15
C ALA I 91 96.58 -36.95 29.50
N MET I 92 96.48 -35.63 29.48
CA MET I 92 96.45 -34.81 30.69
C MET I 92 95.01 -34.38 30.93
N TYR I 93 94.45 -34.82 32.04
CA TYR I 93 93.01 -34.71 32.28
C TYR I 93 92.70 -33.48 33.13
N TYR I 94 91.61 -32.81 32.77
CA TYR I 94 91.11 -31.67 33.52
C TYR I 94 89.65 -31.91 33.84
N CYS I 95 89.24 -31.55 35.04
CA CYS I 95 87.82 -31.47 35.39
C CYS I 95 87.39 -30.02 35.34
N ALA I 96 86.21 -29.77 34.79
CA ALA I 96 85.77 -28.39 34.59
C ALA I 96 84.27 -28.31 34.77
N GLY I 97 83.82 -27.18 35.30
CA GLY I 97 82.40 -26.88 35.37
C GLY I 97 81.96 -26.05 34.19
N LEU I 98 81.40 -26.70 33.18
CA LEU I 98 80.86 -26.03 32.02
C LEU I 98 79.41 -25.68 32.29
N ASP I 99 79.00 -24.46 31.94
CA ASP I 99 77.65 -24.00 32.20
C ASP I 99 76.80 -24.19 30.94
N ARG I 100 76.03 -25.28 30.93
CA ARG I 100 75.10 -25.58 29.84
C ARG I 100 73.97 -24.57 29.76
N TYR I 101 73.74 -23.81 30.83
CA TYR I 101 72.57 -22.95 30.92
C TYR I 101 72.91 -21.48 31.11
N SER I 102 74.20 -21.13 31.20
CA SER I 102 74.65 -19.74 31.23
C SER I 102 73.96 -18.94 32.35
N TRP I 103 73.87 -19.53 33.53
CA TRP I 103 73.17 -18.90 34.65
C TRP I 103 74.12 -18.26 35.65
N ASN I 104 75.43 -18.38 35.47
CA ASN I 104 76.39 -17.93 36.46
C ASN I 104 77.25 -16.81 35.86
N GLU I 105 77.44 -15.75 36.64
CA GLU I 105 78.33 -14.67 36.23
C GLU I 105 79.74 -15.20 36.05
N GLY I 106 80.42 -14.72 35.01
CA GLY I 106 81.75 -15.19 34.68
C GLY I 106 81.77 -16.37 33.74
N GLY I 107 80.69 -17.15 33.70
CA GLY I 107 80.61 -18.29 32.79
C GLY I 107 81.27 -19.55 33.30
N ASP I 108 81.96 -20.25 32.41
CA ASP I 108 82.53 -21.55 32.72
C ASP I 108 83.69 -21.41 33.70
N HIS I 109 84.16 -22.55 34.19
CA HIS I 109 85.31 -22.60 35.09
C HIS I 109 86.06 -23.90 34.84
N TRP I 110 87.39 -23.84 34.96
CA TRP I 110 88.29 -24.93 34.62
C TRP I 110 89.31 -25.15 35.73
N GLY I 111 89.79 -26.38 35.85
CA GLY I 111 90.80 -26.71 36.84
C GLY I 111 92.20 -26.48 36.34
N GLN I 112 93.15 -27.23 36.91
CA GLN I 112 94.56 -27.09 36.57
C GLN I 112 95.13 -28.26 35.78
N GLY I 113 94.58 -29.45 35.93
CA GLY I 113 94.98 -30.59 35.12
C GLY I 113 96.06 -31.43 35.77
N ILE I 114 96.02 -32.73 35.46
CA ILE I 114 97.01 -33.70 35.91
C ILE I 114 97.26 -34.69 34.79
N LEU I 115 98.53 -34.98 34.51
CA LEU I 115 98.92 -35.88 33.44
C LEU I 115 99.07 -37.31 33.94
N VAL I 116 98.36 -38.23 33.29
CA VAL I 116 98.38 -39.64 33.64
C VAL I 116 99.04 -40.40 32.51
N SER I 117 100.01 -41.23 32.86
CA SER I 117 100.75 -42.04 31.90
C SER I 117 100.61 -43.52 32.24
N VAL I 118 100.78 -44.37 31.23
CA VAL I 118 100.71 -45.81 31.40
C VAL I 118 102.06 -46.41 31.00
N SER I 119 102.61 -47.24 31.87
CA SER I 119 103.92 -47.86 31.67
C SER I 119 103.75 -49.33 31.34
N SER I 120 104.38 -49.77 30.25
CA SER I 120 104.32 -51.16 29.82
C SER I 120 105.71 -51.82 29.87
N GLN J 1 79.47 -38.38 14.47
CA GLN J 1 79.40 -37.00 14.93
C GLN J 1 80.17 -36.07 13.98
N PRO J 2 79.44 -35.22 13.26
CA PRO J 2 80.07 -34.26 12.35
C PRO J 2 81.03 -33.32 13.07
N VAL J 3 82.31 -33.43 12.73
CA VAL J 3 83.34 -32.64 13.39
C VAL J 3 83.25 -31.19 12.94
N LEU J 4 83.46 -30.27 13.88
CA LEU J 4 83.41 -28.85 13.57
C LEU J 4 84.69 -28.45 12.83
N THR J 5 84.52 -27.82 11.67
CA THR J 5 85.62 -27.54 10.75
C THR J 5 86.13 -26.11 10.96
N GLN J 6 87.44 -25.98 11.17
CA GLN J 6 88.14 -24.72 11.31
C GLN J 6 89.29 -24.65 10.31
N PRO J 7 89.65 -23.45 9.85
CA PRO J 7 90.82 -23.31 8.98
C PRO J 7 92.10 -23.65 9.74
N PRO J 8 93.06 -24.30 9.08
CA PRO J 8 94.21 -24.86 9.80
C PRO J 8 95.28 -23.84 10.19
N SER J 9 95.59 -22.89 9.31
CA SER J 9 96.74 -22.02 9.47
C SER J 9 96.32 -20.56 9.40
N ALA J 10 96.65 -19.81 10.45
CA ALA J 10 96.43 -18.36 10.49
C ALA J 10 97.76 -17.68 10.76
N SER J 11 98.07 -16.66 9.98
CA SER J 11 99.34 -15.95 10.11
C SER J 11 99.10 -14.44 10.03
N GLY J 12 100.10 -13.68 10.48
CA GLY J 12 100.01 -12.24 10.46
C GLY J 12 101.11 -11.57 11.30
N THR J 13 101.46 -10.33 10.94
CA THR J 13 102.47 -9.60 11.70
C THR J 13 101.84 -8.98 12.95
N PRO J 14 102.66 -8.61 13.94
CA PRO J 14 102.11 -8.00 15.16
C PRO J 14 101.32 -6.74 14.87
N GLY J 15 100.22 -6.56 15.60
CA GLY J 15 99.34 -5.43 15.42
C GLY J 15 98.21 -5.68 14.43
N GLN J 16 98.27 -6.76 13.67
CA GLN J 16 97.26 -7.11 12.68
C GLN J 16 96.09 -7.82 13.32
N ARG J 17 94.99 -7.90 12.57
CA ARG J 17 93.79 -8.59 12.99
C ARG J 17 93.65 -9.88 12.20
N VAL J 18 93.37 -10.97 12.90
CA VAL J 18 93.22 -12.29 12.30
C VAL J 18 91.91 -12.88 12.81
N SER J 19 91.06 -13.31 11.88
CA SER J 19 89.77 -13.89 12.20
C SER J 19 89.83 -15.41 12.03
N ILE J 20 89.06 -16.11 12.85
CA ILE J 20 89.03 -17.57 12.85
C ILE J 20 87.62 -18.01 12.50
N SER J 21 87.50 -18.91 11.54
CA SER J 21 86.20 -19.45 11.14
C SER J 21 85.83 -20.64 12.01
N CYS J 22 84.52 -20.86 12.15
CA CYS J 22 84.03 -22.02 12.89
C CYS J 22 82.65 -22.33 12.32
N SER J 23 82.60 -23.31 11.41
CA SER J 23 81.40 -23.66 10.68
C SER J 23 80.77 -24.92 11.28
N GLY J 24 79.48 -24.87 11.54
CA GLY J 24 78.80 -26.03 12.09
C GLY J 24 77.52 -26.39 11.37
N SER J 25 76.71 -27.25 12.00
CA SER J 25 75.45 -27.73 11.47
C SER J 25 74.30 -27.28 12.37
N ARG J 26 73.08 -27.66 11.99
CA ARG J 26 71.89 -27.30 12.74
C ARG J 26 71.87 -27.92 14.13
N SER J 27 72.45 -29.11 14.29
CA SER J 27 72.30 -29.84 15.54
C SER J 27 73.07 -29.20 16.69
N ASN J 28 74.17 -28.51 16.42
CA ASN J 28 75.06 -28.04 17.48
C ASN J 28 75.11 -26.52 17.63
N LEU J 29 75.53 -25.78 16.59
CA LEU J 29 75.67 -24.34 16.72
C LEU J 29 74.37 -23.57 16.49
N GLY J 30 73.42 -24.15 15.78
CA GLY J 30 72.17 -23.47 15.50
C GLY J 30 71.25 -23.35 16.70
N LYS J 31 71.58 -23.99 17.81
CA LYS J 31 70.71 -23.99 18.98
C LYS J 31 71.40 -23.69 20.30
N ASN J 32 72.73 -23.73 20.37
CA ASN J 32 73.43 -23.63 21.65
C ASN J 32 74.36 -22.42 21.65
N THR J 33 75.05 -22.24 22.77
CA THR J 33 75.99 -21.15 22.93
C THR J 33 77.37 -21.58 22.43
N VAL J 34 78.22 -20.59 22.14
CA VAL J 34 79.54 -20.82 21.57
C VAL J 34 80.59 -20.14 22.42
N ASN J 35 81.63 -20.90 22.79
CA ASN J 35 82.75 -20.41 23.56
C ASN J 35 84.05 -20.67 22.81
N TRP J 36 85.03 -19.81 23.01
CA TRP J 36 86.35 -19.97 22.44
C TRP J 36 87.39 -20.12 23.54
N TYR J 37 88.46 -20.83 23.22
CA TYR J 37 89.56 -21.05 24.15
C TYR J 37 90.86 -20.95 23.38
N GLN J 38 91.89 -20.44 24.05
CA GLN J 38 93.22 -20.32 23.49
C GLN J 38 94.12 -21.35 24.16
N GLN J 39 94.60 -22.31 23.38
CA GLN J 39 95.36 -23.44 23.90
C GLN J 39 96.84 -23.09 23.98
N LEU J 40 97.41 -23.21 25.18
CA LEU J 40 98.83 -23.12 25.43
C LEU J 40 99.38 -24.51 25.69
N PRO J 41 100.53 -24.86 25.12
CA PRO J 41 101.04 -26.23 25.27
C PRO J 41 101.36 -26.55 26.72
N GLY J 42 101.12 -27.79 27.11
CA GLY J 42 101.38 -28.24 28.45
C GLY J 42 100.45 -27.71 29.52
N THR J 43 99.41 -26.95 29.15
CA THR J 43 98.49 -26.38 30.12
C THR J 43 97.06 -26.51 29.62
N ALA J 44 96.12 -26.22 30.53
CA ALA J 44 94.69 -26.22 30.24
C ALA J 44 94.28 -24.92 29.55
N PRO J 45 93.37 -24.97 28.58
CA PRO J 45 92.90 -23.74 27.96
C PRO J 45 92.11 -22.87 28.94
N LYS J 46 92.31 -21.57 28.84
CA LYS J 46 91.64 -20.59 29.69
C LYS J 46 90.58 -19.84 28.90
N LEU J 47 89.42 -19.64 29.52
CA LEU J 47 88.30 -18.99 28.85
C LEU J 47 88.62 -17.52 28.60
N LEU J 48 88.57 -17.11 27.33
CA LEU J 48 88.65 -15.71 26.94
C LEU J 48 87.26 -15.10 26.73
N ILE J 49 86.48 -15.67 25.80
CA ILE J 49 85.17 -15.15 25.44
C ILE J 49 84.13 -16.25 25.60
N TYR J 50 83.06 -15.94 26.32
CA TYR J 50 81.92 -16.83 26.48
C TYR J 50 80.65 -16.02 26.26
N ASN J 51 79.63 -16.69 25.73
CA ASN J 51 78.27 -16.15 25.69
C ASN J 51 78.22 -14.83 24.93
N HIS J 52 78.67 -14.88 23.68
CA HIS J 52 78.50 -13.78 22.73
C HIS J 52 79.19 -12.51 23.23
N SER J 53 80.52 -12.59 23.29
CA SER J 53 81.40 -11.42 23.48
C SER J 53 81.37 -10.89 24.91
N ARG J 54 81.05 -11.73 25.88
CA ARG J 54 81.23 -11.38 27.28
C ARG J 54 82.61 -11.80 27.74
N ARG J 55 83.21 -10.98 28.59
CA ARG J 55 84.55 -11.25 29.12
C ARG J 55 84.49 -11.04 30.63
N PRO J 56 84.83 -12.04 31.44
CA PRO J 56 84.84 -11.85 32.89
C PRO J 56 85.96 -10.93 33.33
N SER J 57 85.84 -10.43 34.57
CA SER J 57 86.82 -9.52 35.12
C SER J 57 88.19 -10.18 35.16
N GLY J 58 89.16 -9.57 34.49
CA GLY J 58 90.49 -10.14 34.30
C GLY J 58 90.83 -10.43 32.86
N VAL J 59 89.83 -10.65 32.02
CA VAL J 59 90.02 -10.87 30.59
C VAL J 59 90.20 -9.53 29.88
N PRO J 60 91.29 -9.34 29.14
CA PRO J 60 91.58 -8.02 28.56
C PRO J 60 90.53 -7.58 27.56
N GLU J 61 90.63 -6.32 27.14
CA GLU J 61 89.74 -5.67 26.19
C GLU J 61 90.08 -5.95 24.74
N ARG J 62 91.24 -6.52 24.43
CA ARG J 62 91.61 -6.74 23.03
C ARG J 62 90.77 -7.81 22.37
N PHE J 63 90.23 -8.76 23.14
CA PHE J 63 89.48 -9.88 22.58
C PHE J 63 87.99 -9.53 22.46
N SER J 64 87.36 -10.01 21.40
CA SER J 64 85.94 -9.80 21.19
C SER J 64 85.42 -10.89 20.24
N GLY J 65 84.23 -11.40 20.54
CA GLY J 65 83.59 -12.43 19.74
C GLY J 65 82.30 -11.94 19.10
N SER J 66 81.75 -12.83 18.25
CA SER J 66 80.51 -12.59 17.54
C SER J 66 80.05 -13.91 16.94
N LYS J 67 78.74 -14.17 17.00
CA LYS J 67 78.17 -15.41 16.48
C LYS J 67 77.06 -15.08 15.49
N SER J 68 76.87 -16.00 14.53
CA SER J 68 75.81 -15.93 13.54
C SER J 68 74.91 -17.15 13.68
N GLY J 69 73.99 -17.31 12.72
CA GLY J 69 73.06 -18.43 12.71
C GLY J 69 73.69 -19.80 12.93
N THR J 70 74.61 -20.21 12.05
CA THR J 70 75.27 -21.50 12.15
C THR J 70 76.79 -21.39 12.06
N SER J 71 77.35 -20.18 12.19
CA SER J 71 78.77 -19.96 12.05
C SER J 71 79.24 -19.01 13.14
N ALA J 72 80.47 -19.21 13.59
CA ALA J 72 81.05 -18.41 14.66
C ALA J 72 82.36 -17.79 14.19
N SER J 73 82.66 -16.62 14.73
CA SER J 73 83.86 -15.87 14.37
C SER J 73 84.55 -15.38 15.63
N LEU J 74 85.88 -15.30 15.57
CA LEU J 74 86.70 -14.82 16.67
C LEU J 74 87.64 -13.75 16.15
N ALA J 75 87.58 -12.56 16.74
CA ALA J 75 88.39 -11.43 16.32
C ALA J 75 89.47 -11.16 17.37
N ILE J 76 90.72 -11.13 16.94
CA ILE J 76 91.85 -10.77 17.78
C ILE J 76 92.42 -9.47 17.23
N SER J 77 92.04 -8.36 17.84
CA SER J 77 92.60 -7.07 17.46
C SER J 77 93.93 -6.85 18.15
N GLY J 78 94.86 -6.21 17.45
CA GLY J 78 96.19 -5.99 17.98
C GLY J 78 96.97 -7.26 18.24
N LEU J 79 97.34 -7.97 17.18
CA LEU J 79 98.13 -9.19 17.34
C LEU J 79 99.46 -8.84 17.99
N GLN J 80 99.90 -9.70 18.92
CA GLN J 80 101.15 -9.50 19.62
C GLN J 80 101.91 -10.80 19.65
N SER J 81 103.22 -10.70 19.89
CA SER J 81 104.06 -11.89 20.01
C SER J 81 103.61 -12.81 21.14
N GLU J 82 102.92 -12.28 22.16
CA GLU J 82 102.41 -13.11 23.26
C GLU J 82 101.09 -13.82 22.94
N ASP J 83 100.42 -13.48 21.84
CA ASP J 83 99.13 -14.07 21.52
C ASP J 83 99.24 -15.27 20.57
N GLU J 84 100.46 -15.72 20.28
CA GLU J 84 100.66 -16.87 19.39
C GLU J 84 100.29 -18.16 20.10
N ALA J 85 99.15 -18.74 19.73
CA ALA J 85 98.73 -20.02 20.29
C ALA J 85 97.68 -20.63 19.35
N ASP J 86 97.25 -21.84 19.70
CA ASP J 86 96.17 -22.50 19.01
C ASP J 86 94.83 -22.10 19.63
N TYR J 87 93.80 -22.02 18.79
CA TYR J 87 92.48 -21.56 19.23
C TYR J 87 91.43 -22.58 18.82
N PHE J 88 90.54 -22.92 19.75
CA PHE J 88 89.51 -23.92 19.54
C PHE J 88 88.12 -23.34 19.82
N CYS J 89 87.15 -23.68 18.98
CA CYS J 89 85.75 -23.38 19.26
C CYS J 89 85.04 -24.68 19.65
N ALA J 90 84.32 -24.64 20.77
CA ALA J 90 83.57 -25.79 21.26
C ALA J 90 82.15 -25.37 21.56
N ALA J 91 81.19 -26.24 21.21
CA ALA J 91 79.78 -25.93 21.37
C ALA J 91 79.00 -27.21 21.62
N TRP J 92 77.89 -27.07 22.35
CA TRP J 92 77.01 -28.20 22.62
C TRP J 92 76.25 -28.62 21.37
N ASP J 93 75.92 -29.91 21.30
CA ASP J 93 75.14 -30.49 20.21
C ASP J 93 73.89 -31.16 20.78
N ASP J 94 72.79 -31.08 20.03
CA ASP J 94 71.50 -31.63 20.44
C ASP J 94 71.22 -32.98 19.78
N SER J 95 72.25 -33.82 19.62
CA SER J 95 72.04 -35.16 19.08
C SER J 95 71.46 -36.07 20.15
N LEU J 96 71.51 -37.39 19.90
CA LEU J 96 70.78 -38.38 20.68
C LEU J 96 70.70 -38.07 22.18
N ASN J 97 71.85 -37.83 22.81
CA ASN J 97 71.88 -37.54 24.24
C ASN J 97 72.48 -36.17 24.57
N GLY J 98 73.16 -35.51 23.64
CA GLY J 98 73.77 -34.22 23.92
C GLY J 98 75.27 -34.31 24.04
N LEU J 99 75.99 -33.85 23.01
CA LEU J 99 77.43 -34.03 22.91
C LEU J 99 78.14 -32.68 22.90
N TYR J 100 79.39 -32.68 23.34
CA TYR J 100 80.28 -31.52 23.31
C TYR J 100 81.37 -31.77 22.27
N VAL J 101 81.24 -31.11 21.11
CA VAL J 101 82.14 -31.31 19.97
C VAL J 101 83.13 -30.16 19.91
N PHE J 102 84.38 -30.46 19.60
CA PHE J 102 85.43 -29.45 19.46
C PHE J 102 85.73 -29.20 17.99
N GLY J 103 86.39 -28.07 17.73
CA GLY J 103 86.83 -27.74 16.39
C GLY J 103 88.15 -28.40 16.04
N THR J 104 88.55 -28.24 14.77
CA THR J 104 89.79 -28.85 14.30
C THR J 104 91.03 -28.15 14.81
N GLY J 105 90.94 -26.88 15.18
CA GLY J 105 92.09 -26.16 15.71
C GLY J 105 92.81 -25.30 14.68
N THR J 106 93.32 -24.15 15.12
CA THR J 106 93.99 -23.23 14.22
C THR J 106 95.26 -22.71 14.86
N LYS J 107 96.38 -22.86 14.15
CA LYS J 107 97.68 -22.36 14.58
C LYS J 107 97.84 -20.90 14.15
N VAL J 108 98.28 -20.06 15.09
CA VAL J 108 98.52 -18.64 14.84
C VAL J 108 100.03 -18.41 14.87
N THR J 109 100.54 -17.72 13.84
CA THR J 109 101.97 -17.58 13.66
C THR J 109 102.32 -16.17 13.23
N VAL J 110 103.37 -15.63 13.84
CA VAL J 110 103.97 -14.37 13.42
C VAL J 110 105.00 -14.67 12.34
N LEU J 111 105.01 -13.86 11.28
CA LEU J 111 105.93 -14.06 10.17
C LEU J 111 107.38 -13.86 10.61
N GLN K 1 2.21 105.02 -76.26
CA GLN K 1 1.22 105.94 -76.81
C GLN K 1 -0.05 105.99 -75.97
N VAL K 2 -0.06 105.28 -74.82
CA VAL K 2 -1.23 105.25 -73.96
C VAL K 2 -1.63 106.67 -73.58
N HIS K 3 -2.95 106.90 -73.55
CA HIS K 3 -3.52 108.23 -73.39
C HIS K 3 -4.79 108.13 -72.56
N LEU K 4 -4.91 108.98 -71.55
CA LEU K 4 -6.11 109.05 -70.72
C LEU K 4 -6.76 110.42 -70.93
N GLN K 5 -8.08 110.44 -71.01
CA GLN K 5 -8.79 111.67 -71.31
C GLN K 5 -10.12 111.71 -70.57
N GLU K 6 -10.36 112.79 -69.82
CA GLU K 6 -11.64 112.93 -69.13
C GLU K 6 -12.72 113.37 -70.11
N SER K 7 -13.97 113.18 -69.70
CA SER K 7 -15.11 113.56 -70.54
C SER K 7 -16.34 113.60 -69.66
N GLY K 8 -17.09 114.69 -69.72
CA GLY K 8 -18.26 114.84 -68.88
C GLY K 8 -18.72 116.28 -68.75
N PRO K 9 -19.89 116.47 -68.12
CA PRO K 9 -20.44 117.82 -68.00
C PRO K 9 -19.56 118.71 -67.15
N GLY K 10 -19.05 119.79 -67.76
CA GLY K 10 -18.25 120.77 -67.06
C GLY K 10 -19.02 121.72 -66.16
N LEU K 11 -20.35 121.70 -66.23
CA LEU K 11 -21.18 122.56 -65.39
C LEU K 11 -22.45 121.80 -65.03
N VAL K 12 -22.80 121.81 -63.75
CA VAL K 12 -23.96 121.08 -63.25
C VAL K 12 -24.66 121.92 -62.20
N ARG K 13 -25.93 121.61 -61.97
CA ARG K 13 -26.71 122.21 -60.90
C ARG K 13 -26.46 121.45 -59.60
N PRO K 14 -26.53 122.13 -58.45
CA PRO K 14 -26.27 121.46 -57.18
C PRO K 14 -27.34 120.42 -56.88
N SER K 15 -26.99 119.49 -55.97
CA SER K 15 -27.81 118.36 -55.57
C SER K 15 -28.05 117.39 -56.71
N GLU K 16 -27.36 117.55 -57.84
CA GLU K 16 -27.49 116.68 -59.00
C GLU K 16 -26.39 115.61 -58.95
N THR K 17 -26.32 114.81 -60.00
CA THR K 17 -25.31 113.76 -60.10
C THR K 17 -24.14 114.24 -60.96
N LEU K 18 -22.94 114.19 -60.41
CA LEU K 18 -21.73 114.57 -61.13
C LEU K 18 -21.22 113.29 -61.80
N SER K 19 -21.48 113.14 -63.09
CA SER K 19 -21.11 111.94 -63.82
C SER K 19 -19.92 112.22 -64.71
N LEU K 20 -18.92 111.34 -64.63
CA LEU K 20 -17.68 111.49 -65.40
C LEU K 20 -17.23 110.11 -65.87
N THR K 21 -16.84 110.01 -67.13
CA THR K 21 -16.31 108.80 -67.71
C THR K 21 -14.91 109.07 -68.25
N CYS K 22 -14.17 107.99 -68.50
CA CYS K 22 -12.81 108.14 -68.99
C CYS K 22 -12.44 106.88 -69.77
N THR K 23 -12.12 107.05 -71.04
CA THR K 23 -11.81 105.94 -71.93
C THR K 23 -10.29 105.75 -72.01
N VAL K 24 -9.86 104.50 -71.98
CA VAL K 24 -8.45 104.13 -72.10
C VAL K 24 -8.23 103.52 -73.48
N SER K 25 -7.25 104.05 -74.19
CA SER K 25 -6.95 103.65 -75.57
C SER K 25 -5.55 103.07 -75.65
N ASP K 26 -5.37 102.12 -76.57
CA ASP K 26 -4.10 101.41 -76.77
C ASP K 26 -3.62 100.74 -75.49
N GLY K 27 -4.56 100.33 -74.64
CA GLY K 27 -4.23 99.77 -73.35
C GLY K 27 -5.29 98.81 -72.91
N SER K 28 -4.89 97.84 -72.09
CA SER K 28 -5.84 96.94 -71.47
C SER K 28 -6.50 97.62 -70.28
N ILE K 29 -7.83 97.46 -70.17
CA ILE K 29 -8.56 98.02 -69.04
C ILE K 29 -8.31 97.19 -67.78
N SER K 30 -7.72 96.01 -67.93
CA SER K 30 -7.40 95.11 -66.83
C SER K 30 -6.00 95.32 -66.28
N SER K 31 -5.25 96.29 -66.80
CA SER K 31 -3.84 96.45 -66.45
C SER K 31 -3.58 97.52 -65.40
N TYR K 32 -4.61 98.17 -64.84
CA TYR K 32 -4.37 99.24 -63.90
C TYR K 32 -5.49 99.30 -62.87
N TYR K 33 -5.20 99.98 -61.76
CA TYR K 33 -6.18 100.30 -60.72
C TYR K 33 -6.70 101.69 -61.03
N TRP K 34 -7.73 101.75 -61.88
CA TRP K 34 -8.20 103.01 -62.43
C TRP K 34 -8.83 103.85 -61.34
N SER K 35 -8.45 105.12 -61.26
CA SER K 35 -8.83 105.97 -60.13
C SER K 35 -9.23 107.35 -60.62
N TRP K 36 -9.72 108.16 -59.68
CA TRP K 36 -10.11 109.55 -59.92
C TRP K 36 -9.50 110.42 -58.83
N ILE K 37 -9.04 111.61 -59.21
CA ILE K 37 -8.44 112.56 -58.28
C ILE K 37 -9.11 113.91 -58.49
N ARG K 38 -9.13 114.72 -57.44
CA ARG K 38 -9.65 116.08 -57.54
C ARG K 38 -8.73 117.03 -56.79
N GLN K 39 -8.79 118.31 -57.17
CA GLN K 39 -8.02 119.35 -56.51
C GLN K 39 -8.77 120.68 -56.57
N PRO K 40 -9.33 121.14 -55.45
CA PRO K 40 -9.87 122.51 -55.38
C PRO K 40 -8.74 123.52 -55.41
N PRO K 41 -8.91 124.64 -56.11
CA PRO K 41 -7.84 125.64 -56.19
C PRO K 41 -7.54 126.26 -54.84
N GLY K 42 -6.29 126.10 -54.39
CA GLY K 42 -5.84 126.61 -53.11
C GLY K 42 -5.58 125.53 -52.09
N LYS K 43 -6.46 124.54 -52.04
CA LYS K 43 -6.28 123.38 -51.19
C LYS K 43 -5.46 122.32 -51.93
N GLY K 44 -5.23 121.18 -51.28
CA GLY K 44 -4.46 120.12 -51.87
C GLY K 44 -5.33 119.20 -52.72
N LEU K 45 -4.68 118.18 -53.26
CA LEU K 45 -5.37 117.21 -54.09
C LEU K 45 -6.13 116.23 -53.22
N GLU K 46 -7.28 115.77 -53.74
CA GLU K 46 -8.12 114.81 -53.04
C GLU K 46 -8.42 113.64 -53.96
N TRP K 47 -7.89 112.46 -53.61
CA TRP K 47 -8.14 111.25 -54.38
C TRP K 47 -9.58 110.79 -54.18
N ILE K 48 -10.29 110.57 -55.29
CA ILE K 48 -11.74 110.36 -55.25
C ILE K 48 -12.07 108.91 -54.93
N GLY K 49 -11.58 107.98 -55.74
CA GLY K 49 -11.88 106.58 -55.52
C GLY K 49 -11.25 105.73 -56.61
N SER K 50 -11.17 104.43 -56.33
CA SER K 50 -10.55 103.48 -57.23
C SER K 50 -11.48 102.30 -57.48
N ILE K 51 -11.35 101.71 -58.66
CA ILE K 51 -12.10 100.50 -59.00
C ILE K 51 -11.27 99.71 -60.01
N TYR K 52 -11.24 98.39 -59.83
CA TYR K 52 -10.45 97.50 -60.66
C TYR K 52 -11.33 96.78 -61.68
N TYR K 53 -10.69 96.30 -62.76
CA TYR K 53 -11.45 95.81 -63.91
C TYR K 53 -12.30 94.61 -63.56
N THR K 54 -11.89 93.81 -62.58
CA THR K 54 -12.75 92.70 -62.14
C THR K 54 -13.96 93.20 -61.36
N GLY K 55 -13.87 94.39 -60.77
CA GLY K 55 -14.97 94.93 -60.00
C GLY K 55 -14.56 95.30 -58.58
N SER K 56 -13.27 95.21 -58.29
CA SER K 56 -12.77 95.53 -56.95
C SER K 56 -13.07 96.98 -56.62
N THR K 57 -13.90 97.19 -55.61
CA THR K 57 -14.43 98.50 -55.26
C THR K 57 -13.66 99.06 -54.07
N ASN K 58 -13.19 100.30 -54.21
CA ASN K 58 -12.46 100.99 -53.16
C ASN K 58 -12.83 102.47 -53.20
N TYR K 59 -13.22 103.01 -52.06
CA TYR K 59 -13.64 104.41 -51.97
C TYR K 59 -12.72 105.17 -51.03
N ASN K 60 -12.68 106.48 -51.22
CA ASN K 60 -12.05 107.36 -50.25
C ASN K 60 -12.87 107.38 -48.97
N PRO K 61 -12.27 107.12 -47.81
CA PRO K 61 -13.06 107.16 -46.57
C PRO K 61 -13.72 108.50 -46.33
N SER K 62 -13.12 109.60 -46.79
CA SER K 62 -13.73 110.92 -46.67
C SER K 62 -14.80 111.19 -47.72
N LEU K 63 -14.86 110.39 -48.80
CA LEU K 63 -15.83 110.60 -49.87
C LEU K 63 -16.72 109.39 -50.12
N LYS K 64 -16.49 108.28 -49.43
CA LYS K 64 -17.30 107.06 -49.60
C LYS K 64 -18.77 107.28 -49.28
N SER K 65 -19.13 108.45 -48.72
CA SER K 65 -20.52 108.69 -48.35
C SER K 65 -21.43 108.75 -49.57
N ARG K 66 -20.95 109.35 -50.67
CA ARG K 66 -21.82 109.56 -51.81
C ARG K 66 -21.10 109.30 -53.13
N VAL K 67 -20.14 108.37 -53.15
CA VAL K 67 -19.40 108.01 -54.35
C VAL K 67 -19.84 106.62 -54.80
N THR K 68 -20.17 106.50 -56.10
CA THR K 68 -20.42 105.22 -56.73
C THR K 68 -19.72 105.24 -58.08
N MET K 69 -18.82 104.28 -58.29
CA MET K 69 -17.97 104.21 -59.48
C MET K 69 -18.24 102.94 -60.26
N SER K 70 -18.24 103.05 -61.59
CA SER K 70 -18.49 101.90 -62.45
C SER K 70 -17.42 101.82 -63.53
N VAL K 71 -17.19 100.61 -64.02
CA VAL K 71 -16.18 100.33 -65.04
C VAL K 71 -16.76 99.35 -66.05
N ASP K 72 -16.57 99.63 -67.33
CA ASP K 72 -17.03 98.78 -68.42
C ASP K 72 -15.81 98.10 -69.04
N THR K 73 -15.70 96.79 -68.83
CA THR K 73 -14.56 96.04 -69.38
C THR K 73 -14.62 95.96 -70.90
N SER K 74 -15.83 95.95 -71.46
CA SER K 74 -15.96 95.80 -72.91
C SER K 74 -15.48 97.05 -73.64
N LYS K 75 -16.05 98.21 -73.31
CA LYS K 75 -15.76 99.46 -73.99
C LYS K 75 -14.43 100.05 -73.59
N ASN K 76 -13.67 99.40 -72.71
CA ASN K 76 -12.35 99.89 -72.28
C ASN K 76 -12.47 101.24 -71.58
N GLN K 77 -13.55 101.41 -70.81
CA GLN K 77 -13.87 102.68 -70.18
C GLN K 77 -14.26 102.45 -68.73
N PHE K 78 -14.24 103.54 -67.95
CA PHE K 78 -14.72 103.51 -66.57
C PHE K 78 -15.37 104.84 -66.24
N SER K 79 -16.40 104.79 -65.41
CA SER K 79 -17.29 105.91 -65.14
C SER K 79 -17.23 106.30 -63.67
N LEU K 80 -17.99 107.34 -63.32
CA LEU K 80 -18.03 107.88 -61.96
C LEU K 80 -19.35 108.59 -61.74
N ARG K 81 -19.95 108.37 -60.57
CA ARG K 81 -21.20 109.01 -60.19
C ARG K 81 -21.06 109.63 -58.82
N LEU K 82 -21.48 110.89 -58.69
CA LEU K 82 -21.46 111.59 -57.41
C LEU K 82 -22.80 112.27 -57.20
N ASN K 83 -23.62 111.72 -56.31
CA ASN K 83 -24.91 112.33 -56.01
C ASN K 83 -24.76 113.37 -54.90
N SER K 84 -25.74 114.28 -54.86
CA SER K 84 -25.82 115.33 -53.84
C SER K 84 -24.54 116.14 -53.78
N VAL K 85 -24.21 116.76 -54.91
CA VAL K 85 -23.01 117.58 -55.02
C VAL K 85 -23.27 118.95 -54.41
N THR K 86 -22.30 119.47 -53.67
CA THR K 86 -22.39 120.79 -53.06
C THR K 86 -21.53 121.77 -53.84
N ALA K 87 -21.73 123.07 -53.55
CA ALA K 87 -20.94 124.11 -54.20
C ALA K 87 -19.47 124.01 -53.82
N ALA K 88 -19.15 123.40 -52.67
CA ALA K 88 -17.77 123.24 -52.25
C ALA K 88 -17.02 122.20 -53.09
N ASP K 89 -17.74 121.37 -53.84
CA ASP K 89 -17.12 120.35 -54.66
C ASP K 89 -16.62 120.89 -55.99
N THR K 90 -16.53 122.21 -56.15
CA THR K 90 -16.03 122.82 -57.38
C THR K 90 -14.53 122.60 -57.44
N ALA K 91 -14.09 121.61 -58.22
CA ALA K 91 -12.69 121.24 -58.27
C ALA K 91 -12.34 120.82 -59.70
N MET K 92 -11.06 120.50 -59.91
CA MET K 92 -10.55 120.05 -61.18
C MET K 92 -10.35 118.54 -61.13
N TYR K 93 -11.11 117.81 -61.96
CA TYR K 93 -11.16 116.36 -61.91
C TYR K 93 -10.25 115.76 -62.97
N TYR K 94 -9.53 114.70 -62.58
CA TYR K 94 -8.64 113.97 -63.47
C TYR K 94 -8.95 112.48 -63.36
N CYS K 95 -8.89 111.76 -64.49
CA CYS K 95 -8.90 110.30 -64.44
C CYS K 95 -7.49 109.78 -64.60
N ALA K 96 -7.14 108.77 -63.79
CA ALA K 96 -5.79 108.26 -63.80
C ALA K 96 -5.81 106.78 -63.46
N GLY K 97 -4.89 106.04 -64.06
CA GLY K 97 -4.67 104.65 -63.69
C GLY K 97 -3.55 104.58 -62.67
N LEU K 98 -3.91 104.45 -61.39
CA LEU K 98 -2.92 104.38 -60.32
C LEU K 98 -2.45 102.95 -60.14
N ASP K 99 -1.15 102.79 -59.90
CA ASP K 99 -0.52 101.48 -59.75
C ASP K 99 -0.48 101.18 -58.25
N ARG K 100 -1.39 100.31 -57.80
CA ARG K 100 -1.52 100.04 -56.37
C ARG K 100 -0.26 99.40 -55.77
N TYR K 101 0.53 98.73 -56.58
CA TYR K 101 1.72 98.05 -56.09
C TYR K 101 2.99 98.40 -56.85
N SER K 102 2.92 99.31 -57.82
CA SER K 102 4.10 99.80 -58.55
C SER K 102 4.86 98.66 -59.24
N TRP K 103 4.11 97.80 -59.93
CA TRP K 103 4.68 96.64 -60.60
C TRP K 103 4.86 96.85 -62.10
N ASN K 104 4.50 98.01 -62.63
CA ASN K 104 4.45 98.25 -64.07
C ASN K 104 5.48 99.29 -64.47
N GLU K 105 6.17 99.02 -65.58
CA GLU K 105 7.11 99.98 -66.13
C GLU K 105 6.39 101.29 -66.47
N GLY K 106 7.06 102.40 -66.15
CA GLY K 106 6.49 103.72 -66.33
C GLY K 106 5.70 104.22 -65.15
N GLY K 107 5.14 103.33 -64.35
CA GLY K 107 4.42 103.71 -63.15
C GLY K 107 3.02 104.20 -63.41
N ASP K 108 2.60 105.22 -62.68
CA ASP K 108 1.25 105.76 -62.83
C ASP K 108 1.13 106.49 -64.17
N HIS K 109 -0.11 106.86 -64.49
CA HIS K 109 -0.38 107.55 -65.75
C HIS K 109 -1.53 108.51 -65.51
N TRP K 110 -1.47 109.68 -66.17
CA TRP K 110 -2.43 110.74 -65.94
C TRP K 110 -2.97 111.29 -67.25
N GLY K 111 -4.19 111.80 -67.20
CA GLY K 111 -4.85 112.41 -68.34
C GLY K 111 -4.53 113.88 -68.47
N GLN K 112 -5.51 114.62 -69.01
CA GLN K 112 -5.37 116.05 -69.26
C GLN K 112 -6.12 116.92 -68.26
N GLY K 113 -7.16 116.39 -67.64
CA GLY K 113 -7.83 117.12 -66.57
C GLY K 113 -9.00 117.95 -67.09
N ILE K 114 -9.99 118.11 -66.21
CA ILE K 114 -11.16 118.92 -66.50
C ILE K 114 -11.58 119.64 -65.22
N LEU K 115 -11.78 120.95 -65.32
CA LEU K 115 -12.24 121.76 -64.19
C LEU K 115 -13.76 121.83 -64.26
N VAL K 116 -14.43 121.38 -63.21
CA VAL K 116 -15.88 121.31 -63.17
C VAL K 116 -16.40 122.28 -62.14
N SER K 117 -17.38 123.08 -62.52
CA SER K 117 -18.02 124.05 -61.65
C SER K 117 -19.49 123.72 -61.51
N VAL K 118 -20.08 124.10 -60.37
CA VAL K 118 -21.50 123.90 -60.11
C VAL K 118 -22.14 125.25 -59.85
N SER K 119 -23.22 125.54 -60.55
CA SER K 119 -23.92 126.81 -60.45
C SER K 119 -25.26 126.61 -59.75
N SER K 120 -25.50 127.40 -58.70
CA SER K 120 -26.74 127.30 -57.94
C SER K 120 -27.57 128.59 -58.07
N GLN L 1 -5.67 110.03 -38.88
CA GLN L 1 -4.53 110.18 -39.78
C GLN L 1 -3.59 111.26 -39.27
N PRO L 2 -2.40 110.86 -38.84
CA PRO L 2 -1.39 111.84 -38.40
C PRO L 2 -1.06 112.80 -39.53
N VAL L 3 -1.39 114.07 -39.34
CA VAL L 3 -1.23 115.06 -40.41
C VAL L 3 0.25 115.35 -40.61
N LEU L 4 0.66 115.44 -41.86
CA LEU L 4 2.05 115.72 -42.20
C LEU L 4 2.30 117.22 -42.09
N THR L 5 3.29 117.60 -41.29
CA THR L 5 3.61 118.99 -41.07
C THR L 5 4.82 119.35 -41.93
N GLN L 6 4.67 120.36 -42.78
CA GLN L 6 5.76 120.84 -43.63
C GLN L 6 5.93 122.34 -43.45
N PRO L 7 7.13 122.86 -43.60
CA PRO L 7 7.33 124.31 -43.59
C PRO L 7 6.64 124.94 -44.78
N PRO L 8 6.03 126.11 -44.61
CA PRO L 8 5.14 126.64 -45.65
C PRO L 8 5.86 127.24 -46.85
N SER L 9 6.94 127.97 -46.61
CA SER L 9 7.61 128.76 -47.64
C SER L 9 9.08 128.38 -47.69
N ALA L 10 9.55 127.99 -48.87
CA ALA L 10 10.95 127.70 -49.10
C ALA L 10 11.45 128.64 -50.18
N SER L 11 12.60 129.28 -49.93
CA SER L 11 13.12 130.27 -50.85
C SER L 11 14.62 130.05 -51.05
N GLY L 12 15.15 130.71 -52.08
CA GLY L 12 16.56 130.61 -52.41
C GLY L 12 16.87 131.25 -53.75
N THR L 13 18.12 131.69 -53.90
CA THR L 13 18.57 132.34 -55.12
C THR L 13 18.87 131.32 -56.21
N PRO L 14 18.93 131.76 -57.48
CA PRO L 14 19.28 130.83 -58.56
C PRO L 14 20.65 130.22 -58.35
N GLY L 15 20.79 128.95 -58.73
CA GLY L 15 22.03 128.23 -58.57
C GLY L 15 22.16 127.44 -57.29
N GLN L 16 21.29 127.65 -56.32
CA GLN L 16 21.35 126.91 -55.07
C GLN L 16 20.68 125.54 -55.23
N ARG L 17 20.95 124.66 -54.27
CA ARG L 17 20.39 123.33 -54.25
C ARG L 17 19.33 123.29 -53.15
N VAL L 18 18.15 122.79 -53.47
CA VAL L 18 17.03 122.77 -52.53
C VAL L 18 16.43 121.37 -52.51
N SER L 19 16.33 120.80 -51.32
CA SER L 19 15.74 119.50 -51.09
C SER L 19 14.38 119.67 -50.42
N ILE L 20 13.47 118.75 -50.71
CA ILE L 20 12.11 118.80 -50.18
C ILE L 20 11.87 117.55 -49.33
N SER L 21 11.35 117.75 -48.13
CA SER L 21 11.06 116.64 -47.23
C SER L 21 9.67 116.08 -47.48
N CYS L 22 9.50 114.81 -47.16
CA CYS L 22 8.19 114.16 -47.25
C CYS L 22 8.18 113.03 -46.22
N SER L 23 7.59 113.30 -45.06
CA SER L 23 7.55 112.38 -43.94
C SER L 23 6.18 111.73 -43.86
N GLY L 24 6.15 110.41 -43.68
CA GLY L 24 4.89 109.71 -43.58
C GLY L 24 4.80 108.84 -42.34
N SER L 25 3.87 107.90 -42.33
CA SER L 25 3.67 107.00 -41.20
C SER L 25 4.00 105.57 -41.61
N ARG L 26 3.88 104.65 -40.66
CA ARG L 26 4.21 103.26 -40.92
C ARG L 26 3.25 102.63 -41.93
N SER L 27 2.00 103.10 -41.96
CA SER L 27 0.98 102.46 -42.77
C SER L 27 1.19 102.68 -44.28
N ASN L 28 1.87 103.74 -44.68
CA ASN L 28 1.93 104.12 -46.09
C ASN L 28 3.31 103.94 -46.72
N LEU L 29 4.36 104.56 -46.17
CA LEU L 29 5.67 104.49 -46.80
C LEU L 29 6.44 103.22 -46.45
N GLY L 30 6.10 102.57 -45.33
CA GLY L 30 6.83 101.39 -44.92
C GLY L 30 6.56 100.16 -45.76
N LYS L 31 5.57 100.20 -46.65
CA LYS L 31 5.24 99.05 -47.48
C LYS L 31 5.02 99.36 -48.95
N ASN L 32 4.87 100.63 -49.32
CA ASN L 32 4.46 101.01 -50.68
C ASN L 32 5.50 101.90 -51.34
N THR L 33 5.18 102.33 -52.56
CA THR L 33 6.01 103.17 -53.41
C THR L 33 5.77 104.65 -53.12
N VAL L 34 6.71 105.48 -53.60
CA VAL L 34 6.68 106.92 -53.39
C VAL L 34 6.80 107.61 -54.75
N ASN L 35 5.89 108.54 -55.02
CA ASN L 35 5.88 109.33 -56.24
C ASN L 35 5.95 110.81 -55.92
N TRP L 36 6.56 111.58 -56.84
CA TRP L 36 6.66 113.03 -56.73
C TRP L 36 5.96 113.67 -57.92
N TYR L 37 5.46 114.89 -57.70
CA TYR L 37 4.73 115.62 -58.73
C TYR L 37 5.09 117.11 -58.66
N GLN L 38 5.11 117.75 -59.83
CA GLN L 38 5.28 119.19 -59.91
C GLN L 38 3.97 119.79 -60.39
N GLN L 39 3.33 120.59 -59.53
CA GLN L 39 2.02 121.17 -59.82
C GLN L 39 2.18 122.51 -60.52
N LEU L 40 1.59 122.63 -61.71
CA LEU L 40 1.44 123.88 -62.43
C LEU L 40 -0.01 124.33 -62.38
N PRO L 41 -0.27 125.62 -62.14
CA PRO L 41 -1.65 126.08 -61.98
C PRO L 41 -2.45 125.92 -63.27
N GLY L 42 -3.75 125.62 -63.08
CA GLY L 42 -4.66 125.44 -64.20
C GLY L 42 -4.50 124.16 -64.98
N THR L 43 -3.61 123.26 -64.58
CA THR L 43 -3.39 122.00 -65.28
C THR L 43 -3.21 120.88 -64.27
N ALA L 44 -3.19 119.66 -64.77
CA ALA L 44 -3.00 118.48 -63.95
C ALA L 44 -1.52 118.31 -63.60
N PRO L 45 -1.21 117.84 -62.39
CA PRO L 45 0.18 117.59 -62.04
C PRO L 45 0.76 116.49 -62.92
N LYS L 46 2.03 116.65 -63.29
CA LYS L 46 2.70 115.72 -64.17
C LYS L 46 3.66 114.84 -63.38
N LEU L 47 3.68 113.56 -63.72
CA LEU L 47 4.51 112.59 -63.02
C LEU L 47 6.00 112.88 -63.28
N LEU L 48 6.74 113.11 -62.21
CA LEU L 48 8.19 113.26 -62.29
C LEU L 48 8.90 111.97 -61.94
N ILE L 49 8.68 111.45 -60.73
CA ILE L 49 9.39 110.29 -60.21
C ILE L 49 8.38 109.24 -59.78
N TYR L 50 8.58 108.01 -60.22
CA TYR L 50 7.80 106.86 -59.75
C TYR L 50 8.76 105.75 -59.39
N ASN L 51 8.39 104.99 -58.36
CA ASN L 51 9.02 103.70 -58.07
C ASN L 51 10.54 103.84 -57.91
N HIS L 52 10.93 104.71 -56.98
CA HIS L 52 12.32 104.83 -56.54
C HIS L 52 13.25 105.20 -57.68
N SER L 53 13.04 106.42 -58.18
CA SER L 53 13.96 107.15 -59.06
C SER L 53 14.00 106.62 -60.49
N ARG L 54 12.98 105.93 -60.97
CA ARG L 54 12.86 105.70 -62.41
C ARG L 54 11.98 106.79 -63.03
N ARG L 55 12.32 107.17 -64.26
CA ARG L 55 11.64 108.24 -64.97
C ARG L 55 11.33 107.79 -66.39
N PRO L 56 10.10 107.96 -66.86
CA PRO L 56 9.79 107.61 -68.25
C PRO L 56 10.54 108.52 -69.21
N SER L 57 10.60 108.08 -70.47
CA SER L 57 11.36 108.78 -71.49
C SER L 57 10.88 110.21 -71.67
N GLY L 58 11.81 111.15 -71.55
CA GLY L 58 11.51 112.58 -71.58
C GLY L 58 11.86 113.31 -70.30
N VAL L 59 11.86 112.61 -69.18
CA VAL L 59 12.27 113.22 -67.91
C VAL L 59 13.79 113.21 -67.85
N PRO L 60 14.44 114.37 -67.67
CA PRO L 60 15.90 114.42 -67.73
C PRO L 60 16.55 113.62 -66.60
N GLU L 61 17.87 113.45 -66.74
CA GLU L 61 18.66 112.73 -65.74
C GLU L 61 19.00 113.59 -64.53
N ARG L 62 18.72 114.89 -64.61
CA ARG L 62 19.06 115.82 -63.53
C ARG L 62 18.25 115.54 -62.26
N PHE L 63 17.09 114.91 -62.39
CA PHE L 63 16.25 114.60 -61.25
C PHE L 63 16.60 113.22 -60.71
N SER L 64 16.49 113.09 -59.38
CA SER L 64 16.76 111.82 -58.72
C SER L 64 16.01 111.81 -57.40
N GLY L 65 15.42 110.66 -57.06
CA GLY L 65 14.69 110.49 -55.83
C GLY L 65 15.38 109.55 -54.86
N SER L 66 14.80 109.47 -53.67
CA SER L 66 15.36 108.64 -52.61
C SER L 66 14.30 108.47 -51.53
N LYS L 67 14.24 107.26 -50.96
CA LYS L 67 13.29 106.95 -49.92
C LYS L 67 14.03 106.43 -48.69
N SER L 68 13.46 106.69 -47.52
CA SER L 68 13.93 106.19 -46.24
C SER L 68 12.80 105.39 -45.59
N GLY L 69 13.01 105.01 -44.33
CA GLY L 69 12.00 104.28 -43.59
C GLY L 69 10.63 104.89 -43.61
N THR L 70 10.50 106.13 -43.11
CA THR L 70 9.21 106.81 -43.05
C THR L 70 9.24 108.22 -43.62
N SER L 71 10.30 108.60 -44.34
CA SER L 71 10.45 109.95 -44.87
C SER L 71 11.00 109.87 -46.29
N ALA L 72 10.58 110.81 -47.13
CA ALA L 72 10.99 110.86 -48.52
C ALA L 72 11.60 112.22 -48.83
N SER L 73 12.58 112.22 -49.73
CA SER L 73 13.30 113.43 -50.09
C SER L 73 13.44 113.52 -51.60
N LEU L 74 13.45 114.76 -52.11
CA LEU L 74 13.65 115.04 -53.51
C LEU L 74 14.75 116.08 -53.65
N ALA L 75 15.77 115.76 -54.44
CA ALA L 75 16.91 116.64 -54.63
C ALA L 75 16.80 117.28 -56.00
N ILE L 76 16.87 118.60 -56.03
CA ILE L 76 16.80 119.37 -57.26
C ILE L 76 18.18 119.97 -57.50
N SER L 77 19.00 119.29 -58.29
CA SER L 77 20.27 119.83 -58.73
C SER L 77 20.06 120.69 -59.96
N GLY L 78 20.83 121.78 -60.06
CA GLY L 78 20.66 122.71 -61.15
C GLY L 78 19.29 123.36 -61.16
N LEU L 79 19.01 124.14 -60.12
CA LEU L 79 17.74 124.85 -60.02
C LEU L 79 17.59 125.84 -61.15
N GLN L 80 16.37 125.99 -61.65
CA GLN L 80 16.06 126.93 -62.73
C GLN L 80 14.83 127.76 -62.37
N SER L 81 14.73 128.94 -62.98
CA SER L 81 13.57 129.81 -62.81
C SER L 81 12.29 129.16 -63.32
N GLU L 82 12.38 128.20 -64.23
CA GLU L 82 11.21 127.49 -64.73
C GLU L 82 10.71 126.45 -63.73
N ASP L 83 11.45 126.22 -62.66
CA ASP L 83 11.10 125.21 -61.67
C ASP L 83 10.30 125.79 -60.51
N GLU L 84 9.93 127.06 -60.57
CA GLU L 84 9.14 127.67 -59.49
C GLU L 84 7.70 127.19 -59.60
N ALA L 85 7.33 126.26 -58.73
CA ALA L 85 5.97 125.72 -58.68
C ALA L 85 5.78 125.03 -57.34
N ASP L 86 4.56 124.53 -57.11
CA ASP L 86 4.26 123.71 -55.96
C ASP L 86 4.59 122.25 -56.25
N TYR L 87 5.04 121.54 -55.22
CA TYR L 87 5.44 120.15 -55.36
C TYR L 87 4.71 119.32 -54.31
N PHE L 88 4.17 118.19 -54.75
CA PHE L 88 3.43 117.28 -53.88
C PHE L 88 4.08 115.91 -53.97
N CYS L 89 4.20 115.25 -52.83
CA CYS L 89 4.61 113.86 -52.77
C CYS L 89 3.39 113.01 -52.46
N ALA L 90 3.19 111.96 -53.26
CA ALA L 90 2.06 111.07 -53.09
C ALA L 90 2.57 109.64 -53.02
N ALA L 91 1.99 108.85 -52.11
CA ALA L 91 2.41 107.49 -51.89
C ALA L 91 1.20 106.67 -51.45
N TRP L 92 1.23 105.38 -51.76
CA TRP L 92 0.15 104.51 -51.35
C TRP L 92 0.17 104.26 -49.85
N ASP L 93 -1.02 104.04 -49.30
CA ASP L 93 -1.19 103.72 -47.89
C ASP L 93 -1.89 102.37 -47.81
N ASP L 94 -1.48 101.56 -46.83
CA ASP L 94 -2.05 100.23 -46.61
C ASP L 94 -3.09 100.26 -45.50
N SER L 95 -3.85 101.35 -45.44
CA SER L 95 -4.94 101.51 -44.49
C SER L 95 -6.15 100.71 -44.95
N LEU L 96 -7.31 101.03 -44.39
CA LEU L 96 -8.53 100.24 -44.43
C LEU L 96 -8.76 99.46 -45.72
N ASN L 97 -8.73 100.15 -46.85
CA ASN L 97 -8.87 99.50 -48.14
C ASN L 97 -7.72 99.74 -49.09
N GLY L 98 -6.83 100.68 -48.79
CA GLY L 98 -5.72 101.03 -49.65
C GLY L 98 -5.98 102.38 -50.29
N LEU L 99 -5.32 103.42 -49.76
CA LEU L 99 -5.58 104.78 -50.16
C LEU L 99 -4.34 105.42 -50.76
N TYR L 100 -4.55 106.40 -51.63
CA TYR L 100 -3.47 107.19 -52.21
C TYR L 100 -3.56 108.60 -51.64
N VAL L 101 -2.66 108.91 -50.71
CA VAL L 101 -2.66 110.18 -49.98
C VAL L 101 -1.57 111.07 -50.55
N PHE L 102 -1.87 112.36 -50.65
CA PHE L 102 -0.94 113.36 -51.15
C PHE L 102 -0.34 114.16 -49.99
N GLY L 103 0.76 114.85 -50.29
CA GLY L 103 1.39 115.70 -49.30
C GLY L 103 0.70 117.04 -49.16
N THR L 104 1.16 117.82 -48.18
CA THR L 104 0.54 119.11 -47.91
C THR L 104 0.93 120.17 -48.94
N GLY L 105 2.08 120.02 -49.57
CA GLY L 105 2.52 121.00 -50.56
C GLY L 105 3.45 122.04 -49.98
N THR L 106 4.45 122.44 -50.77
CA THR L 106 5.45 123.41 -50.34
C THR L 106 5.69 124.41 -51.46
N LYS L 107 5.61 125.69 -51.15
CA LYS L 107 5.91 126.71 -52.14
C LYS L 107 7.42 126.88 -52.26
N VAL L 108 7.93 126.76 -53.47
CA VAL L 108 9.33 126.98 -53.78
C VAL L 108 9.41 128.22 -54.67
N THR L 109 10.25 129.18 -54.28
CA THR L 109 10.30 130.43 -55.02
C THR L 109 11.76 130.87 -55.15
N VAL L 110 12.13 131.26 -56.36
CA VAL L 110 13.42 131.85 -56.66
C VAL L 110 13.34 133.36 -56.45
N LEU L 111 14.37 133.92 -55.83
CA LEU L 111 14.42 135.36 -55.56
C LEU L 111 14.51 136.18 -56.86
#